data_5OGE
#
_entry.id   5OGE
#
_cell.length_a   45.570
_cell.length_b   102.910
_cell.length_c   181.410
_cell.angle_alpha   89.92
_cell.angle_beta   90.12
_cell.angle_gamma   90.06
#
_symmetry.space_group_name_H-M   'P 1'
#
loop_
_entity.id
_entity.type
_entity.pdbx_description
1 polymer 'GDP-mannose transporter 1'
2 non-polymer '(2R)-2,3-dihydroxypropyl (9Z)-octadec-9-enoate'
#
_entity_poly.entity_id   1
_entity_poly.type   'polypeptide(L)'
_entity_poly.pdbx_seq_one_letter_code
;MSELKTGHAGHNPWASVANSGPISILSYCGSSILMTVTNKFVVNLKDFNMNFVMLFVQSLVCTITLIILRILGYAKFRSL
NKTDAKNWFPISFLLVLMIYTSSKALQYLAVPIYTIFKNLTIILIAYGEVLFFGGSVTSMELSSFLLMVLSSVVATWGDQ
QAVAAKAASLAEGAAGAVASFNPGYFWMFTNCITSALFVLIMRKRIKLTNFKDFDTMFYNNVLALPILLLFSFCVEDWSS
VNLTNNFSNDSLTAMIISGVASVGISYCSGWCVRVTSSTTYSMVGALNKLPIALSGLIFFDAPRNFLSILSIFIGFLSGI
IYAVAKQKKQQAQPLRK
;
_entity_poly.pdbx_strand_id   A,B,C,D,E,F,G,H
#
# COMPACT_ATOMS: atom_id res chain seq x y z
N SER A 16 38.11 73.56 13.32
CA SER A 16 37.30 74.51 14.06
C SER A 16 36.15 73.81 14.73
N VAL A 17 35.10 74.58 14.93
CA VAL A 17 33.90 74.10 15.56
C VAL A 17 33.38 72.84 14.89
N ALA A 18 33.05 72.94 13.61
CA ALA A 18 32.49 71.82 12.90
C ALA A 18 33.44 70.96 12.11
N ASN A 19 34.74 71.23 12.18
CA ASN A 19 35.65 70.39 11.44
C ASN A 19 36.24 69.37 12.39
N SER A 20 35.40 68.44 12.82
CA SER A 20 35.81 67.37 13.74
C SER A 20 34.71 66.32 14.09
N GLY A 21 35.15 65.12 14.46
CA GLY A 21 34.31 64.01 14.89
C GLY A 21 33.32 63.41 13.90
N PRO A 22 32.13 63.00 14.40
CA PRO A 22 31.14 62.36 13.53
C PRO A 22 30.45 63.28 12.51
N ILE A 23 30.70 64.60 12.57
CA ILE A 23 30.14 65.59 11.65
C ILE A 23 30.63 65.29 10.23
N SER A 24 31.91 64.89 10.11
CA SER A 24 32.58 64.50 8.86
C SER A 24 31.90 63.28 8.23
N ILE A 25 31.50 62.30 9.06
CA ILE A 25 30.82 61.06 8.65
C ILE A 25 29.45 61.41 8.07
N LEU A 26 28.63 62.20 8.84
CA LEU A 26 27.29 62.66 8.44
C LEU A 26 27.35 63.47 7.14
N SER A 27 28.41 64.30 7.00
CA SER A 27 28.65 65.11 5.81
C SER A 27 29.07 64.24 4.62
N TYR A 28 29.96 63.25 4.85
CA TYR A 28 30.42 62.32 3.81
C TYR A 28 29.25 61.47 3.33
N CYS A 29 28.35 61.10 4.24
CA CYS A 29 27.14 60.33 3.94
C CYS A 29 26.18 61.12 3.06
N GLY A 30 25.85 62.35 3.50
CA GLY A 30 24.97 63.26 2.78
C GLY A 30 25.45 63.60 1.39
N SER A 31 26.77 63.84 1.25
CA SER A 31 27.41 64.15 -0.03
C SER A 31 27.40 62.92 -0.97
N SER A 32 27.45 61.71 -0.39
CA SER A 32 27.41 60.44 -1.13
C SER A 32 25.99 60.21 -1.63
N ILE A 33 24.97 60.55 -0.80
CA ILE A 33 23.53 60.45 -1.11
C ILE A 33 23.20 61.39 -2.28
N LEU A 34 23.63 62.67 -2.17
CA LEU A 34 23.42 63.71 -3.19
C LEU A 34 24.04 63.30 -4.53
N MET A 35 25.24 62.70 -4.51
CA MET A 35 25.96 62.24 -5.70
C MET A 35 25.26 61.06 -6.36
N THR A 36 24.64 60.17 -5.55
CA THR A 36 23.91 59.00 -6.06
C THR A 36 22.60 59.40 -6.72
N VAL A 37 21.81 60.30 -6.08
CA VAL A 37 20.54 60.78 -6.63
C VAL A 37 20.74 61.64 -7.88
N THR A 38 21.85 62.41 -7.95
CA THR A 38 22.16 63.24 -9.11
C THR A 38 22.50 62.34 -10.30
N ASN A 39 23.34 61.32 -10.09
CA ASN A 39 23.76 60.38 -11.13
C ASN A 39 22.64 59.49 -11.69
N LYS A 40 21.56 59.25 -10.91
CA LYS A 40 20.47 58.40 -11.39
C LYS A 40 19.15 59.15 -11.69
N PHE A 41 19.02 60.42 -11.23
CA PHE A 41 17.80 61.21 -11.49
C PHE A 41 18.07 62.45 -12.35
N VAL A 42 19.08 63.26 -11.97
CA VAL A 42 19.42 64.50 -12.69
C VAL A 42 20.20 64.23 -13.97
N VAL A 43 21.42 63.66 -13.84
CA VAL A 43 22.31 63.35 -14.95
C VAL A 43 22.38 61.84 -15.21
N ASN A 44 21.19 61.22 -15.30
CA ASN A 44 21.04 59.79 -15.57
C ASN A 44 21.51 59.41 -16.99
N LEU A 45 21.52 58.09 -17.30
CA LEU A 45 21.96 57.51 -18.58
C LEU A 45 23.40 57.96 -18.89
N LYS A 46 24.25 57.85 -17.85
CA LYS A 46 25.66 58.20 -17.85
C LYS A 46 26.53 56.92 -18.03
N ASP A 47 26.16 56.09 -19.03
CA ASP A 47 26.88 54.86 -19.43
C ASP A 47 27.93 55.34 -20.47
N PHE A 48 28.81 56.23 -19.98
CA PHE A 48 29.87 56.95 -20.69
C PHE A 48 30.94 56.06 -21.28
N ASN A 49 31.43 56.48 -22.46
CA ASN A 49 32.48 55.81 -23.22
C ASN A 49 33.87 56.36 -22.81
N MET A 50 33.91 57.60 -22.28
CA MET A 50 35.13 58.29 -21.84
C MET A 50 35.03 58.72 -20.37
N ASN A 51 35.15 57.74 -19.46
CA ASN A 51 35.05 57.90 -18.00
C ASN A 51 36.14 58.79 -17.37
N PHE A 52 37.41 58.70 -17.83
CA PHE A 52 38.51 59.51 -17.30
C PHE A 52 38.37 61.00 -17.68
N VAL A 53 37.75 61.27 -18.85
CA VAL A 53 37.46 62.62 -19.37
C VAL A 53 36.36 63.22 -18.50
N MET A 54 35.38 62.39 -18.09
CA MET A 54 34.27 62.75 -17.21
C MET A 54 34.80 63.14 -15.82
N LEU A 55 35.79 62.38 -15.32
CA LEU A 55 36.45 62.63 -14.02
C LEU A 55 37.38 63.84 -14.09
N PHE A 56 37.93 64.12 -15.29
CA PHE A 56 38.81 65.27 -15.53
C PHE A 56 38.02 66.57 -15.47
N VAL A 57 36.75 66.55 -15.94
CA VAL A 57 35.83 67.69 -15.91
C VAL A 57 35.34 67.86 -14.46
N GLN A 58 35.11 66.73 -13.75
CA GLN A 58 34.69 66.69 -12.34
C GLN A 58 35.75 67.32 -11.46
N SER A 59 37.03 67.01 -11.74
CA SER A 59 38.19 67.56 -11.01
C SER A 59 38.48 69.02 -11.42
N LEU A 60 38.03 69.45 -12.61
CA LEU A 60 38.18 70.82 -13.10
C LEU A 60 37.19 71.72 -12.35
N VAL A 61 35.93 71.24 -12.20
CA VAL A 61 34.83 71.93 -11.49
C VAL A 61 35.25 72.16 -10.02
N CYS A 62 35.79 71.11 -9.36
CA CYS A 62 36.27 71.17 -7.98
C CYS A 62 37.41 72.16 -7.77
N THR A 63 38.34 72.26 -8.76
CA THR A 63 39.47 73.20 -8.77
C THR A 63 38.96 74.64 -8.97
N ILE A 64 38.06 74.85 -9.98
CA ILE A 64 37.45 76.15 -10.31
C ILE A 64 36.68 76.71 -9.10
N THR A 65 35.92 75.84 -8.39
CA THR A 65 35.16 76.20 -7.20
C THR A 65 36.12 76.67 -6.09
N LEU A 66 37.23 75.92 -5.89
CA LEU A 66 38.26 76.22 -4.89
C LEU A 66 38.95 77.57 -5.11
N ILE A 67 39.25 77.94 -6.39
CA ILE A 67 39.91 79.21 -6.74
C ILE A 67 38.95 80.40 -6.55
N ILE A 68 37.67 80.24 -6.96
CA ILE A 68 36.61 81.25 -6.82
C ILE A 68 36.34 81.50 -5.33
N LEU A 69 36.23 80.43 -4.52
CA LEU A 69 35.99 80.52 -3.09
C LEU A 69 37.18 81.09 -2.30
N ARG A 70 38.43 80.92 -2.80
CA ARG A 70 39.64 81.45 -2.14
C ARG A 70 39.70 82.96 -2.27
N ILE A 71 39.36 83.50 -3.46
CA ILE A 71 39.34 84.93 -3.74
C ILE A 71 38.06 85.60 -3.17
N LEU A 72 37.21 84.81 -2.48
CA LEU A 72 35.97 85.25 -1.84
C LEU A 72 35.87 84.72 -0.38
N GLY A 73 36.60 85.35 0.52
CA GLY A 73 36.64 85.01 1.94
C GLY A 73 37.48 85.97 2.77
N PHE A 77 42.18 79.82 3.23
CA PHE A 77 41.42 78.71 2.66
C PHE A 77 42.33 77.51 2.34
N ARG A 78 43.22 77.67 1.33
CA ARG A 78 44.13 76.63 0.83
C ARG A 78 45.55 77.18 0.55
N SER A 79 46.45 76.33 -0.03
CA SER A 79 47.83 76.70 -0.36
C SER A 79 48.38 76.01 -1.63
N LEU A 80 49.26 76.70 -2.39
CA LEU A 80 49.92 76.20 -3.60
C LEU A 80 51.42 76.01 -3.32
N ASN A 81 52.01 74.84 -3.70
CA ASN A 81 53.43 74.53 -3.44
C ASN A 81 54.10 73.65 -4.51
N LYS A 82 55.38 73.26 -4.26
CA LYS A 82 56.20 72.41 -5.14
C LYS A 82 56.93 71.28 -4.38
N THR A 83 57.09 71.43 -3.04
CA THR A 83 57.68 70.40 -2.17
C THR A 83 56.54 69.41 -1.87
N ASP A 84 55.36 69.96 -1.48
CA ASP A 84 54.13 69.21 -1.18
C ASP A 84 53.57 68.55 -2.43
N ALA A 85 53.77 69.17 -3.61
CA ALA A 85 53.31 68.67 -4.91
C ALA A 85 54.01 67.36 -5.32
N LYS A 86 55.34 67.26 -5.15
CA LYS A 86 56.08 66.05 -5.50
C LYS A 86 55.86 64.91 -4.50
N ASN A 87 55.40 65.24 -3.28
CA ASN A 87 55.06 64.28 -2.23
C ASN A 87 53.59 63.85 -2.34
N TRP A 88 52.73 64.72 -2.91
CA TRP A 88 51.31 64.43 -3.10
C TRP A 88 51.07 63.69 -4.40
N PHE A 89 52.01 63.79 -5.36
CA PHE A 89 51.91 63.12 -6.67
C PHE A 89 51.66 61.61 -6.58
N PRO A 90 52.32 60.81 -5.70
CA PRO A 90 51.99 59.37 -5.61
C PRO A 90 50.55 59.11 -5.15
N ILE A 91 49.99 59.95 -4.24
CA ILE A 91 48.62 59.88 -3.72
C ILE A 91 47.62 60.08 -4.86
N SER A 92 47.85 61.08 -5.70
CA SER A 92 47.03 61.39 -6.88
C SER A 92 47.15 60.29 -7.94
N PHE A 93 48.37 59.72 -8.11
CA PHE A 93 48.60 58.63 -9.04
C PHE A 93 47.87 57.37 -8.58
N LEU A 94 47.95 57.06 -7.26
CA LEU A 94 47.28 55.93 -6.62
C LEU A 94 45.78 56.03 -6.81
N LEU A 95 45.22 57.26 -6.73
CA LEU A 95 43.79 57.57 -6.90
C LEU A 95 43.31 57.19 -8.29
N VAL A 96 44.00 57.68 -9.34
CA VAL A 96 43.65 57.43 -10.75
C VAL A 96 43.82 55.93 -11.09
N LEU A 97 44.88 55.29 -10.54
CA LEU A 97 45.14 53.87 -10.74
C LEU A 97 44.08 53.02 -10.02
N MET A 98 43.62 53.49 -8.85
CA MET A 98 42.58 52.85 -8.04
C MET A 98 41.29 52.76 -8.85
N ILE A 99 40.92 53.87 -9.55
CA ILE A 99 39.75 53.96 -10.43
C ILE A 99 39.94 53.02 -11.63
N TYR A 100 41.15 53.03 -12.24
CA TYR A 100 41.46 52.20 -13.40
C TYR A 100 41.35 50.69 -13.11
N THR A 101 41.90 50.24 -11.97
CA THR A 101 41.85 48.83 -11.56
C THR A 101 40.41 48.43 -11.19
N SER A 102 39.65 49.36 -10.56
CA SER A 102 38.25 49.17 -10.15
C SER A 102 37.34 48.95 -11.36
N SER A 103 37.47 49.83 -12.38
CA SER A 103 36.69 49.77 -13.62
C SER A 103 37.03 48.49 -14.41
N LYS A 104 38.33 48.12 -14.48
CA LYS A 104 38.82 46.91 -15.15
C LYS A 104 38.40 45.63 -14.41
N ALA A 105 38.27 45.69 -13.07
CA ALA A 105 37.82 44.57 -12.25
C ALA A 105 36.33 44.35 -12.49
N LEU A 106 35.54 45.44 -12.46
CA LEU A 106 34.10 45.46 -12.69
C LEU A 106 33.70 45.08 -14.13
N GLN A 107 34.65 45.14 -15.09
CA GLN A 107 34.42 44.75 -16.47
C GLN A 107 34.19 43.24 -16.59
N TYR A 108 34.95 42.46 -15.78
CA TYR A 108 34.88 40.99 -15.73
C TYR A 108 34.12 40.44 -14.52
N LEU A 109 34.19 41.13 -13.37
CA LEU A 109 33.54 40.70 -12.13
C LEU A 109 32.16 41.31 -11.89
N ALA A 110 31.24 40.53 -11.29
CA ALA A 110 29.89 40.95 -10.96
C ALA A 110 29.89 41.91 -9.77
N VAL A 111 28.91 42.84 -9.72
CA VAL A 111 28.76 43.85 -8.66
C VAL A 111 28.72 43.24 -7.23
N PRO A 112 27.90 42.21 -6.89
CA PRO A 112 27.92 41.67 -5.51
C PRO A 112 29.25 41.03 -5.11
N ILE A 113 29.97 40.43 -6.10
CA ILE A 113 31.29 39.81 -5.93
C ILE A 113 32.33 40.91 -5.66
N TYR A 114 32.25 42.01 -6.43
CA TYR A 114 33.13 43.17 -6.29
C TYR A 114 33.01 43.74 -4.87
N THR A 115 31.79 43.77 -4.31
CA THR A 115 31.52 44.28 -2.95
C THR A 115 32.14 43.38 -1.86
N ILE A 116 32.28 42.05 -2.12
CA ILE A 116 32.91 41.13 -1.15
C ILE A 116 34.38 41.53 -0.93
N PHE A 117 35.16 41.62 -2.03
CA PHE A 117 36.56 42.01 -2.00
C PHE A 117 36.75 43.43 -1.53
N LYS A 118 35.80 44.34 -1.87
CA LYS A 118 35.84 45.73 -1.42
C LYS A 118 35.65 45.84 0.09
N ASN A 119 34.89 44.88 0.68
CA ASN A 119 34.68 44.79 2.14
C ASN A 119 35.87 44.12 2.81
N LEU A 120 36.58 43.26 2.07
CA LEU A 120 37.79 42.57 2.50
C LEU A 120 38.97 43.54 2.62
N THR A 121 38.98 44.63 1.81
CA THR A 121 40.02 45.67 1.84
C THR A 121 40.02 46.38 3.18
N ILE A 122 38.81 46.57 3.79
CA ILE A 122 38.62 47.23 5.09
C ILE A 122 39.53 46.57 6.14
N ILE A 123 39.64 45.22 6.11
CA ILE A 123 40.49 44.45 7.02
C ILE A 123 41.98 44.76 6.79
N LEU A 124 42.46 44.78 5.52
CA LEU A 124 43.86 45.11 5.26
C LEU A 124 44.16 46.61 5.44
N ILE A 125 43.12 47.49 5.34
CA ILE A 125 43.26 48.93 5.60
C ILE A 125 43.42 49.07 7.12
N ALA A 126 42.64 48.27 7.89
CA ALA A 126 42.69 48.23 9.35
C ALA A 126 44.02 47.72 9.85
N TYR A 127 44.53 46.61 9.27
CA TYR A 127 45.82 46.04 9.67
C TYR A 127 47.01 46.81 9.09
N GLY A 128 46.75 47.54 8.01
CA GLY A 128 47.73 48.40 7.35
C GLY A 128 47.98 49.66 8.14
N GLU A 129 46.92 50.20 8.78
CA GLU A 129 46.99 51.39 9.64
C GLU A 129 47.81 51.12 10.92
N VAL A 130 47.96 49.83 11.30
CA VAL A 130 48.76 49.39 12.45
C VAL A 130 50.26 49.46 12.03
N LEU A 131 50.54 49.26 10.72
CA LEU A 131 51.87 49.32 10.12
C LEU A 131 52.28 50.74 9.72
N PHE A 132 51.31 51.68 9.70
CA PHE A 132 51.52 53.08 9.33
C PHE A 132 51.43 54.05 10.51
N PHE A 133 50.50 53.80 11.45
CA PHE A 133 50.25 54.69 12.60
C PHE A 133 50.53 54.02 13.94
N GLY A 134 50.58 52.69 13.96
CA GLY A 134 50.89 51.91 15.15
C GLY A 134 49.76 51.69 16.13
N GLY A 135 48.54 51.56 15.61
CA GLY A 135 47.36 51.30 16.44
C GLY A 135 47.24 49.84 16.85
N SER A 136 45.99 49.35 16.89
CA SER A 136 45.62 47.96 17.22
C SER A 136 44.21 47.67 16.74
N VAL A 137 44.02 46.57 15.99
CA VAL A 137 42.69 46.17 15.52
C VAL A 137 42.08 45.35 16.66
N THR A 138 41.20 46.00 17.45
CA THR A 138 40.53 45.34 18.58
C THR A 138 39.59 44.26 18.07
N SER A 139 39.46 43.16 18.82
CA SER A 139 38.63 42.01 18.48
C SER A 139 37.19 42.39 18.10
N MET A 140 36.66 43.51 18.66
CA MET A 140 35.32 44.00 18.34
C MET A 140 35.27 44.64 16.95
N GLU A 141 36.35 45.36 16.54
CA GLU A 141 36.46 45.96 15.21
C GLU A 141 36.55 44.82 14.21
N LEU A 142 37.38 43.80 14.52
CA LEU A 142 37.57 42.59 13.71
C LEU A 142 36.26 41.82 13.56
N SER A 143 35.38 41.84 14.59
CA SER A 143 34.05 41.20 14.56
C SER A 143 33.13 41.92 13.57
N SER A 144 33.20 43.28 13.55
CA SER A 144 32.38 44.13 12.68
C SER A 144 32.78 43.95 11.22
N PHE A 145 34.10 43.90 10.93
CA PHE A 145 34.62 43.69 9.57
C PHE A 145 34.15 42.35 9.03
N LEU A 146 34.06 41.32 9.90
CA LEU A 146 33.59 39.97 9.56
C LEU A 146 32.10 39.99 9.28
N LEU A 147 31.33 40.83 10.01
CA LEU A 147 29.89 41.01 9.81
C LEU A 147 29.64 41.79 8.51
N MET A 148 30.63 42.59 8.07
CA MET A 148 30.56 43.34 6.83
C MET A 148 30.83 42.41 5.64
N VAL A 149 31.75 41.43 5.82
CA VAL A 149 32.07 40.41 4.80
C VAL A 149 30.84 39.49 4.66
N LEU A 150 30.28 39.04 5.81
CA LEU A 150 29.09 38.19 5.91
C LEU A 150 27.92 38.79 5.12
N SER A 151 27.70 40.11 5.29
CA SER A 151 26.66 40.89 4.61
C SER A 151 26.84 40.84 3.08
N SER A 152 28.04 41.21 2.58
CA SER A 152 28.36 41.19 1.15
C SER A 152 28.25 39.80 0.52
N VAL A 153 28.60 38.75 1.29
CA VAL A 153 28.54 37.34 0.86
C VAL A 153 27.09 36.87 0.76
N VAL A 154 26.23 37.19 1.76
CA VAL A 154 24.81 36.81 1.74
C VAL A 154 24.00 37.65 0.72
N ALA A 155 24.57 38.77 0.25
CA ALA A 155 23.99 39.63 -0.78
C ALA A 155 24.22 38.97 -2.14
N THR A 156 25.43 38.39 -2.33
CA THR A 156 25.88 37.66 -3.51
C THR A 156 25.16 36.30 -3.57
N TRP A 157 25.02 35.65 -2.40
CA TRP A 157 24.35 34.38 -2.21
C TRP A 157 22.88 34.55 -2.62
N GLY A 158 22.30 35.69 -2.26
CA GLY A 158 20.94 36.06 -2.63
C GLY A 158 20.92 36.86 -3.90
N ASP A 159 21.48 36.30 -5.01
CA ASP A 159 21.56 36.93 -6.34
C ASP A 159 21.73 35.96 -7.52
N GLN A 160 21.40 36.43 -8.74
CA GLN A 160 21.51 35.69 -9.99
C GLN A 160 22.36 36.43 -11.03
N ALA A 177 35.02 28.71 -16.32
CA ALA A 177 36.14 28.80 -17.25
C ALA A 177 37.31 29.60 -16.67
N VAL A 178 38.55 29.18 -16.99
CA VAL A 178 39.81 29.81 -16.55
C VAL A 178 40.03 31.11 -17.35
N ALA A 179 39.53 31.15 -18.61
CA ALA A 179 39.62 32.28 -19.54
C ALA A 179 38.90 33.54 -19.03
N SER A 180 37.79 33.36 -18.30
CA SER A 180 36.96 34.43 -17.73
C SER A 180 37.33 34.75 -16.27
N PHE A 181 37.85 33.73 -15.54
CA PHE A 181 38.27 33.80 -14.14
C PHE A 181 39.36 34.85 -13.90
N ASN A 182 40.63 34.50 -14.22
CA ASN A 182 41.86 35.30 -14.04
C ASN A 182 41.76 36.80 -14.44
N PRO A 183 41.09 37.27 -15.54
CA PRO A 183 41.07 38.72 -15.81
C PRO A 183 40.46 39.57 -14.69
N GLY A 184 39.28 39.18 -14.22
CA GLY A 184 38.56 39.90 -13.17
C GLY A 184 39.18 39.84 -11.79
N TYR A 185 39.76 38.68 -11.43
CA TYR A 185 40.36 38.44 -10.12
C TYR A 185 41.72 39.13 -9.94
N PHE A 186 42.58 39.14 -10.99
CA PHE A 186 43.88 39.83 -10.96
C PHE A 186 43.66 41.33 -10.79
N TRP A 187 42.76 41.90 -11.62
CA TRP A 187 42.39 43.32 -11.58
C TRP A 187 41.75 43.71 -10.25
N MET A 188 41.07 42.74 -9.58
CA MET A 188 40.47 42.98 -8.27
C MET A 188 41.54 43.00 -7.18
N PHE A 189 42.54 42.10 -7.27
CA PHE A 189 43.65 42.06 -6.32
C PHE A 189 44.47 43.36 -6.35
N THR A 190 44.69 43.91 -7.57
CA THR A 190 45.43 45.15 -7.79
C THR A 190 44.61 46.35 -7.28
N ASN A 191 43.27 46.27 -7.36
CA ASN A 191 42.36 47.31 -6.87
C ASN A 191 42.41 47.33 -5.35
N CYS A 192 42.53 46.14 -4.72
CA CYS A 192 42.61 45.97 -3.27
C CYS A 192 43.85 46.64 -2.67
N ILE A 193 45.03 46.44 -3.30
CA ILE A 193 46.28 47.01 -2.83
C ILE A 193 46.33 48.54 -3.09
N THR A 194 45.88 49.01 -4.26
CA THR A 194 45.85 50.44 -4.59
C THR A 194 44.85 51.20 -3.70
N SER A 195 43.68 50.60 -3.41
CA SER A 195 42.64 51.20 -2.56
C SER A 195 43.16 51.38 -1.14
N ALA A 196 43.93 50.38 -0.66
CA ALA A 196 44.55 50.37 0.66
C ALA A 196 45.67 51.41 0.71
N LEU A 197 46.69 51.31 -0.19
CA LEU A 197 47.83 52.23 -0.28
C LEU A 197 47.38 53.69 -0.39
N PHE A 198 46.37 53.97 -1.24
CA PHE A 198 45.86 55.33 -1.41
C PHE A 198 45.35 55.94 -0.09
N VAL A 199 44.40 55.28 0.60
CA VAL A 199 43.81 55.79 1.85
C VAL A 199 44.85 55.86 2.98
N LEU A 200 45.83 54.92 3.00
CA LEU A 200 46.87 54.87 4.03
C LEU A 200 47.96 55.94 3.83
N ILE A 201 48.44 56.14 2.57
CA ILE A 201 49.47 57.12 2.23
C ILE A 201 48.92 58.56 2.27
N MET A 202 47.65 58.77 1.80
CA MET A 202 47.03 60.10 1.81
C MET A 202 46.89 60.64 3.23
N ARG A 203 46.26 59.85 4.11
CA ARG A 203 46.03 60.18 5.52
C ARG A 203 47.37 60.38 6.28
N LYS A 204 48.47 59.73 5.83
CA LYS A 204 49.83 59.86 6.39
C LYS A 204 50.41 61.25 6.04
N ARG A 205 50.34 61.66 4.76
CA ARG A 205 50.83 62.96 4.28
C ARG A 205 50.09 64.14 4.88
N ILE A 206 48.74 64.01 5.02
CA ILE A 206 47.87 65.02 5.59
C ILE A 206 48.37 65.36 7.01
N LYS A 207 48.53 64.32 7.86
CA LYS A 207 49.00 64.44 9.25
C LYS A 207 50.44 64.95 9.33
N LEU A 208 51.29 64.60 8.33
CA LEU A 208 52.68 65.04 8.26
C LEU A 208 52.82 66.51 7.91
N THR A 209 52.11 66.97 6.85
CA THR A 209 52.19 68.35 6.39
C THR A 209 51.04 69.26 6.90
N ASN A 210 50.44 68.91 8.08
CA ASN A 210 49.34 69.63 8.73
C ASN A 210 48.34 70.22 7.71
N PHE A 211 47.94 69.37 6.75
CA PHE A 211 47.05 69.67 5.63
C PHE A 211 45.62 69.71 6.12
N LYS A 212 45.05 70.92 6.18
CA LYS A 212 43.66 71.07 6.59
C LYS A 212 42.76 70.78 5.40
N ASP A 213 41.47 70.52 5.67
CA ASP A 213 40.48 70.21 4.64
C ASP A 213 40.18 71.49 3.87
N PHE A 214 40.45 71.45 2.53
CA PHE A 214 40.38 72.50 1.49
C PHE A 214 41.73 72.46 0.77
N ASP A 215 42.80 72.09 1.50
CA ASP A 215 44.17 71.95 1.00
C ASP A 215 44.25 70.55 0.38
N THR A 216 43.71 69.54 1.11
CA THR A 216 43.64 68.12 0.74
C THR A 216 42.78 67.93 -0.51
N MET A 217 41.62 68.62 -0.56
CA MET A 217 40.67 68.60 -1.69
C MET A 217 41.32 69.20 -2.94
N PHE A 218 42.11 70.27 -2.74
CA PHE A 218 42.80 71.00 -3.80
C PHE A 218 43.88 70.15 -4.48
N TYR A 219 44.83 69.60 -3.70
CA TYR A 219 45.94 68.77 -4.17
C TYR A 219 45.49 67.47 -4.85
N ASN A 220 44.39 66.86 -4.35
CA ASN A 220 43.81 65.64 -4.89
C ASN A 220 43.25 65.87 -6.30
N ASN A 221 42.62 67.04 -6.53
CA ASN A 221 41.98 67.43 -7.79
C ASN A 221 42.91 68.10 -8.80
N VAL A 222 43.84 68.95 -8.33
CA VAL A 222 44.81 69.68 -9.17
C VAL A 222 45.83 68.70 -9.77
N LEU A 223 46.42 67.84 -8.93
CA LEU A 223 47.42 66.86 -9.36
C LEU A 223 46.82 65.68 -10.14
N ALA A 224 45.50 65.44 -10.00
CA ALA A 224 44.80 64.38 -10.71
C ALA A 224 44.64 64.76 -12.19
N LEU A 225 44.39 66.06 -12.46
CA LEU A 225 44.21 66.63 -13.79
C LEU A 225 45.19 66.06 -14.86
N PRO A 226 46.55 66.09 -14.70
CA PRO A 226 47.42 65.49 -15.74
C PRO A 226 47.35 63.95 -15.81
N ILE A 227 47.25 63.27 -14.64
CA ILE A 227 47.18 61.81 -14.55
C ILE A 227 45.90 61.26 -15.20
N LEU A 228 44.77 61.98 -15.04
CA LEU A 228 43.48 61.63 -15.63
C LEU A 228 43.53 61.76 -17.15
N LEU A 229 44.25 62.80 -17.65
CA LEU A 229 44.45 63.06 -19.08
C LEU A 229 45.30 61.95 -19.70
N LEU A 230 46.47 61.66 -19.08
CA LEU A 230 47.40 60.63 -19.55
C LEU A 230 46.79 59.23 -19.55
N PHE A 231 45.93 58.93 -18.56
CA PHE A 231 45.24 57.65 -18.45
C PHE A 231 44.20 57.48 -19.54
N SER A 232 43.46 58.56 -19.87
CA SER A 232 42.43 58.54 -20.92
C SER A 232 43.03 58.34 -22.31
N PHE A 233 44.23 58.90 -22.58
CA PHE A 233 44.90 58.75 -23.87
C PHE A 233 45.37 57.31 -24.14
N CYS A 234 45.69 56.57 -23.07
CA CYS A 234 46.19 55.20 -23.12
C CYS A 234 45.11 54.12 -23.18
N VAL A 235 43.90 54.37 -22.62
CA VAL A 235 42.86 53.34 -22.55
C VAL A 235 41.53 53.71 -23.28
N GLU A 236 41.38 54.96 -23.76
CA GLU A 236 40.14 55.37 -24.43
C GLU A 236 40.33 55.76 -25.89
N ASP A 237 39.27 55.59 -26.71
CA ASP A 237 39.24 55.93 -28.13
C ASP A 237 39.04 57.43 -28.32
N TRP A 238 39.76 58.01 -29.29
CA TRP A 238 39.73 59.45 -29.59
C TRP A 238 39.28 59.78 -31.03
N SER A 239 38.47 58.89 -31.67
CA SER A 239 37.95 59.06 -33.03
C SER A 239 37.03 60.30 -33.16
N SER A 240 37.56 61.35 -33.83
CA SER A 240 37.00 62.70 -34.06
C SER A 240 35.45 62.78 -34.23
N VAL A 241 34.93 62.65 -35.47
CA VAL A 241 33.50 62.77 -35.83
C VAL A 241 32.60 61.74 -35.09
N ASN A 242 33.13 60.53 -34.83
CA ASN A 242 32.42 59.46 -34.14
C ASN A 242 32.22 59.73 -32.63
N LEU A 243 32.87 60.78 -32.10
CA LEU A 243 32.80 61.20 -30.70
C LEU A 243 32.18 62.59 -30.51
N THR A 244 32.27 63.46 -31.54
CA THR A 244 31.72 64.82 -31.52
C THR A 244 30.19 64.81 -31.36
N ASN A 245 29.50 63.85 -32.03
CA ASN A 245 28.05 63.68 -31.97
C ASN A 245 27.57 62.97 -30.69
N ASN A 246 28.47 62.26 -30.02
CA ASN A 246 28.13 61.56 -28.78
C ASN A 246 28.43 62.44 -27.57
N PHE A 247 29.59 63.11 -27.60
CA PHE A 247 30.03 63.99 -26.53
C PHE A 247 29.76 65.46 -26.88
N SER A 248 28.46 65.77 -27.09
CA SER A 248 27.89 67.05 -27.49
C SER A 248 27.63 68.01 -26.31
N ASN A 249 26.79 69.06 -26.55
CA ASN A 249 26.38 70.08 -25.56
C ASN A 249 25.60 69.47 -24.38
N ASP A 250 24.87 68.36 -24.63
CA ASP A 250 24.07 67.65 -23.64
C ASP A 250 24.99 66.95 -22.61
N SER A 251 26.00 66.19 -23.10
CA SER A 251 26.97 65.45 -22.28
C SER A 251 27.88 66.40 -21.48
N LEU A 252 28.28 67.53 -22.10
CA LEU A 252 29.12 68.56 -21.49
C LEU A 252 28.42 69.18 -20.28
N THR A 253 27.10 69.47 -20.42
CA THR A 253 26.26 70.03 -19.36
C THR A 253 26.14 69.00 -18.24
N ALA A 254 25.96 67.71 -18.60
CA ALA A 254 25.85 66.60 -17.67
C ALA A 254 27.11 66.35 -16.83
N MET A 255 28.32 66.51 -17.44
CA MET A 255 29.61 66.36 -16.77
C MET A 255 29.84 67.47 -15.76
N ILE A 256 29.31 68.68 -16.05
CA ILE A 256 29.40 69.86 -15.18
C ILE A 256 28.46 69.67 -13.98
N ILE A 257 27.21 69.21 -14.20
CA ILE A 257 26.23 68.96 -13.14
C ILE A 257 26.73 67.85 -12.19
N SER A 258 27.26 66.73 -12.76
CA SER A 258 27.84 65.63 -11.97
C SER A 258 29.13 66.10 -11.28
N GLY A 259 29.77 67.11 -11.86
CA GLY A 259 30.96 67.76 -11.33
C GLY A 259 30.63 68.59 -10.12
N VAL A 260 29.47 69.29 -10.14
CA VAL A 260 28.95 70.12 -9.05
C VAL A 260 28.56 69.19 -7.87
N ALA A 261 27.96 68.02 -8.20
CA ALA A 261 27.55 67.00 -7.22
C ALA A 261 28.75 66.38 -6.50
N SER A 262 29.88 66.23 -7.22
CA SER A 262 31.13 65.65 -6.71
C SER A 262 31.95 66.62 -5.83
N VAL A 263 31.59 67.93 -5.82
CA VAL A 263 32.28 68.97 -5.03
C VAL A 263 32.26 68.63 -3.53
N GLY A 264 31.08 68.29 -3.00
CA GLY A 264 30.90 67.95 -1.60
C GLY A 264 31.67 66.72 -1.15
N ILE A 265 31.42 65.58 -1.82
CA ILE A 265 32.03 64.28 -1.53
C ILE A 265 33.59 64.33 -1.62
N SER A 266 34.16 65.15 -2.53
CA SER A 266 35.61 65.28 -2.66
C SER A 266 36.23 66.02 -1.47
N TYR A 267 35.47 66.96 -0.87
CA TYR A 267 35.92 67.69 0.30
C TYR A 267 35.79 66.82 1.54
N CYS A 268 34.64 66.11 1.65
CA CYS A 268 34.23 65.26 2.76
C CYS A 268 35.04 63.98 2.92
N SER A 269 35.48 63.36 1.81
CA SER A 269 36.28 62.13 1.86
C SER A 269 37.66 62.43 2.46
N GLY A 270 38.25 63.56 2.06
CA GLY A 270 39.53 64.07 2.56
C GLY A 270 39.45 64.60 3.97
N TRP A 271 38.24 65.00 4.38
CA TRP A 271 37.95 65.46 5.74
C TRP A 271 37.82 64.22 6.63
N CYS A 272 36.98 63.23 6.19
CA CYS A 272 36.70 61.97 6.88
C CYS A 272 37.98 61.23 7.25
N VAL A 273 38.87 60.98 6.26
CA VAL A 273 40.17 60.30 6.46
C VAL A 273 41.02 60.97 7.53
N ARG A 274 41.04 62.33 7.54
CA ARG A 274 41.83 63.15 8.44
C ARG A 274 41.37 63.09 9.91
N VAL A 275 40.11 63.48 10.18
CA VAL A 275 39.57 63.56 11.55
C VAL A 275 39.31 62.19 12.16
N THR A 276 38.86 61.18 11.36
CA THR A 276 38.58 59.84 11.88
C THR A 276 39.80 58.94 11.61
N SER A 277 39.73 58.04 10.61
CA SER A 277 40.82 57.15 10.20
C SER A 277 40.53 56.60 8.80
N SER A 278 41.55 55.99 8.16
CA SER A 278 41.44 55.36 6.85
C SER A 278 40.48 54.16 6.90
N THR A 279 40.39 53.49 8.07
CA THR A 279 39.50 52.36 8.30
C THR A 279 38.06 52.85 8.41
N THR A 280 37.80 53.88 9.25
CA THR A 280 36.48 54.48 9.47
C THR A 280 35.91 54.98 8.15
N TYR A 281 36.75 55.64 7.32
CA TYR A 281 36.39 56.16 6.00
C TYR A 281 35.90 55.03 5.06
N SER A 282 36.65 53.93 5.00
CA SER A 282 36.34 52.77 4.16
C SER A 282 35.15 51.97 4.71
N MET A 283 34.88 52.09 6.02
CA MET A 283 33.77 51.45 6.73
C MET A 283 32.48 52.22 6.44
N VAL A 284 32.51 53.56 6.63
CA VAL A 284 31.41 54.52 6.38
C VAL A 284 31.04 54.48 4.88
N GLY A 285 32.05 54.31 4.02
CA GLY A 285 31.89 54.18 2.58
C GLY A 285 31.13 52.92 2.22
N ALA A 286 31.44 51.80 2.90
CA ALA A 286 30.78 50.50 2.70
C ALA A 286 29.36 50.50 3.31
N LEU A 287 29.18 51.18 4.45
CA LEU A 287 27.90 51.31 5.15
C LEU A 287 26.89 52.17 4.39
N ASN A 288 27.38 53.19 3.64
CA ASN A 288 26.61 54.15 2.84
C ASN A 288 25.77 53.49 1.73
N LYS A 289 26.23 52.35 1.21
CA LYS A 289 25.58 51.60 0.13
C LYS A 289 24.26 50.96 0.61
N LEU A 290 24.16 50.67 1.92
CA LEU A 290 22.98 50.03 2.55
C LEU A 290 21.71 50.90 2.54
N PRO A 291 21.69 52.16 3.06
CA PRO A 291 20.43 52.94 3.02
C PRO A 291 19.91 53.25 1.61
N ILE A 292 20.80 53.36 0.60
CA ILE A 292 20.39 53.62 -0.78
C ILE A 292 19.75 52.34 -1.37
N ALA A 293 20.22 51.15 -0.93
CA ALA A 293 19.71 49.84 -1.34
C ALA A 293 18.35 49.59 -0.69
N LEU A 294 18.18 50.02 0.59
CA LEU A 294 16.94 49.90 1.36
C LEU A 294 15.87 50.83 0.75
N SER A 295 16.30 51.99 0.20
CA SER A 295 15.44 52.95 -0.48
C SER A 295 14.85 52.34 -1.75
N GLY A 296 15.63 51.50 -2.43
CA GLY A 296 15.20 50.79 -3.63
C GLY A 296 14.13 49.77 -3.32
N LEU A 297 14.19 49.17 -2.12
CA LEU A 297 13.22 48.18 -1.63
C LEU A 297 11.95 48.89 -1.16
N ILE A 298 12.08 50.09 -0.55
CA ILE A 298 10.96 50.87 -0.02
C ILE A 298 10.22 51.65 -1.13
N PHE A 299 10.93 52.57 -1.81
CA PHE A 299 10.38 53.45 -2.83
C PHE A 299 10.00 52.78 -4.15
N PHE A 300 10.68 51.68 -4.53
CA PHE A 300 10.41 51.07 -5.83
C PHE A 300 9.89 49.65 -5.79
N ASP A 301 8.73 49.45 -6.44
CA ASP A 301 8.00 48.18 -6.61
C ASP A 301 8.82 47.26 -7.53
N ALA A 302 9.77 46.52 -6.92
CA ALA A 302 10.69 45.63 -7.61
C ALA A 302 10.80 44.30 -6.86
N PRO A 303 11.04 43.15 -7.55
CA PRO A 303 11.11 41.88 -6.81
C PRO A 303 12.41 41.69 -6.04
N ARG A 304 12.34 40.97 -4.89
CA ARG A 304 13.48 40.68 -4.00
C ARG A 304 13.32 39.41 -3.18
N ASN A 305 14.45 38.84 -2.74
CA ASN A 305 14.54 37.64 -1.90
C ASN A 305 14.86 38.04 -0.46
N PHE A 306 14.56 37.16 0.51
CA PHE A 306 14.83 37.40 1.93
C PHE A 306 16.32 37.58 2.21
N LEU A 307 17.18 36.83 1.49
CA LEU A 307 18.65 36.89 1.64
C LEU A 307 19.22 38.29 1.37
N SER A 308 18.72 38.97 0.31
CA SER A 308 19.14 40.32 -0.05
C SER A 308 18.66 41.33 0.99
N ILE A 309 17.48 41.08 1.61
CA ILE A 309 16.90 41.91 2.68
C ILE A 309 17.73 41.70 3.94
N LEU A 310 18.10 40.44 4.22
CA LEU A 310 18.92 40.01 5.36
C LEU A 310 20.31 40.64 5.31
N SER A 311 20.92 40.72 4.12
CA SER A 311 22.25 41.32 3.92
C SER A 311 22.31 42.78 4.38
N ILE A 312 21.22 43.55 4.13
CA ILE A 312 21.09 44.97 4.51
C ILE A 312 21.15 45.11 6.03
N PHE A 313 20.38 44.28 6.78
CA PHE A 313 20.32 44.33 8.24
C PHE A 313 21.57 43.76 8.91
N ILE A 314 22.29 42.80 8.25
CA ILE A 314 23.56 42.25 8.75
C ILE A 314 24.60 43.38 8.65
N GLY A 315 24.58 44.09 7.51
CA GLY A 315 25.43 45.25 7.25
C GLY A 315 25.21 46.37 8.25
N PHE A 316 23.95 46.54 8.72
CA PHE A 316 23.58 47.53 9.72
C PHE A 316 24.15 47.13 11.08
N LEU A 317 24.05 45.83 11.44
CA LEU A 317 24.58 45.28 12.69
C LEU A 317 26.10 45.46 12.75
N SER A 318 26.77 45.41 11.58
CA SER A 318 28.21 45.60 11.41
C SER A 318 28.62 47.03 11.79
N GLY A 319 27.87 48.02 11.30
CA GLY A 319 28.11 49.43 11.60
C GLY A 319 27.79 49.78 13.04
N ILE A 320 26.72 49.17 13.59
CA ILE A 320 26.27 49.34 14.97
C ILE A 320 27.34 48.84 15.94
N ILE A 321 27.88 47.62 15.71
CA ILE A 321 28.90 47.06 16.60
C ILE A 321 30.28 47.72 16.34
N TYR A 322 30.50 48.33 15.14
CA TYR A 322 31.74 49.06 14.84
C TYR A 322 31.76 50.38 15.62
N ALA A 323 30.57 51.00 15.77
CA ALA A 323 30.37 52.26 16.50
C ALA A 323 30.64 52.03 17.99
N VAL A 324 30.23 50.85 18.52
CA VAL A 324 30.45 50.46 19.91
C VAL A 324 31.94 50.17 20.12
N ALA A 325 32.59 49.54 19.12
CA ALA A 325 34.02 49.21 19.14
C ALA A 325 34.90 50.44 19.31
N LYS A 326 34.53 51.55 18.63
CA LYS A 326 35.24 52.82 18.70
C LYS A 326 34.99 53.47 20.08
N GLN A 327 33.74 53.33 20.59
CA GLN A 327 33.30 53.85 21.90
C GLN A 327 34.02 53.10 23.04
N LYS A 328 34.35 51.82 22.78
CA LYS A 328 35.06 50.94 23.72
C LYS A 328 36.52 51.37 23.82
N LYS A 329 37.17 51.69 22.67
CA LYS A 329 38.56 52.13 22.55
C LYS A 329 38.84 53.37 23.39
N GLN A 330 37.96 54.40 23.30
CA GLN A 330 38.06 55.67 24.03
C GLN A 330 38.20 55.47 25.54
N GLN A 331 37.35 54.60 26.12
CA GLN A 331 37.30 54.27 27.55
C GLN A 331 38.37 53.25 27.99
N ALA A 332 39.01 52.58 27.01
CA ALA A 332 40.03 51.56 27.26
C ALA A 332 41.47 51.97 26.89
N GLN A 333 41.66 53.22 26.37
CA GLN A 333 42.99 53.71 26.00
C GLN A 333 43.42 54.92 26.84
N SER B 16 -11.45 -24.59 15.02
CA SER B 16 -11.56 -23.47 14.10
C SER B 16 -12.47 -22.39 14.66
N VAL B 17 -13.75 -22.69 14.77
CA VAL B 17 -14.73 -21.74 15.30
C VAL B 17 -15.05 -22.02 16.76
N ALA B 18 -14.05 -21.84 17.63
CA ALA B 18 -14.23 -22.08 19.06
C ALA B 18 -14.58 -20.80 19.79
N ASN B 19 -14.75 -19.72 19.04
CA ASN B 19 -15.10 -18.42 19.61
C ASN B 19 -16.61 -18.25 19.71
N SER B 20 -17.32 -19.34 19.96
CA SER B 20 -18.78 -19.30 20.07
C SER B 20 -19.37 -20.17 21.22
N GLY B 21 -20.60 -19.83 21.60
CA GLY B 21 -21.40 -20.54 22.59
C GLY B 21 -20.95 -20.55 24.03
N PRO B 22 -21.17 -21.70 24.74
CA PRO B 22 -20.81 -21.78 26.17
C PRO B 22 -19.31 -21.82 26.48
N ILE B 23 -18.45 -21.92 25.45
CA ILE B 23 -16.99 -21.93 25.59
C ILE B 23 -16.54 -20.60 26.22
N SER B 24 -17.16 -19.49 25.80
CA SER B 24 -16.93 -18.13 26.30
C SER B 24 -17.24 -18.03 27.79
N ILE B 25 -18.35 -18.66 28.23
CA ILE B 25 -18.81 -18.69 29.61
C ILE B 25 -17.79 -19.42 30.49
N LEU B 26 -17.38 -20.65 30.08
CA LEU B 26 -16.38 -21.48 30.76
C LEU B 26 -15.05 -20.74 30.88
N SER B 27 -14.66 -20.00 29.81
CA SER B 27 -13.45 -19.19 29.73
C SER B 27 -13.54 -17.99 30.67
N TYR B 28 -14.71 -17.29 30.69
CA TYR B 28 -14.96 -16.13 31.55
C TYR B 28 -14.94 -16.56 33.02
N CYS B 29 -15.48 -17.76 33.32
CA CYS B 29 -15.51 -18.34 34.65
C CYS B 29 -14.11 -18.65 35.15
N GLY B 30 -13.34 -19.39 34.35
CA GLY B 30 -11.96 -19.77 34.66
C GLY B 30 -11.04 -18.59 34.88
N SER B 31 -11.18 -17.53 34.07
CA SER B 31 -10.35 -16.34 34.24
C SER B 31 -10.78 -15.52 35.45
N SER B 32 -12.06 -15.61 35.84
CA SER B 32 -12.58 -14.94 37.03
C SER B 32 -12.03 -15.66 38.27
N ILE B 33 -11.91 -17.00 38.21
CA ILE B 33 -11.36 -17.87 39.25
C ILE B 33 -9.86 -17.55 39.44
N LEU B 34 -9.08 -17.53 38.33
CA LEU B 34 -7.64 -17.21 38.32
C LEU B 34 -7.37 -15.82 38.92
N MET B 35 -8.23 -14.83 38.59
CA MET B 35 -8.12 -13.46 39.07
C MET B 35 -8.39 -13.37 40.57
N THR B 36 -9.32 -14.19 41.08
CA THR B 36 -9.69 -14.22 42.49
C THR B 36 -8.58 -14.87 43.33
N VAL B 37 -8.03 -16.01 42.88
CA VAL B 37 -6.95 -16.71 43.59
C VAL B 37 -5.64 -15.92 43.57
N THR B 38 -5.37 -15.15 42.49
CA THR B 38 -4.18 -14.33 42.38
C THR B 38 -4.27 -13.16 43.37
N ASN B 39 -5.44 -12.48 43.42
CA ASN B 39 -5.67 -11.35 44.31
C ASN B 39 -5.66 -11.70 45.81
N LYS B 40 -5.95 -12.97 46.19
CA LYS B 40 -5.97 -13.36 47.61
C LYS B 40 -4.81 -14.28 48.03
N PHE B 41 -4.08 -14.89 47.07
CA PHE B 41 -2.95 -15.76 47.40
C PHE B 41 -1.60 -15.22 46.89
N VAL B 42 -1.52 -14.83 45.62
CA VAL B 42 -0.29 -14.33 44.99
C VAL B 42 0.00 -12.87 45.38
N VAL B 43 -0.90 -11.95 44.97
CA VAL B 43 -0.78 -10.51 45.22
C VAL B 43 -1.80 -10.04 46.27
N ASN B 44 -1.83 -10.77 47.41
CA ASN B 44 -2.71 -10.47 48.54
C ASN B 44 -2.31 -9.15 49.24
N LEU B 45 -3.13 -8.71 50.23
CA LEU B 45 -2.96 -7.47 50.99
C LEU B 45 -2.89 -6.27 50.02
N LYS B 46 -3.84 -6.25 49.09
CA LYS B 46 -4.01 -5.25 48.04
C LYS B 46 -5.12 -4.24 48.45
N ASP B 47 -5.03 -3.74 49.70
CA ASP B 47 -5.92 -2.72 50.28
C ASP B 47 -5.31 -1.35 49.89
N PHE B 48 -5.22 -1.16 48.57
CA PHE B 48 -4.61 -0.04 47.87
C PHE B 48 -5.27 1.30 48.11
N ASN B 49 -4.43 2.35 48.16
CA ASN B 49 -4.84 3.74 48.35
C ASN B 49 -5.08 4.42 47.00
N MET B 50 -4.47 3.90 45.91
CA MET B 50 -4.59 4.41 44.55
C MET B 50 -5.08 3.34 43.58
N ASN B 51 -6.39 3.02 43.66
CA ASN B 51 -7.09 1.99 42.87
C ASN B 51 -7.13 2.26 41.37
N PHE B 52 -7.33 3.52 40.93
CA PHE B 52 -7.37 3.86 39.49
C PHE B 52 -6.00 3.74 38.83
N VAL B 53 -4.90 3.97 39.61
CA VAL B 53 -3.51 3.85 39.18
C VAL B 53 -3.20 2.35 38.99
N MET B 54 -3.75 1.51 39.87
CA MET B 54 -3.65 0.06 39.84
C MET B 54 -4.34 -0.50 38.58
N LEU B 55 -5.51 0.06 38.23
CA LEU B 55 -6.28 -0.32 37.04
C LEU B 55 -5.63 0.21 35.77
N PHE B 56 -4.89 1.34 35.87
CA PHE B 56 -4.18 1.95 34.76
C PHE B 56 -2.98 1.08 34.34
N VAL B 57 -2.33 0.44 35.34
CA VAL B 57 -1.20 -0.47 35.13
C VAL B 57 -1.76 -1.79 34.57
N GLN B 58 -2.95 -2.21 35.05
CA GLN B 58 -3.66 -3.42 34.61
C GLN B 58 -4.05 -3.30 33.13
N SER B 59 -4.50 -2.10 32.72
CA SER B 59 -4.88 -1.79 31.34
C SER B 59 -3.64 -1.56 30.45
N LEU B 60 -2.48 -1.22 31.05
CA LEU B 60 -1.21 -1.05 30.34
C LEU B 60 -0.66 -2.42 29.96
N VAL B 61 -0.71 -3.38 30.91
CA VAL B 61 -0.27 -4.77 30.75
C VAL B 61 -1.05 -5.42 29.61
N CYS B 62 -2.39 -5.25 29.59
CA CYS B 62 -3.31 -5.78 28.57
C CYS B 62 -2.99 -5.23 27.18
N THR B 63 -2.68 -3.91 27.10
CA THR B 63 -2.31 -3.21 25.87
C THR B 63 -0.95 -3.73 25.35
N ILE B 64 0.07 -3.80 26.24
CA ILE B 64 1.42 -4.28 25.94
C ILE B 64 1.39 -5.73 25.42
N THR B 65 0.57 -6.60 26.04
CA THR B 65 0.37 -8.00 25.65
C THR B 65 -0.21 -8.05 24.23
N LEU B 66 -1.24 -7.22 23.97
CA LEU B 66 -1.92 -7.13 22.67
C LEU B 66 -1.01 -6.72 21.52
N ILE B 67 -0.08 -5.75 21.76
CA ILE B 67 0.87 -5.25 20.75
C ILE B 67 1.95 -6.32 20.44
N ILE B 68 2.48 -6.97 21.49
CA ILE B 68 3.48 -8.05 21.39
C ILE B 68 2.89 -9.25 20.63
N LEU B 69 1.65 -9.65 20.98
CA LEU B 69 0.96 -10.77 20.34
C LEU B 69 0.53 -10.48 18.88
N ARG B 70 0.30 -9.19 18.54
CA ARG B 70 -0.09 -8.78 17.17
C ARG B 70 1.10 -8.95 16.23
N ILE B 71 2.31 -8.51 16.67
CA ILE B 71 3.55 -8.60 15.90
C ILE B 71 4.13 -10.04 15.91
N LEU B 72 3.41 -10.99 16.57
CA LEU B 72 3.77 -12.41 16.68
C LEU B 72 2.55 -13.31 16.33
N GLY B 73 2.29 -13.43 15.03
CA GLY B 73 1.20 -14.25 14.48
C GLY B 73 1.17 -14.26 12.97
N PHE B 77 -5.11 -9.96 13.92
CA PHE B 77 -5.44 -9.91 15.34
C PHE B 77 -6.45 -8.78 15.66
N ARG B 78 -5.95 -7.54 15.84
CA ARG B 78 -6.71 -6.34 16.20
C ARG B 78 -6.58 -5.20 15.15
N SER B 79 -7.18 -4.00 15.43
CA SER B 79 -7.12 -2.82 14.54
C SER B 79 -7.11 -1.47 15.31
N LEU B 80 -6.42 -0.45 14.75
CA LEU B 80 -6.30 0.91 15.31
C LEU B 80 -7.06 1.91 14.42
N ASN B 81 -7.88 2.82 15.01
CA ASN B 81 -8.68 3.79 14.23
C ASN B 81 -8.94 5.12 14.96
N LYS B 82 -9.77 6.01 14.34
CA LYS B 82 -10.18 7.32 14.86
C LYS B 82 -11.70 7.58 14.75
N THR B 83 -12.40 6.83 13.87
CA THR B 83 -13.86 6.88 13.73
C THR B 83 -14.43 6.00 14.84
N ASP B 84 -13.87 4.77 14.98
CA ASP B 84 -14.21 3.76 15.99
C ASP B 84 -13.83 4.24 17.39
N ALA B 85 -12.75 5.05 17.50
CA ALA B 85 -12.25 5.61 18.75
C ALA B 85 -13.23 6.60 19.39
N LYS B 86 -13.82 7.51 18.60
CA LYS B 86 -14.78 8.50 19.13
C LYS B 86 -16.14 7.87 19.46
N ASN B 87 -16.43 6.68 18.87
CA ASN B 87 -17.65 5.92 19.12
C ASN B 87 -17.48 4.96 20.30
N TRP B 88 -16.23 4.52 20.56
CA TRP B 88 -15.91 3.62 21.68
C TRP B 88 -15.63 4.41 22.96
N PHE B 89 -15.29 5.71 22.83
CA PHE B 89 -15.00 6.57 23.99
C PHE B 89 -16.12 6.58 25.05
N PRO B 90 -17.44 6.65 24.71
CA PRO B 90 -18.47 6.61 25.77
C PRO B 90 -18.48 5.29 26.55
N ILE B 91 -18.21 4.14 25.88
CA ILE B 91 -18.14 2.79 26.49
C ILE B 91 -17.03 2.75 27.54
N SER B 92 -15.83 3.26 27.17
CA SER B 92 -14.66 3.34 28.04
C SER B 92 -14.90 4.31 29.19
N PHE B 93 -15.63 5.43 28.94
CA PHE B 93 -15.98 6.39 29.98
C PHE B 93 -16.97 5.77 30.96
N LEU B 94 -17.99 5.05 30.43
CA LEU B 94 -19.02 4.34 31.18
C LEU B 94 -18.41 3.25 32.06
N LEU B 95 -17.31 2.63 31.62
CA LEU B 95 -16.54 1.60 32.33
C LEU B 95 -15.87 2.19 33.58
N VAL B 96 -15.09 3.28 33.41
CA VAL B 96 -14.35 3.96 34.49
C VAL B 96 -15.33 4.57 35.51
N LEU B 97 -16.45 5.13 35.02
CA LEU B 97 -17.48 5.71 35.87
C LEU B 97 -18.21 4.61 36.65
N MET B 98 -18.39 3.42 36.02
CA MET B 98 -19.03 2.24 36.61
C MET B 98 -18.22 1.78 37.83
N ILE B 99 -16.87 1.78 37.71
CA ILE B 99 -15.93 1.43 38.77
C ILE B 99 -15.99 2.49 39.88
N TYR B 100 -16.00 3.79 39.49
CA TYR B 100 -16.06 4.91 40.42
C TYR B 100 -17.34 4.89 41.28
N THR B 101 -18.50 4.67 40.65
CA THR B 101 -19.79 4.61 41.33
C THR B 101 -19.85 3.38 42.25
N SER B 102 -19.28 2.24 41.80
CA SER B 102 -19.22 0.96 42.54
C SER B 102 -18.41 1.08 43.83
N SER B 103 -17.20 1.67 43.73
CA SER B 103 -16.29 1.88 44.84
C SER B 103 -16.90 2.84 45.86
N LYS B 104 -17.53 3.93 45.38
CA LYS B 104 -18.21 4.94 46.21
C LYS B 104 -19.47 4.40 46.89
N ALA B 105 -20.16 3.43 46.24
CA ALA B 105 -21.35 2.77 46.79
C ALA B 105 -20.93 1.83 47.91
N LEU B 106 -19.85 1.03 47.66
CA LEU B 106 -19.25 0.08 48.61
C LEU B 106 -18.57 0.75 49.82
N GLN B 107 -18.24 2.06 49.72
CA GLN B 107 -17.66 2.84 50.80
C GLN B 107 -18.67 3.03 51.93
N TYR B 108 -19.96 3.27 51.55
CA TYR B 108 -21.08 3.48 52.47
C TYR B 108 -22.02 2.28 52.61
N LEU B 109 -21.96 1.30 51.69
CA LEU B 109 -22.85 0.13 51.73
C LEU B 109 -22.14 -1.19 52.02
N ALA B 110 -22.85 -2.14 52.64
CA ALA B 110 -22.31 -3.45 52.99
C ALA B 110 -22.28 -4.36 51.77
N VAL B 111 -21.31 -5.30 51.72
CA VAL B 111 -21.11 -6.25 50.62
C VAL B 111 -22.40 -7.07 50.30
N PRO B 112 -23.11 -7.72 51.26
CA PRO B 112 -24.32 -8.49 50.88
C PRO B 112 -25.45 -7.62 50.32
N ILE B 113 -25.55 -6.35 50.77
CA ILE B 113 -26.52 -5.34 50.32
C ILE B 113 -26.17 -4.93 48.88
N TYR B 114 -24.87 -4.70 48.62
CA TYR B 114 -24.35 -4.35 47.31
C TYR B 114 -24.71 -5.43 46.28
N THR B 115 -24.64 -6.71 46.69
CA THR B 115 -24.96 -7.85 45.82
C THR B 115 -26.45 -7.92 45.48
N ILE B 116 -27.35 -7.42 46.37
CA ILE B 116 -28.80 -7.39 46.10
C ILE B 116 -29.08 -6.50 44.86
N PHE B 117 -28.63 -5.22 44.92
CA PHE B 117 -28.78 -4.25 43.84
C PHE B 117 -28.03 -4.66 42.59
N LYS B 118 -26.86 -5.33 42.75
CA LYS B 118 -26.08 -5.82 41.62
C LYS B 118 -26.83 -6.95 40.89
N ASN B 119 -27.66 -7.72 41.63
CA ASN B 119 -28.50 -8.79 41.06
C ASN B 119 -29.77 -8.18 40.44
N LEU B 120 -30.20 -7.03 40.97
CA LEU B 120 -31.35 -6.27 40.47
C LEU B 120 -31.05 -5.62 39.11
N THR B 121 -29.76 -5.30 38.84
CA THR B 121 -29.33 -4.73 37.55
C THR B 121 -29.58 -5.71 36.42
N ILE B 122 -29.41 -7.03 36.68
CA ILE B 122 -29.62 -8.12 35.71
C ILE B 122 -31.00 -7.98 35.06
N ILE B 123 -32.03 -7.64 35.87
CA ILE B 123 -33.41 -7.44 35.41
C ILE B 123 -33.50 -6.23 34.45
N LEU B 124 -32.88 -5.07 34.83
CA LEU B 124 -32.92 -3.90 33.94
C LEU B 124 -32.00 -4.07 32.73
N ILE B 125 -30.96 -4.93 32.81
CA ILE B 125 -30.07 -5.26 31.69
C ILE B 125 -30.90 -6.13 30.73
N ALA B 126 -31.71 -7.06 31.29
CA ALA B 126 -32.60 -7.94 30.54
C ALA B 126 -33.70 -7.15 29.84
N TYR B 127 -34.35 -6.21 30.55
CA TYR B 127 -35.41 -5.38 29.96
C TYR B 127 -34.86 -4.25 29.09
N GLY B 128 -33.61 -3.86 29.35
CA GLY B 128 -32.90 -2.83 28.59
C GLY B 128 -32.46 -3.38 27.26
N GLU B 129 -32.12 -4.68 27.21
CA GLU B 129 -31.69 -5.37 26.00
C GLU B 129 -32.85 -5.58 25.01
N VAL B 130 -34.11 -5.50 25.50
CA VAL B 130 -35.33 -5.58 24.69
C VAL B 130 -35.48 -4.22 23.99
N LEU B 131 -35.02 -3.14 24.66
CA LEU B 131 -35.03 -1.76 24.17
C LEU B 131 -33.77 -1.40 23.36
N PHE B 132 -32.92 -2.40 23.07
CA PHE B 132 -31.69 -2.26 22.30
C PHE B 132 -31.58 -3.29 21.18
N PHE B 133 -32.18 -4.49 21.38
CA PHE B 133 -32.11 -5.60 20.41
C PHE B 133 -33.48 -6.20 20.08
N GLY B 134 -34.54 -5.70 20.73
CA GLY B 134 -35.92 -6.10 20.50
C GLY B 134 -36.31 -7.54 20.78
N GLY B 135 -35.69 -8.15 21.78
CA GLY B 135 -36.01 -9.51 22.18
C GLY B 135 -37.27 -9.58 23.02
N SER B 136 -37.25 -10.44 24.06
CA SER B 136 -38.34 -10.65 25.01
C SER B 136 -37.81 -11.36 26.26
N VAL B 137 -38.13 -10.84 27.46
CA VAL B 137 -37.74 -11.46 28.71
C VAL B 137 -38.81 -12.51 29.01
N THR B 138 -38.53 -13.79 28.71
CA THR B 138 -39.47 -14.89 28.93
C THR B 138 -39.69 -15.08 30.41
N SER B 139 -40.91 -15.46 30.80
CA SER B 139 -41.32 -15.68 32.19
C SER B 139 -40.37 -16.59 32.97
N MET B 140 -39.69 -17.53 32.29
CA MET B 140 -38.71 -18.42 32.90
C MET B 140 -37.41 -17.69 33.24
N GLU B 141 -36.97 -16.75 32.37
CA GLU B 141 -35.77 -15.94 32.61
C GLU B 141 -36.08 -15.03 33.79
N LEU B 142 -37.29 -14.43 33.79
CA LEU B 142 -37.79 -13.56 34.86
C LEU B 142 -37.87 -14.30 36.20
N SER B 143 -38.17 -15.62 36.17
CA SER B 143 -38.23 -16.49 37.35
C SER B 143 -36.83 -16.69 37.93
N SER B 144 -35.81 -16.87 37.04
CA SER B 144 -34.42 -17.08 37.42
C SER B 144 -33.81 -15.82 38.05
N PHE B 145 -34.10 -14.63 37.47
CA PHE B 145 -33.63 -13.35 37.99
C PHE B 145 -34.18 -13.11 39.40
N LEU B 146 -35.45 -13.57 39.65
CA LEU B 146 -36.10 -13.45 40.95
C LEU B 146 -35.46 -14.41 41.96
N LEU B 147 -35.02 -15.60 41.49
CA LEU B 147 -34.32 -16.60 42.32
C LEU B 147 -32.90 -16.10 42.62
N MET B 148 -32.36 -15.21 41.77
CA MET B 148 -31.04 -14.61 41.97
C MET B 148 -31.14 -13.47 43.01
N VAL B 149 -32.27 -12.72 43.01
CA VAL B 149 -32.55 -11.66 43.99
C VAL B 149 -32.77 -12.33 45.35
N LEU B 150 -33.61 -13.40 45.37
CA LEU B 150 -33.93 -14.23 46.56
C LEU B 150 -32.67 -14.70 47.26
N SER B 151 -31.69 -15.22 46.46
CA SER B 151 -30.39 -15.70 46.92
C SER B 151 -29.61 -14.59 47.63
N SER B 152 -29.41 -13.42 46.96
CA SER B 152 -28.68 -12.27 47.52
C SER B 152 -29.34 -11.71 48.78
N VAL B 153 -30.69 -11.75 48.85
CA VAL B 153 -31.49 -11.28 50.00
C VAL B 153 -31.33 -12.23 51.19
N VAL B 154 -31.40 -13.57 50.97
CA VAL B 154 -31.23 -14.56 52.05
C VAL B 154 -29.77 -14.67 52.51
N ALA B 155 -28.82 -14.13 51.70
CA ALA B 155 -27.39 -14.07 52.02
C ALA B 155 -27.17 -12.91 53.01
N THR B 156 -27.85 -11.79 52.77
CA THR B 156 -27.73 -10.63 53.63
C THR B 156 -28.68 -10.72 54.82
N TRP B 157 -29.53 -11.73 54.81
CA TRP B 157 -30.49 -11.94 55.88
C TRP B 157 -29.84 -12.60 57.10
N GLY B 158 -28.71 -13.27 56.86
CA GLY B 158 -27.99 -13.94 57.92
C GLY B 158 -26.60 -13.37 58.12
N ASP B 159 -26.58 -12.06 58.38
CA ASP B 159 -25.37 -11.28 58.64
C ASP B 159 -25.59 -10.18 59.66
N GLN B 160 -24.52 -9.48 59.98
CA GLN B 160 -24.56 -8.43 60.99
C GLN B 160 -24.59 -7.01 60.50
N GLN B 161 -23.39 -6.54 60.16
CA GLN B 161 -23.02 -5.20 59.66
C GLN B 161 -22.64 -4.09 60.65
N ALA B 162 -21.46 -3.57 60.41
CA ALA B 162 -20.88 -2.52 61.21
C ALA B 162 -21.21 -1.19 60.59
N VAL B 163 -21.45 -0.21 61.45
CA VAL B 163 -21.76 1.12 61.01
C VAL B 163 -20.52 1.92 61.28
N ALA B 164 -19.75 2.17 60.22
CA ALA B 164 -18.51 2.90 60.31
C ALA B 164 -18.79 4.40 60.28
N PHE B 181 -26.26 6.19 56.46
CA PHE B 181 -27.37 5.36 56.00
C PHE B 181 -27.52 5.46 54.47
N ASN B 182 -28.17 6.56 54.01
CA ASN B 182 -28.49 6.87 52.62
C ASN B 182 -27.31 7.30 51.69
N PRO B 183 -26.09 7.73 52.14
CA PRO B 183 -25.05 8.16 51.17
C PRO B 183 -24.67 7.12 50.11
N GLY B 184 -24.77 5.84 50.45
CA GLY B 184 -24.45 4.74 49.56
C GLY B 184 -25.52 4.42 48.53
N TYR B 185 -26.81 4.61 48.90
CA TYR B 185 -27.99 4.33 48.06
C TYR B 185 -28.05 5.19 46.78
N PHE B 186 -27.63 6.49 46.84
CA PHE B 186 -27.55 7.36 45.66
C PHE B 186 -26.46 6.83 44.73
N TRP B 187 -25.25 6.57 45.29
CA TRP B 187 -24.10 6.03 44.56
C TRP B 187 -24.40 4.65 44.00
N MET B 188 -25.33 3.92 44.63
CA MET B 188 -25.79 2.60 44.20
C MET B 188 -26.69 2.73 42.99
N PHE B 189 -27.64 3.70 43.02
CA PHE B 189 -28.55 3.96 41.91
C PHE B 189 -27.75 4.35 40.65
N THR B 190 -26.67 5.13 40.84
CA THR B 190 -25.76 5.55 39.77
C THR B 190 -24.93 4.37 39.25
N ASN B 191 -24.56 3.41 40.14
CA ASN B 191 -23.81 2.22 39.74
C ASN B 191 -24.69 1.31 38.88
N CYS B 192 -25.97 1.17 39.27
CA CYS B 192 -26.98 0.35 38.58
C CYS B 192 -27.23 0.82 37.13
N ILE B 193 -27.28 2.15 36.93
CA ILE B 193 -27.53 2.73 35.61
C ILE B 193 -26.25 2.68 34.74
N THR B 194 -25.05 2.97 35.30
CA THR B 194 -23.80 2.89 34.54
C THR B 194 -23.40 1.43 34.26
N SER B 195 -23.85 0.45 35.10
CA SER B 195 -23.59 -0.98 34.91
C SER B 195 -24.43 -1.47 33.74
N ALA B 196 -25.71 -1.04 33.68
CA ALA B 196 -26.66 -1.38 32.63
C ALA B 196 -26.27 -0.70 31.32
N LEU B 197 -26.13 0.66 31.32
CA LEU B 197 -25.74 1.44 30.13
C LEU B 197 -24.41 0.97 29.56
N PHE B 198 -23.45 0.57 30.41
CA PHE B 198 -22.16 0.09 29.93
C PHE B 198 -22.28 -1.17 29.05
N VAL B 199 -22.92 -2.24 29.56
CA VAL B 199 -23.07 -3.53 28.88
C VAL B 199 -23.96 -3.45 27.64
N LEU B 200 -25.09 -2.71 27.71
CA LEU B 200 -26.01 -2.57 26.58
C LEU B 200 -25.37 -1.81 25.40
N ILE B 201 -24.74 -0.63 25.68
CA ILE B 201 -24.05 0.23 24.70
C ILE B 201 -22.82 -0.47 24.11
N MET B 202 -22.00 -1.15 24.94
CA MET B 202 -20.79 -1.86 24.47
C MET B 202 -21.13 -2.96 23.49
N ARG B 203 -22.07 -3.84 23.88
CA ARG B 203 -22.56 -4.96 23.07
C ARG B 203 -23.24 -4.47 21.77
N LYS B 204 -23.82 -3.25 21.80
CA LYS B 204 -24.44 -2.60 20.64
C LYS B 204 -23.36 -2.16 19.64
N ARG B 205 -22.30 -1.48 20.14
CA ARG B 205 -21.20 -1.02 19.29
C ARG B 205 -20.39 -2.16 18.67
N ILE B 206 -20.17 -3.27 19.43
CA ILE B 206 -19.45 -4.45 18.94
C ILE B 206 -20.17 -4.95 17.68
N LYS B 207 -21.50 -5.20 17.80
CA LYS B 207 -22.36 -5.68 16.73
C LYS B 207 -22.46 -4.71 15.55
N LEU B 208 -22.25 -3.40 15.80
CA LEU B 208 -22.31 -2.37 14.77
C LEU B 208 -21.00 -2.21 13.99
N THR B 209 -19.83 -2.29 14.65
CA THR B 209 -18.53 -2.13 13.96
C THR B 209 -17.85 -3.48 13.60
N ASN B 210 -18.62 -4.59 13.68
CA ASN B 210 -18.19 -5.97 13.42
C ASN B 210 -16.83 -6.28 14.10
N PHE B 211 -16.77 -5.94 15.39
CA PHE B 211 -15.63 -6.03 16.29
C PHE B 211 -15.41 -7.45 16.77
N LYS B 212 -14.18 -7.93 16.65
CA LYS B 212 -13.83 -9.24 17.16
C LYS B 212 -13.28 -9.05 18.57
N ASP B 213 -13.11 -10.14 19.32
CA ASP B 213 -12.73 -10.12 20.73
C ASP B 213 -11.35 -9.50 21.03
N PHE B 214 -10.40 -9.50 20.05
CA PHE B 214 -9.11 -8.85 20.25
C PHE B 214 -9.23 -7.34 20.05
N ASP B 215 -10.17 -6.90 19.19
CA ASP B 215 -10.46 -5.50 18.89
C ASP B 215 -11.23 -4.87 20.06
N THR B 216 -12.16 -5.66 20.67
CA THR B 216 -12.99 -5.27 21.82
C THR B 216 -12.13 -5.08 23.07
N MET B 217 -11.19 -6.02 23.32
CA MET B 217 -10.25 -6.01 24.46
C MET B 217 -9.28 -4.83 24.33
N PHE B 218 -8.82 -4.55 23.10
CA PHE B 218 -7.89 -3.48 22.78
C PHE B 218 -8.47 -2.09 23.04
N TYR B 219 -9.64 -1.79 22.45
CA TYR B 219 -10.35 -0.52 22.58
C TYR B 219 -10.76 -0.17 24.00
N ASN B 220 -11.24 -1.17 24.77
CA ASN B 220 -11.63 -1.01 26.16
C ASN B 220 -10.45 -0.59 27.04
N ASN B 221 -9.25 -1.18 26.81
CA ASN B 221 -8.03 -0.93 27.57
C ASN B 221 -7.21 0.28 27.12
N VAL B 222 -7.15 0.53 25.80
CA VAL B 222 -6.41 1.67 25.22
C VAL B 222 -7.11 3.00 25.56
N LEU B 223 -8.43 3.06 25.35
CA LEU B 223 -9.24 4.25 25.60
C LEU B 223 -9.49 4.50 27.09
N ALA B 224 -9.34 3.45 27.95
CA ALA B 224 -9.51 3.57 29.39
C ALA B 224 -8.32 4.31 29.99
N LEU B 225 -7.10 4.06 29.46
CA LEU B 225 -5.84 4.68 29.88
C LEU B 225 -5.96 6.19 30.22
N PRO B 226 -6.46 7.12 29.33
CA PRO B 226 -6.59 8.53 29.75
C PRO B 226 -7.67 8.79 30.80
N ILE B 227 -8.82 8.10 30.69
CA ILE B 227 -9.97 8.26 31.61
C ILE B 227 -9.59 7.79 33.03
N LEU B 228 -8.80 6.72 33.14
CA LEU B 228 -8.30 6.18 34.42
C LEU B 228 -7.34 7.15 35.08
N LEU B 229 -6.49 7.83 34.26
CA LEU B 229 -5.54 8.84 34.70
C LEU B 229 -6.27 10.06 35.23
N LEU B 230 -7.21 10.61 34.44
CA LEU B 230 -8.01 11.78 34.78
C LEU B 230 -8.88 11.57 36.02
N PHE B 231 -9.40 10.35 36.21
CA PHE B 231 -10.21 9.98 37.36
C PHE B 231 -9.38 9.92 38.64
N SER B 232 -8.14 9.39 38.55
CA SER B 232 -7.23 9.28 39.69
C SER B 232 -6.76 10.65 40.18
N PHE B 233 -6.55 11.63 39.27
CA PHE B 233 -6.12 12.98 39.64
C PHE B 233 -7.20 13.74 40.41
N CYS B 234 -8.48 13.44 40.15
CA CYS B 234 -9.65 14.09 40.76
C CYS B 234 -10.08 13.51 42.10
N VAL B 235 -9.85 12.19 42.35
CA VAL B 235 -10.33 11.56 43.58
C VAL B 235 -9.21 10.95 44.48
N GLU B 236 -7.95 10.92 44.03
CA GLU B 236 -6.85 10.34 44.82
C GLU B 236 -5.77 11.35 45.20
N ASP B 237 -5.09 11.09 46.35
CA ASP B 237 -4.01 11.92 46.87
C ASP B 237 -2.70 11.61 46.14
N TRP B 238 -1.91 12.67 45.84
CA TRP B 238 -0.66 12.58 45.10
C TRP B 238 0.57 13.09 45.89
N SER B 239 0.51 13.05 47.25
CA SER B 239 1.59 13.50 48.14
C SER B 239 2.89 12.68 47.97
N SER B 240 3.91 13.31 47.34
CA SER B 240 5.23 12.80 46.95
C SER B 240 5.87 11.72 47.85
N VAL B 241 6.64 12.14 48.89
CA VAL B 241 7.39 11.26 49.83
C VAL B 241 6.47 10.30 50.61
N ASN B 242 5.24 10.74 50.94
CA ASN B 242 4.25 9.96 51.68
C ASN B 242 3.65 8.80 50.84
N LEU B 243 3.93 8.78 49.52
CA LEU B 243 3.45 7.77 48.59
C LEU B 243 4.59 6.95 47.95
N THR B 244 5.81 7.51 47.88
CA THR B 244 6.99 6.85 47.31
C THR B 244 7.38 5.60 48.12
N ASN B 245 7.26 5.66 49.47
CA ASN B 245 7.56 4.55 50.39
C ASN B 245 6.43 3.51 50.46
N ASN B 246 5.20 3.90 50.09
CA ASN B 246 4.04 3.02 50.08
C ASN B 246 3.92 2.30 48.72
N PHE B 247 4.11 3.06 47.62
CA PHE B 247 4.01 2.55 46.26
C PHE B 247 5.40 2.33 45.64
N SER B 248 6.16 1.42 46.31
CA SER B 248 7.54 1.03 46.01
C SER B 248 7.66 -0.08 44.94
N ASN B 249 8.85 -0.75 44.87
CA ASN B 249 9.17 -1.86 43.97
C ASN B 249 8.29 -3.08 44.21
N ASP B 250 7.83 -3.29 45.46
CA ASP B 250 6.96 -4.39 45.87
C ASP B 250 5.56 -4.22 45.27
N SER B 251 4.95 -3.02 45.43
CA SER B 251 3.61 -2.70 44.91
C SER B 251 3.58 -2.69 43.38
N LEU B 252 4.65 -2.19 42.73
CA LEU B 252 4.80 -2.13 41.28
C LEU B 252 4.79 -3.54 40.69
N THR B 253 5.50 -4.48 41.33
CA THR B 253 5.57 -5.89 40.94
C THR B 253 4.18 -6.52 41.10
N ALA B 254 3.48 -6.18 42.19
CA ALA B 254 2.14 -6.66 42.51
C ALA B 254 1.07 -6.21 41.49
N MET B 255 1.17 -4.94 41.01
CA MET B 255 0.25 -4.37 40.02
C MET B 255 0.43 -5.04 38.67
N ILE B 256 1.67 -5.46 38.35
CA ILE B 256 2.02 -6.16 37.11
C ILE B 256 1.48 -7.59 37.15
N ILE B 257 1.65 -8.31 38.28
CA ILE B 257 1.15 -9.68 38.48
C ILE B 257 -0.38 -9.71 38.41
N SER B 258 -1.06 -8.76 39.10
CA SER B 258 -2.53 -8.62 39.06
C SER B 258 -2.98 -8.18 37.66
N GLY B 259 -2.09 -7.50 36.94
CA GLY B 259 -2.28 -7.05 35.58
C GLY B 259 -2.26 -8.22 34.61
N VAL B 260 -1.35 -9.20 34.86
CA VAL B 260 -1.20 -10.43 34.08
C VAL B 260 -2.45 -11.31 34.28
N ALA B 261 -2.96 -11.35 35.53
CA ALA B 261 -4.17 -12.10 35.92
C ALA B 261 -5.42 -11.53 35.25
N SER B 262 -5.49 -10.20 35.07
CA SER B 262 -6.60 -9.49 34.45
C SER B 262 -6.63 -9.59 32.90
N VAL B 263 -5.54 -10.08 32.27
CA VAL B 263 -5.43 -10.23 30.81
C VAL B 263 -6.54 -11.14 30.26
N GLY B 264 -6.73 -12.30 30.89
CA GLY B 264 -7.73 -13.28 30.49
C GLY B 264 -9.15 -12.79 30.58
N ILE B 265 -9.58 -12.34 31.78
CA ILE B 265 -10.93 -11.86 32.06
C ILE B 265 -11.31 -10.65 31.17
N SER B 266 -10.33 -9.76 30.84
CA SER B 266 -10.60 -8.61 29.97
C SER B 266 -10.93 -9.03 28.55
N TYR B 267 -10.32 -10.14 28.09
CA TYR B 267 -10.57 -10.68 26.76
C TYR B 267 -11.91 -11.42 26.75
N CYS B 268 -12.14 -12.24 27.80
CA CYS B 268 -13.30 -13.10 28.02
C CYS B 268 -14.61 -12.38 28.27
N SER B 269 -14.58 -11.24 28.99
CA SER B 269 -15.79 -10.46 29.28
C SER B 269 -16.35 -9.85 27.99
N GLY B 270 -15.45 -9.36 27.14
CA GLY B 270 -15.75 -8.78 25.83
C GLY B 270 -16.15 -9.82 24.82
N TRP B 271 -15.72 -11.08 25.05
CA TRP B 271 -16.04 -12.26 24.25
C TRP B 271 -17.44 -12.73 24.65
N CYS B 272 -17.68 -12.86 25.98
CA CYS B 272 -18.95 -13.29 26.58
C CYS B 272 -20.13 -12.42 26.12
N VAL B 273 -20.01 -11.08 26.26
CA VAL B 273 -21.06 -10.12 25.85
C VAL B 273 -21.44 -10.30 24.38
N ARG B 274 -20.42 -10.49 23.50
CA ARG B 274 -20.57 -10.62 22.06
C ARG B 274 -21.30 -11.90 21.61
N VAL B 275 -20.78 -13.08 21.95
CA VAL B 275 -21.35 -14.36 21.52
C VAL B 275 -22.66 -14.71 22.23
N THR B 276 -22.81 -14.37 23.53
CA THR B 276 -24.04 -14.68 24.27
C THR B 276 -24.96 -13.44 24.26
N SER B 277 -25.09 -12.75 25.40
CA SER B 277 -25.89 -11.54 25.55
C SER B 277 -25.37 -10.76 26.76
N SER B 278 -25.71 -9.47 26.85
CA SER B 278 -25.32 -8.63 27.99
C SER B 278 -26.02 -9.07 29.28
N THR B 279 -27.14 -9.81 29.15
CA THR B 279 -27.89 -10.38 30.27
C THR B 279 -27.15 -11.61 30.77
N THR B 280 -26.78 -12.54 29.84
CA THR B 280 -26.04 -13.79 30.13
C THR B 280 -24.72 -13.46 30.81
N TYR B 281 -24.00 -12.43 30.34
CA TYR B 281 -22.73 -11.96 30.90
C TYR B 281 -22.88 -11.53 32.37
N SER B 282 -23.92 -10.73 32.66
CA SER B 282 -24.20 -10.23 34.00
C SER B 282 -24.76 -11.32 34.92
N MET B 283 -25.34 -12.39 34.32
CA MET B 283 -25.89 -13.56 35.01
C MET B 283 -24.74 -14.48 35.42
N VAL B 284 -23.84 -14.82 34.45
CA VAL B 284 -22.63 -15.64 34.60
C VAL B 284 -21.68 -14.97 35.62
N GLY B 285 -21.62 -13.64 35.58
CA GLY B 285 -20.85 -12.82 36.50
C GLY B 285 -21.34 -12.93 37.93
N ALA B 286 -22.68 -12.94 38.11
CA ALA B 286 -23.35 -13.08 39.40
C ALA B 286 -23.25 -14.51 39.93
N LEU B 287 -23.35 -15.51 39.02
CA LEU B 287 -23.25 -16.93 39.32
C LEU B 287 -21.84 -17.35 39.75
N ASN B 288 -20.81 -16.69 39.20
CA ASN B 288 -19.37 -16.92 39.46
C ASN B 288 -18.97 -16.74 40.92
N LYS B 289 -19.66 -15.85 41.65
CA LYS B 289 -19.40 -15.52 43.05
C LYS B 289 -19.75 -16.71 43.97
N LEU B 290 -20.70 -17.57 43.55
CA LEU B 290 -21.17 -18.72 44.32
C LEU B 290 -20.11 -19.83 44.51
N PRO B 291 -19.46 -20.41 43.46
CA PRO B 291 -18.45 -21.46 43.72
C PRO B 291 -17.25 -21.00 44.55
N ILE B 292 -16.86 -19.71 44.46
CA ILE B 292 -15.74 -19.18 45.24
C ILE B 292 -16.16 -19.06 46.73
N ALA B 293 -17.46 -18.79 46.98
CA ALA B 293 -18.05 -18.69 48.32
C ALA B 293 -18.18 -20.07 48.94
N LEU B 294 -18.53 -21.08 48.11
CA LEU B 294 -18.66 -22.48 48.52
C LEU B 294 -17.28 -23.05 48.86
N SER B 295 -16.23 -22.58 48.16
CA SER B 295 -14.83 -22.95 48.40
C SER B 295 -14.38 -22.47 49.78
N GLY B 296 -14.88 -21.30 50.21
CA GLY B 296 -14.59 -20.74 51.52
C GLY B 296 -15.20 -21.58 52.64
N LEU B 297 -16.36 -22.19 52.36
CA LEU B 297 -17.08 -23.06 53.29
C LEU B 297 -16.41 -24.44 53.34
N ILE B 298 -15.88 -24.93 52.20
CA ILE B 298 -15.24 -26.25 52.09
C ILE B 298 -13.78 -26.21 52.59
N PHE B 299 -12.93 -25.41 51.94
CA PHE B 299 -11.51 -25.32 52.24
C PHE B 299 -11.14 -24.65 53.55
N PHE B 300 -11.96 -23.71 54.06
CA PHE B 300 -11.59 -22.98 55.27
C PHE B 300 -12.53 -23.17 56.45
N ASP B 301 -11.94 -23.62 57.58
CA ASP B 301 -12.55 -23.86 58.89
C ASP B 301 -12.98 -22.51 59.49
N ALA B 302 -14.19 -22.07 59.11
CA ALA B 302 -14.77 -20.79 59.52
C ALA B 302 -16.23 -20.98 59.91
N PRO B 303 -16.79 -20.18 60.87
CA PRO B 303 -18.20 -20.38 61.23
C PRO B 303 -19.19 -19.82 60.19
N ARG B 304 -20.37 -20.48 60.08
CA ARG B 304 -21.44 -20.13 59.13
C ARG B 304 -22.82 -20.54 59.60
N ASN B 305 -23.85 -19.85 59.07
CA ASN B 305 -25.27 -20.11 59.34
C ASN B 305 -25.90 -20.86 58.17
N PHE B 306 -27.03 -21.54 58.41
CA PHE B 306 -27.76 -22.29 57.38
C PHE B 306 -28.25 -21.38 56.24
N LEU B 307 -28.67 -20.15 56.58
CA LEU B 307 -29.17 -19.15 55.62
C LEU B 307 -28.14 -18.80 54.53
N SER B 308 -26.86 -18.62 54.94
CA SER B 308 -25.77 -18.31 54.03
C SER B 308 -25.46 -19.51 53.13
N ILE B 309 -25.62 -20.74 53.66
CA ILE B 309 -25.44 -22.00 52.92
C ILE B 309 -26.60 -22.15 51.92
N LEU B 310 -27.82 -21.82 52.37
CA LEU B 310 -29.07 -21.86 51.58
C LEU B 310 -29.00 -20.88 50.40
N SER B 311 -28.43 -19.67 50.61
CA SER B 311 -28.29 -18.67 49.57
C SER B 311 -27.48 -19.16 48.36
N ILE B 312 -26.41 -19.95 48.63
CA ILE B 312 -25.52 -20.54 47.61
C ILE B 312 -26.30 -21.49 46.70
N PHE B 313 -27.12 -22.39 47.30
CA PHE B 313 -27.90 -23.38 46.56
C PHE B 313 -29.11 -22.76 45.84
N ILE B 314 -29.68 -21.64 46.37
CA ILE B 314 -30.78 -20.90 45.73
C ILE B 314 -30.20 -20.25 44.46
N GLY B 315 -29.00 -19.67 44.60
CA GLY B 315 -28.24 -19.06 43.52
C GLY B 315 -27.92 -20.05 42.42
N PHE B 316 -27.66 -21.33 42.80
CA PHE B 316 -27.39 -22.43 41.87
C PHE B 316 -28.65 -22.78 41.10
N LEU B 317 -29.80 -22.87 41.79
CA LEU B 317 -31.11 -23.17 41.20
C LEU B 317 -31.49 -22.09 40.17
N SER B 318 -31.05 -20.84 40.41
CA SER B 318 -31.26 -19.68 39.55
C SER B 318 -30.54 -19.86 38.20
N GLY B 319 -29.28 -20.30 38.26
CA GLY B 319 -28.47 -20.55 37.08
C GLY B 319 -28.94 -21.76 36.30
N ILE B 320 -29.39 -22.81 37.03
CA ILE B 320 -29.92 -24.05 36.47
C ILE B 320 -31.20 -23.78 35.67
N ILE B 321 -32.15 -23.01 36.25
CA ILE B 321 -33.40 -22.70 35.56
C ILE B 321 -33.19 -21.62 34.46
N TYR B 322 -32.11 -20.81 34.56
CA TYR B 322 -31.76 -19.81 33.54
C TYR B 322 -31.22 -20.53 32.30
N ALA B 323 -30.47 -21.63 32.51
CA ALA B 323 -29.90 -22.45 31.46
C ALA B 323 -31.02 -23.16 30.67
N VAL B 324 -32.09 -23.59 31.38
CA VAL B 324 -33.25 -24.23 30.79
C VAL B 324 -34.05 -23.19 30.00
N ALA B 325 -34.15 -21.95 30.54
CA ALA B 325 -34.86 -20.83 29.92
C ALA B 325 -34.29 -20.47 28.55
N LYS B 326 -32.95 -20.52 28.40
CA LYS B 326 -32.24 -20.27 27.15
C LYS B 326 -32.47 -21.43 26.17
N GLN B 327 -32.49 -22.67 26.70
CA GLN B 327 -32.72 -23.92 25.95
C GLN B 327 -34.17 -23.95 25.43
N LYS B 328 -35.09 -23.33 26.17
CA LYS B 328 -36.51 -23.22 25.85
C LYS B 328 -36.70 -22.27 24.68
N LYS B 329 -36.00 -21.10 24.71
CA LYS B 329 -36.03 -20.04 23.70
C LYS B 329 -35.68 -20.56 22.30
N GLN B 330 -34.58 -21.34 22.20
CA GLN B 330 -34.07 -21.93 20.96
C GLN B 330 -35.13 -22.75 20.22
N GLN B 331 -35.86 -23.62 20.96
CA GLN B 331 -36.91 -24.50 20.44
C GLN B 331 -38.27 -23.81 20.28
N ALA B 332 -38.41 -22.59 20.84
CA ALA B 332 -39.65 -21.81 20.76
C ALA B 332 -39.57 -20.56 19.87
N GLN B 333 -38.40 -20.28 19.25
CA GLN B 333 -38.24 -19.12 18.37
C GLN B 333 -37.93 -19.53 16.91
N SER C 16 17.48 13.56 -14.68
CA SER C 16 17.83 14.98 -14.68
C SER C 16 19.02 15.24 -15.60
N VAL C 17 20.07 15.84 -15.05
CA VAL C 17 21.28 16.17 -15.81
C VAL C 17 20.97 16.90 -17.11
N ALA C 18 21.24 16.23 -18.23
CA ALA C 18 20.99 16.81 -19.54
C ALA C 18 19.56 16.69 -20.01
N ASN C 19 18.66 17.38 -19.35
CA ASN C 19 17.29 17.38 -19.76
C ASN C 19 16.87 18.80 -19.57
N SER C 20 17.61 19.70 -20.24
CA SER C 20 17.39 21.12 -20.22
C SER C 20 18.25 21.85 -21.26
N GLY C 21 17.84 23.05 -21.65
CA GLY C 21 18.67 23.88 -22.51
C GLY C 21 18.49 23.54 -23.97
N PRO C 22 19.51 23.85 -24.79
CA PRO C 22 19.48 23.60 -26.25
C PRO C 22 19.55 22.13 -26.67
N ILE C 23 19.74 21.21 -25.72
CA ILE C 23 19.79 19.76 -25.96
C ILE C 23 18.42 19.31 -26.53
N SER C 24 17.33 19.86 -25.97
CA SER C 24 15.95 19.61 -26.39
C SER C 24 15.73 20.03 -27.84
N ILE C 25 16.29 21.20 -28.24
CA ILE C 25 16.20 21.77 -29.60
C ILE C 25 16.88 20.82 -30.59
N LEU C 26 18.15 20.43 -30.30
CA LEU C 26 18.95 19.51 -31.10
C LEU C 26 18.25 18.16 -31.26
N SER C 27 17.60 17.68 -30.18
CA SER C 27 16.83 16.44 -30.14
C SER C 27 15.56 16.56 -30.98
N TYR C 28 14.84 17.69 -30.86
CA TYR C 28 13.61 17.97 -31.60
C TYR C 28 13.92 18.07 -33.10
N CYS C 29 15.08 18.66 -33.44
CA CYS C 29 15.56 18.80 -34.80
C CYS C 29 15.89 17.45 -35.42
N GLY C 30 16.70 16.66 -34.73
CA GLY C 30 17.10 15.31 -35.17
C GLY C 30 15.93 14.36 -35.36
N SER C 31 14.94 14.41 -34.46
CA SER C 31 13.73 13.58 -34.53
C SER C 31 12.82 14.05 -35.66
N SER C 32 12.87 15.35 -36.03
CA SER C 32 12.11 15.92 -37.14
C SER C 32 12.74 15.48 -38.46
N ILE C 33 14.10 15.42 -38.50
CA ILE C 33 14.91 14.98 -39.64
C ILE C 33 14.63 13.50 -39.93
N LEU C 34 14.68 12.65 -38.88
CA LEU C 34 14.43 11.21 -38.93
C LEU C 34 13.01 10.92 -39.45
N MET C 35 12.02 11.72 -39.00
CA MET C 35 10.61 11.59 -39.40
C MET C 35 10.41 11.97 -40.86
N THR C 36 11.17 12.97 -41.35
CA THR C 36 11.09 13.43 -42.74
C THR C 36 11.70 12.41 -43.70
N VAL C 37 12.90 11.86 -43.38
CA VAL C 37 13.58 10.87 -44.22
C VAL C 37 12.82 9.53 -44.23
N THR C 38 12.16 9.16 -43.12
CA THR C 38 11.38 7.93 -43.03
C THR C 38 10.13 8.05 -43.93
N ASN C 39 9.43 9.19 -43.85
CA ASN C 39 8.22 9.45 -44.64
C ASN C 39 8.46 9.55 -46.15
N LYS C 40 9.68 9.92 -46.60
CA LYS C 40 9.95 10.05 -48.03
C LYS C 40 10.89 8.96 -48.61
N PHE C 41 11.58 8.18 -47.74
CA PHE C 41 12.47 7.10 -48.22
C PHE C 41 12.02 5.71 -47.78
N VAL C 42 11.72 5.53 -46.48
CA VAL C 42 11.31 4.24 -45.90
C VAL C 42 9.84 3.94 -46.21
N VAL C 43 8.92 4.75 -45.67
CA VAL C 43 7.47 4.60 -45.82
C VAL C 43 6.89 5.67 -46.77
N ASN C 44 7.54 5.81 -47.95
CA ASN C 44 7.13 6.75 -48.99
C ASN C 44 5.77 6.37 -49.61
N LEU C 45 5.23 7.24 -50.50
CA LEU C 45 3.95 7.08 -51.19
C LEU C 45 2.82 6.90 -50.15
N LYS C 46 2.85 7.78 -49.14
CA LYS C 46 1.92 7.86 -48.02
C LYS C 46 0.85 8.97 -48.28
N ASP C 47 0.27 8.94 -49.49
CA ASP C 47 -0.81 9.84 -49.95
C ASP C 47 -2.12 9.16 -49.49
N PHE C 48 -2.22 8.98 -48.16
CA PHE C 48 -3.27 8.30 -47.42
C PHE C 48 -4.65 8.93 -47.52
N ASN C 49 -5.67 8.07 -47.55
CA ASN C 49 -7.08 8.42 -47.62
C ASN C 49 -7.67 8.56 -46.21
N MET C 50 -7.06 7.88 -45.22
CA MET C 50 -7.48 7.88 -43.82
C MET C 50 -6.34 8.34 -42.88
N ASN C 51 -6.07 9.66 -42.89
CA ASN C 51 -5.01 10.32 -42.12
C ASN C 51 -5.17 10.23 -40.60
N PHE C 52 -6.41 10.36 -40.06
CA PHE C 52 -6.66 10.28 -38.61
C PHE C 52 -6.44 8.86 -38.06
N VAL C 53 -6.69 7.83 -38.90
CA VAL C 53 -6.50 6.41 -38.60
C VAL C 53 -4.98 6.14 -38.53
N MET C 54 -4.22 6.80 -39.43
CA MET C 54 -2.77 6.74 -39.50
C MET C 54 -2.15 7.34 -38.25
N LEU C 55 -2.71 8.47 -37.75
CA LEU C 55 -2.28 9.16 -36.54
C LEU C 55 -2.70 8.39 -35.29
N PHE C 56 -3.80 7.63 -35.38
CA PHE C 56 -4.32 6.79 -34.28
C PHE C 56 -3.38 5.60 -34.04
N VAL C 57 -2.79 5.05 -35.11
CA VAL C 57 -1.83 3.95 -35.06
C VAL C 57 -0.49 4.51 -34.55
N GLN C 58 -0.14 5.75 -34.98
CA GLN C 58 1.08 6.46 -34.55
C GLN C 58 1.03 6.74 -33.04
N SER C 59 -0.14 7.12 -32.53
CA SER C 59 -0.37 7.38 -31.10
C SER C 59 -0.49 6.07 -30.29
N LEU C 60 -0.84 4.94 -30.96
CA LEU C 60 -0.91 3.62 -30.34
C LEU C 60 0.50 3.09 -30.10
N VAL C 61 1.39 3.25 -31.12
CA VAL C 61 2.80 2.85 -31.08
C VAL C 61 3.51 3.59 -29.94
N CYS C 62 3.28 4.92 -29.83
CA CYS C 62 3.84 5.80 -28.79
C CYS C 62 3.41 5.39 -27.38
N THR C 63 2.14 4.96 -27.22
CA THR C 63 1.55 4.49 -25.96
C THR C 63 2.15 3.11 -25.59
N ILE C 64 2.19 2.17 -26.56
CA ILE C 64 2.74 0.81 -26.41
C ILE C 64 4.22 0.86 -25.98
N THR C 65 5.01 1.76 -26.60
CA THR C 65 6.43 1.97 -26.29
C THR C 65 6.57 2.45 -24.85
N LEU C 66 5.74 3.43 -24.44
CA LEU C 66 5.72 4.00 -23.10
C LEU C 66 5.42 2.98 -21.99
N ILE C 67 4.46 2.06 -22.23
CA ILE C 67 4.06 1.01 -21.27
C ILE C 67 5.17 -0.05 -21.12
N ILE C 68 5.77 -0.48 -22.25
CA ILE C 68 6.86 -1.45 -22.30
C ILE C 68 8.10 -0.88 -21.58
N LEU C 69 8.45 0.39 -21.86
CA LEU C 69 9.58 1.07 -21.24
C LEU C 69 9.38 1.38 -19.75
N ARG C 70 8.12 1.54 -19.29
CA ARG C 70 7.81 1.80 -17.87
C ARG C 70 8.07 0.56 -17.04
N ILE C 71 7.62 -0.61 -17.54
CA ILE C 71 7.79 -1.91 -16.87
C ILE C 71 9.25 -2.43 -17.02
N LEU C 72 10.13 -1.64 -17.69
CA LEU C 72 11.55 -1.94 -17.91
C LEU C 72 12.41 -0.69 -17.55
N GLY C 73 12.53 -0.43 -16.26
CA GLY C 73 13.30 0.69 -15.72
C GLY C 73 13.61 0.56 -14.25
N PHE C 77 9.14 6.70 -14.38
CA PHE C 77 8.97 7.11 -15.78
C PHE C 77 7.79 8.10 -15.93
N ARG C 78 6.56 7.57 -16.05
CA ARG C 78 5.30 8.31 -16.26
C ARG C 78 4.26 8.05 -15.13
N SER C 79 3.05 8.67 -15.23
CA SER C 79 1.96 8.50 -14.25
C SER C 79 0.57 8.52 -14.91
N LEU C 80 -0.37 7.72 -14.35
CA LEU C 80 -1.76 7.60 -14.81
C LEU C 80 -2.71 8.29 -13.80
N ASN C 81 -3.65 9.13 -14.27
CA ASN C 81 -4.59 9.87 -13.38
C ASN C 81 -5.98 10.12 -13.99
N LYS C 82 -6.85 10.87 -13.25
CA LYS C 82 -8.21 11.23 -13.64
C LYS C 82 -8.53 12.73 -13.40
N THR C 83 -7.74 13.41 -12.55
CA THR C 83 -7.85 14.85 -12.30
C THR C 83 -7.08 15.53 -13.44
N ASP C 84 -5.85 15.04 -13.71
CA ASP C 84 -4.95 15.50 -14.78
C ASP C 84 -5.53 15.18 -16.15
N ALA C 85 -6.30 14.07 -16.27
CA ALA C 85 -6.94 13.63 -17.50
C ALA C 85 -8.03 14.60 -17.99
N LYS C 86 -8.89 15.10 -17.08
CA LYS C 86 -9.95 16.03 -17.47
C LYS C 86 -9.41 17.45 -17.75
N ASN C 87 -8.19 17.75 -17.25
CA ASN C 87 -7.51 19.02 -17.47
C ASN C 87 -6.63 18.96 -18.73
N TRP C 88 -6.16 17.74 -19.10
CA TRP C 88 -5.35 17.55 -20.30
C TRP C 88 -6.23 17.36 -21.52
N PHE C 89 -7.49 16.91 -21.33
CA PHE C 89 -8.44 16.67 -22.42
C PHE C 89 -8.58 17.86 -23.41
N PRO C 90 -8.67 19.16 -22.96
CA PRO C 90 -8.71 20.26 -23.95
C PRO C 90 -7.45 20.36 -24.80
N ILE C 91 -6.26 20.08 -24.22
CA ILE C 91 -4.94 20.10 -24.91
C ILE C 91 -4.92 19.05 -26.04
N SER C 92 -5.40 17.83 -25.75
CA SER C 92 -5.50 16.73 -26.70
C SER C 92 -6.55 17.02 -27.77
N PHE C 93 -7.67 17.67 -27.39
CA PHE C 93 -8.72 18.08 -28.33
C PHE C 93 -8.19 19.16 -29.27
N LEU C 94 -7.46 20.16 -28.72
CA LEU C 94 -6.83 21.25 -29.47
C LEU C 94 -5.85 20.69 -30.49
N LEU C 95 -5.10 19.63 -30.12
CA LEU C 95 -4.12 18.94 -30.97
C LEU C 95 -4.78 18.34 -32.21
N VAL C 96 -5.84 17.53 -32.02
CA VAL C 96 -6.58 16.85 -33.10
C VAL C 96 -7.28 17.89 -34.00
N LEU C 97 -7.83 18.96 -33.38
CA LEU C 97 -8.51 20.03 -34.10
C LEU C 97 -7.48 20.85 -34.91
N MET C 98 -6.26 21.03 -34.35
CA MET C 98 -5.13 21.73 -34.97
C MET C 98 -4.77 21.03 -36.29
N ILE C 99 -4.71 19.68 -36.26
CA ILE C 99 -4.41 18.83 -37.42
C ILE C 99 -5.55 18.94 -38.44
N TYR C 100 -6.82 18.87 -37.96
CA TYR C 100 -8.01 18.97 -38.81
C TYR C 100 -8.10 20.29 -39.57
N THR C 101 -7.88 21.42 -38.89
CA THR C 101 -7.91 22.75 -39.50
C THR C 101 -6.76 22.93 -40.52
N SER C 102 -5.56 22.42 -40.17
CA SER C 102 -4.35 22.48 -41.02
C SER C 102 -4.53 21.71 -42.32
N SER C 103 -5.05 20.47 -42.23
CA SER C 103 -5.32 19.61 -43.40
C SER C 103 -6.39 20.25 -44.31
N LYS C 104 -7.45 20.83 -43.70
CA LYS C 104 -8.54 21.52 -44.41
C LYS C 104 -8.07 22.84 -45.03
N ALA C 105 -7.08 23.52 -44.41
CA ALA C 105 -6.51 24.76 -44.93
C ALA C 105 -5.65 24.41 -46.14
N LEU C 106 -4.80 23.38 -46.02
CA LEU C 106 -3.91 22.87 -47.07
C LEU C 106 -4.65 22.26 -48.28
N GLN C 107 -5.95 21.90 -48.09
CA GLN C 107 -6.79 21.37 -49.16
C GLN C 107 -7.05 22.45 -50.22
N TYR C 108 -7.27 23.70 -49.76
CA TYR C 108 -7.54 24.87 -50.62
C TYR C 108 -6.34 25.80 -50.82
N LEU C 109 -5.46 25.91 -49.80
CA LEU C 109 -4.29 26.80 -49.87
C LEU C 109 -3.00 26.12 -50.32
N ALA C 110 -2.14 26.87 -51.01
CA ALA C 110 -0.85 26.39 -51.49
C ALA C 110 0.15 26.30 -50.34
N VAL C 111 1.12 25.36 -50.43
CA VAL C 111 2.16 25.12 -49.41
C VAL C 111 2.96 26.40 -49.06
N PRO C 112 3.53 27.21 -50.01
CA PRO C 112 4.28 28.40 -49.59
C PRO C 112 3.43 29.47 -48.89
N ILE C 113 2.12 29.55 -49.24
CA ILE C 113 1.12 30.46 -48.65
C ILE C 113 0.83 29.99 -47.22
N TYR C 114 0.66 28.67 -47.03
CA TYR C 114 0.41 28.04 -45.73
C TYR C 114 1.55 28.37 -44.77
N THR C 115 2.80 28.38 -45.27
CA THR C 115 4.00 28.66 -44.48
C THR C 115 4.04 30.13 -44.02
N ILE C 116 3.45 31.08 -44.81
CA ILE C 116 3.41 32.50 -44.43
C ILE C 116 2.60 32.66 -43.13
N PHE C 117 1.34 32.17 -43.11
CA PHE C 117 0.44 32.22 -41.97
C PHE C 117 0.96 31.40 -40.80
N LYS C 118 1.65 30.27 -41.09
CA LYS C 118 2.26 29.42 -40.06
C LYS C 118 3.41 30.16 -39.35
N ASN C 119 4.10 31.06 -40.08
CA ASN C 119 5.18 31.89 -39.55
C ASN C 119 4.60 33.10 -38.80
N LEU C 120 3.39 33.53 -39.20
CA LEU C 120 2.63 34.61 -38.57
C LEU C 120 2.11 34.20 -37.19
N THR C 121 1.84 32.88 -36.99
CA THR C 121 1.38 32.33 -35.69
C THR C 121 2.43 32.54 -34.63
N ILE C 122 3.73 32.42 -35.00
CA ILE C 122 4.88 32.60 -34.09
C ILE C 122 4.76 33.92 -33.34
N ILE C 123 4.33 35.00 -34.04
CA ILE C 123 4.12 36.34 -33.46
C ILE C 123 2.98 36.32 -32.42
N LEU C 124 1.83 35.70 -32.74
CA LEU C 124 0.72 35.63 -31.77
C LEU C 124 1.00 34.62 -30.65
N ILE C 125 1.88 33.62 -30.88
CA ILE C 125 2.32 32.67 -29.85
C ILE C 125 3.23 33.46 -28.89
N ALA C 126 4.09 34.33 -29.46
CA ALA C 126 5.01 35.20 -28.71
C ALA C 126 4.24 36.22 -27.88
N TYR C 127 3.22 36.88 -28.47
CA TYR C 127 2.43 37.87 -27.73
C TYR C 127 1.39 37.22 -26.82
N GLY C 128 1.06 35.96 -27.10
CA GLY C 128 0.13 35.16 -26.33
C GLY C 128 0.78 34.67 -25.06
N GLU C 129 2.10 34.37 -25.12
CA GLU C 129 2.91 33.93 -23.98
C GLU C 129 3.08 35.07 -22.94
N VAL C 130 2.89 36.34 -23.38
CA VAL C 130 2.95 37.53 -22.53
C VAL C 130 1.62 37.59 -21.73
N LEU C 131 0.52 37.07 -22.31
CA LEU C 131 -0.82 37.01 -21.71
C LEU C 131 -1.01 35.77 -20.84
N PHE C 132 -0.10 34.78 -20.95
CA PHE C 132 -0.13 33.51 -20.22
C PHE C 132 0.94 33.40 -19.12
N PHE C 133 2.15 33.90 -19.41
CA PHE C 133 3.29 33.81 -18.49
C PHE C 133 3.80 35.17 -18.00
N GLY C 134 3.43 36.23 -18.71
CA GLY C 134 3.79 37.60 -18.34
C GLY C 134 5.17 38.07 -18.72
N GLY C 135 5.70 37.58 -19.84
CA GLY C 135 7.02 37.98 -20.34
C GLY C 135 6.99 39.32 -21.05
N SER C 136 7.80 39.43 -22.11
CA SER C 136 7.92 40.61 -22.99
C SER C 136 8.57 40.22 -24.31
N VAL C 137 7.95 40.61 -25.44
CA VAL C 137 8.50 40.33 -26.76
C VAL C 137 9.48 41.46 -27.06
N THR C 138 10.79 41.18 -26.86
CA THR C 138 11.84 42.18 -27.10
C THR C 138 11.92 42.50 -28.58
N SER C 139 12.24 43.76 -28.90
CA SER C 139 12.33 44.28 -30.26
C SER C 139 13.20 43.41 -31.17
N MET C 140 14.21 42.72 -30.62
CA MET C 140 15.09 41.81 -31.36
C MET C 140 14.37 40.51 -31.74
N GLU C 141 13.51 39.98 -30.84
CA GLU C 141 12.71 38.78 -31.11
C GLU C 141 11.72 39.15 -32.19
N LEU C 142 11.06 40.32 -32.06
CA LEU C 142 10.11 40.87 -33.03
C LEU C 142 10.76 41.08 -34.41
N SER C 143 12.06 41.42 -34.45
CA SER C 143 12.84 41.59 -35.68
C SER C 143 13.04 40.24 -36.37
N SER C 144 13.32 39.18 -35.58
CA SER C 144 13.53 37.80 -36.07
C SER C 144 12.25 37.22 -36.65
N PHE C 145 11.11 37.42 -35.98
CA PHE C 145 9.80 36.94 -36.44
C PHE C 145 9.45 37.59 -37.77
N LEU C 146 9.84 38.87 -37.97
CA LEU C 146 9.62 39.62 -39.20
C LEU C 146 10.50 39.09 -40.32
N LEU C 147 11.75 38.65 -39.97
CA LEU C 147 12.69 38.04 -40.91
C LEU C 147 12.22 36.64 -41.29
N MET C 148 11.41 36.01 -40.42
CA MET C 148 10.83 34.69 -40.66
C MET C 148 9.63 34.82 -41.62
N VAL C 149 8.84 35.92 -41.48
CA VAL C 149 7.71 36.23 -42.36
C VAL C 149 8.27 36.58 -43.75
N LEU C 150 9.32 37.45 -43.79
CA LEU C 150 10.03 37.88 -44.99
C LEU C 150 10.49 36.67 -45.82
N SER C 151 11.09 35.67 -45.14
CA SER C 151 11.59 34.42 -45.72
C SER C 151 10.44 33.66 -46.41
N SER C 152 9.34 33.37 -45.68
CA SER C 152 8.17 32.65 -46.20
C SER C 152 7.50 33.37 -47.38
N VAL C 153 7.50 34.73 -47.34
CA VAL C 153 6.91 35.58 -48.39
C VAL C 153 7.78 35.54 -49.66
N VAL C 154 9.13 35.64 -49.53
CA VAL C 154 10.04 35.60 -50.68
C VAL C 154 10.17 34.17 -51.26
N ALA C 155 9.71 33.14 -50.48
CA ALA C 155 9.67 31.74 -50.92
C ALA C 155 8.46 31.56 -51.82
N THR C 156 7.32 32.20 -51.45
CA THR C 156 6.06 32.22 -52.18
C THR C 156 6.20 33.08 -53.43
N TRP C 157 6.91 34.24 -53.30
CA TRP C 157 7.21 35.18 -54.36
C TRP C 157 8.04 34.45 -55.43
N GLY C 158 8.95 33.58 -54.98
CA GLY C 158 9.75 32.73 -55.86
C GLY C 158 9.12 31.38 -56.09
N ASP C 159 7.83 31.38 -56.41
CA ASP C 159 7.12 30.12 -56.66
C ASP C 159 5.92 30.35 -57.58
N GLN C 160 5.39 29.26 -58.13
CA GLN C 160 4.25 29.34 -59.02
C GLN C 160 2.99 28.78 -58.36
N GLN C 161 1.83 29.28 -58.78
CA GLN C 161 0.56 28.83 -58.24
C GLN C 161 -0.12 27.82 -59.16
N ALA C 162 -0.89 26.91 -58.57
CA ALA C 162 -1.59 25.89 -59.34
C ALA C 162 -3.02 25.69 -58.83
N VAL C 163 -3.99 25.91 -59.71
CA VAL C 163 -5.39 25.76 -59.35
C VAL C 163 -6.17 25.05 -60.45
N ALA C 177 -16.46 30.90 -57.67
CA ALA C 177 -15.56 31.17 -58.80
C ALA C 177 -14.48 32.20 -58.43
N VAL C 178 -14.89 33.38 -57.90
CA VAL C 178 -14.00 34.49 -57.50
C VAL C 178 -13.75 34.45 -55.97
N ALA C 179 -14.82 34.31 -55.16
CA ALA C 179 -14.76 34.23 -53.70
C ALA C 179 -14.44 32.80 -53.21
N SER C 180 -13.78 32.01 -54.10
CA SER C 180 -13.36 30.62 -53.87
C SER C 180 -12.05 30.52 -53.06
N PHE C 181 -11.44 31.67 -52.72
CA PHE C 181 -10.21 31.76 -51.93
C PHE C 181 -10.49 31.36 -50.48
N ASN C 182 -11.51 32.03 -49.87
CA ASN C 182 -12.01 31.95 -48.48
C ASN C 182 -12.02 30.55 -47.83
N PRO C 183 -12.46 29.42 -48.45
CA PRO C 183 -12.40 28.13 -47.70
C PRO C 183 -11.03 27.87 -47.07
N GLY C 184 -9.96 28.06 -47.84
CA GLY C 184 -8.59 27.90 -47.37
C GLY C 184 -8.17 28.89 -46.31
N TYR C 185 -8.57 30.18 -46.47
CA TYR C 185 -8.24 31.27 -45.55
C TYR C 185 -8.97 31.18 -44.20
N PHE C 186 -10.31 30.90 -44.21
CA PHE C 186 -11.10 30.71 -42.98
C PHE C 186 -10.49 29.56 -42.18
N TRP C 187 -10.24 28.41 -42.85
CA TRP C 187 -9.63 27.23 -42.27
C TRP C 187 -8.21 27.51 -41.78
N MET C 188 -7.51 28.48 -42.42
CA MET C 188 -6.17 28.87 -42.00
C MET C 188 -6.22 29.72 -40.75
N PHE C 189 -7.20 30.65 -40.66
CA PHE C 189 -7.40 31.49 -39.47
C PHE C 189 -7.71 30.64 -38.23
N THR C 190 -8.54 29.58 -38.41
CA THR C 190 -8.92 28.63 -37.37
C THR C 190 -7.72 27.75 -36.98
N ASN C 191 -6.80 27.48 -37.93
CA ASN C 191 -5.59 26.71 -37.66
C ASN C 191 -4.63 27.55 -36.82
N CYS C 192 -4.58 28.88 -37.09
CA CYS C 192 -3.73 29.86 -36.41
C CYS C 192 -4.05 29.97 -34.92
N ILE C 193 -5.35 30.08 -34.58
CA ILE C 193 -5.81 30.19 -33.19
C ILE C 193 -5.63 28.85 -32.44
N THR C 194 -5.96 27.70 -33.07
CA THR C 194 -5.81 26.37 -32.47
C THR C 194 -4.35 25.97 -32.27
N SER C 195 -3.44 26.40 -33.18
CA SER C 195 -2.00 26.13 -33.08
C SER C 195 -1.41 26.91 -31.93
N ALA C 196 -1.89 28.16 -31.74
CA ALA C 196 -1.47 29.06 -30.68
C ALA C 196 -1.97 28.54 -29.33
N LEU C 197 -3.32 28.36 -29.18
CA LEU C 197 -3.97 27.87 -27.95
C LEU C 197 -3.37 26.55 -27.49
N PHE C 198 -3.13 25.59 -28.41
CA PHE C 198 -2.55 24.30 -28.08
C PHE C 198 -1.17 24.43 -27.40
N VAL C 199 -0.21 25.11 -28.05
CA VAL C 199 1.16 25.27 -27.51
C VAL C 199 1.19 26.11 -26.21
N LEU C 200 0.28 27.10 -26.07
CA LEU C 200 0.20 27.97 -24.89
C LEU C 200 -0.46 27.27 -23.68
N ILE C 201 -1.57 26.54 -23.91
CA ILE C 201 -2.30 25.83 -22.84
C ILE C 201 -1.54 24.58 -22.38
N MET C 202 -0.90 23.85 -23.33
CA MET C 202 -0.11 22.65 -23.02
C MET C 202 1.01 23.00 -22.04
N ARG C 203 1.90 23.91 -22.46
CA ARG C 203 3.05 24.42 -21.70
C ARG C 203 2.62 24.98 -20.32
N LYS C 204 1.40 25.55 -20.21
CA LYS C 204 0.82 26.08 -18.97
C LYS C 204 0.51 24.94 -17.99
N ARG C 205 -0.18 23.87 -18.45
CA ARG C 205 -0.54 22.70 -17.62
C ARG C 205 0.69 21.92 -17.16
N ILE C 206 1.70 21.77 -18.04
CA ILE C 206 2.96 21.07 -17.76
C ILE C 206 3.61 21.72 -16.52
N LYS C 207 3.78 23.06 -16.56
CA LYS C 207 4.39 23.85 -15.49
C LYS C 207 3.54 23.87 -14.22
N LEU C 208 2.20 23.79 -14.36
CA LEU C 208 1.25 23.78 -13.25
C LEU C 208 1.28 22.45 -12.50
N THR C 209 1.21 21.31 -13.23
CA THR C 209 1.18 19.98 -12.61
C THR C 209 2.55 19.27 -12.56
N ASN C 210 3.67 20.06 -12.57
CA ASN C 210 5.07 19.58 -12.51
C ASN C 210 5.26 18.28 -13.31
N PHE C 211 4.76 18.30 -14.55
CA PHE C 211 4.76 17.22 -15.51
C PHE C 211 6.12 17.10 -16.16
N LYS C 212 6.65 15.88 -16.23
CA LYS C 212 7.91 15.67 -16.90
C LYS C 212 7.63 15.29 -18.35
N ASP C 213 8.67 15.02 -19.15
CA ASP C 213 8.51 14.74 -20.58
C ASP C 213 7.81 13.41 -20.91
N PHE C 214 8.03 12.35 -20.11
CA PHE C 214 7.38 11.06 -20.32
C PHE C 214 5.90 11.13 -19.98
N ASP C 215 5.54 12.03 -19.05
CA ASP C 215 4.18 12.29 -18.58
C ASP C 215 3.38 13.01 -19.68
N THR C 216 3.96 14.07 -20.28
CA THR C 216 3.34 14.88 -21.35
C THR C 216 3.14 14.03 -22.60
N MET C 217 4.19 13.26 -23.01
CA MET C 217 4.17 12.39 -24.18
C MET C 217 3.04 11.35 -24.03
N PHE C 218 2.88 10.81 -22.82
CA PHE C 218 1.87 9.83 -22.49
C PHE C 218 0.44 10.37 -22.61
N TYR C 219 0.15 11.52 -21.94
CA TYR C 219 -1.16 12.20 -21.93
C TYR C 219 -1.60 12.76 -23.28
N ASN C 220 -0.63 13.17 -24.12
CA ASN C 220 -0.88 13.70 -25.47
C ASN C 220 -1.28 12.59 -26.43
N ASN C 221 -0.76 11.36 -26.20
CA ASN C 221 -1.02 10.20 -27.05
C ASN C 221 -2.18 9.32 -26.58
N VAL C 222 -2.34 9.14 -25.25
CA VAL C 222 -3.40 8.34 -24.65
C VAL C 222 -4.77 9.01 -24.84
N LEU C 223 -4.86 10.31 -24.52
CA LEU C 223 -6.08 11.10 -24.63
C LEU C 223 -6.44 11.45 -26.08
N ALA C 224 -5.46 11.40 -27.00
CA ALA C 224 -5.68 11.66 -28.42
C ALA C 224 -6.44 10.49 -29.06
N LEU C 225 -6.13 9.25 -28.63
CA LEU C 225 -6.73 8.00 -29.11
C LEU C 225 -8.26 8.10 -29.33
N PRO C 226 -9.13 8.50 -28.34
CA PRO C 226 -10.57 8.61 -28.65
C PRO C 226 -10.94 9.76 -29.59
N ILE C 227 -10.27 10.93 -29.46
CA ILE C 227 -10.53 12.13 -30.26
C ILE C 227 -10.15 11.88 -31.73
N LEU C 228 -9.08 11.12 -31.99
CA LEU C 228 -8.62 10.76 -33.33
C LEU C 228 -9.61 9.81 -33.99
N LEU C 229 -10.20 8.88 -33.20
CA LEU C 229 -11.21 7.93 -33.64
C LEU C 229 -12.50 8.66 -34.03
N LEU C 230 -13.01 9.52 -33.11
CA LEU C 230 -14.24 10.29 -33.32
C LEU C 230 -14.14 11.25 -34.50
N PHE C 231 -12.94 11.83 -34.73
CA PHE C 231 -12.69 12.75 -35.84
C PHE C 231 -12.70 12.01 -37.18
N SER C 232 -12.12 10.79 -37.23
CA SER C 232 -12.08 9.97 -38.44
C SER C 232 -13.45 9.49 -38.86
N PHE C 233 -14.35 9.18 -37.90
CA PHE C 233 -15.71 8.75 -38.20
C PHE C 233 -16.57 9.84 -38.84
N CYS C 234 -16.28 11.11 -38.50
CA CYS C 234 -17.01 12.29 -38.97
C CYS C 234 -16.54 12.85 -40.32
N VAL C 235 -15.25 12.68 -40.67
CA VAL C 235 -14.71 13.26 -41.91
C VAL C 235 -14.15 12.24 -42.93
N GLU C 236 -14.04 10.95 -42.57
CA GLU C 236 -13.49 9.94 -43.49
C GLU C 236 -14.48 8.85 -43.89
N ASP C 237 -14.30 8.27 -45.09
CA ASP C 237 -15.12 7.20 -45.65
C ASP C 237 -14.73 5.86 -45.03
N TRP C 238 -15.74 5.02 -44.72
CA TRP C 238 -15.55 3.71 -44.09
C TRP C 238 -16.08 2.52 -44.94
N SER C 239 -16.15 2.69 -46.28
CA SER C 239 -16.61 1.66 -47.22
C SER C 239 -15.73 0.39 -47.21
N SER C 240 -16.29 -0.69 -46.62
CA SER C 240 -15.71 -2.03 -46.36
C SER C 240 -14.69 -2.55 -47.39
N VAL C 241 -15.15 -3.27 -48.45
CA VAL C 241 -14.32 -3.91 -49.50
C VAL C 241 -13.46 -2.90 -50.28
N ASN C 242 -13.96 -1.66 -50.48
CA ASN C 242 -13.26 -0.60 -51.20
C ASN C 242 -12.07 -0.01 -50.41
N LEU C 243 -11.94 -0.39 -49.12
CA LEU C 243 -10.88 0.05 -48.22
C LEU C 243 -9.98 -1.09 -47.75
N THR C 244 -10.49 -2.34 -47.73
CA THR C 244 -9.75 -3.54 -47.32
C THR C 244 -8.55 -3.81 -48.25
N ASN C 245 -8.72 -3.59 -49.57
CA ASN C 245 -7.68 -3.77 -50.59
C ASN C 245 -6.67 -2.61 -50.64
N ASN C 246 -7.08 -1.42 -50.15
CA ASN C 246 -6.24 -0.21 -50.11
C ASN C 246 -5.43 -0.18 -48.80
N PHE C 247 -6.08 -0.50 -47.67
CA PHE C 247 -5.49 -0.49 -46.33
C PHE C 247 -5.17 -1.92 -45.87
N SER C 248 -4.30 -2.59 -46.66
CA SER C 248 -3.83 -3.96 -46.51
C SER C 248 -2.64 -4.13 -45.53
N ASN C 249 -1.94 -5.28 -45.61
CA ASN C 249 -0.76 -5.64 -44.82
C ASN C 249 0.42 -4.69 -45.06
N ASP C 250 0.52 -4.13 -46.29
CA ASP C 250 1.57 -3.19 -46.68
C ASP C 250 1.40 -1.85 -45.95
N SER C 251 0.17 -1.27 -45.97
CA SER C 251 -0.17 0.00 -45.33
C SER C 251 -0.07 -0.09 -43.80
N LEU C 252 -0.49 -1.24 -43.22
CA LEU C 252 -0.44 -1.50 -41.78
C LEU C 252 1.00 -1.48 -41.28
N THR C 253 1.92 -2.11 -42.04
CA THR C 253 3.35 -2.16 -41.75
C THR C 253 3.93 -0.74 -41.83
N ALA C 254 3.50 0.03 -42.85
CA ALA C 254 3.92 1.41 -43.07
C ALA C 254 3.50 2.37 -41.96
N MET C 255 2.27 2.20 -41.40
CA MET C 255 1.74 3.01 -40.30
C MET C 255 2.51 2.76 -39.02
N ILE C 256 2.99 1.51 -38.83
CA ILE C 256 3.78 1.09 -37.67
C ILE C 256 5.20 1.68 -37.77
N ILE C 257 5.84 1.61 -38.96
CA ILE C 257 7.18 2.16 -39.21
C ILE C 257 7.17 3.70 -39.02
N SER C 258 6.15 4.40 -39.59
CA SER C 258 5.97 5.85 -39.44
C SER C 258 5.61 6.17 -37.98
N GLY C 259 5.02 5.21 -37.29
CA GLY C 259 4.66 5.29 -35.88
C GLY C 259 5.90 5.24 -35.01
N VAL C 260 6.88 4.38 -35.39
CA VAL C 260 8.17 4.22 -34.70
C VAL C 260 8.99 5.52 -34.88
N ALA C 261 8.93 6.12 -36.10
CA ALA C 261 9.61 7.37 -36.45
C ALA C 261 9.07 8.56 -35.65
N SER C 262 7.75 8.55 -35.37
CA SER C 262 7.05 9.59 -34.61
C SER C 262 7.27 9.52 -33.09
N VAL C 263 7.85 8.41 -32.58
CA VAL C 263 8.12 8.21 -31.15
C VAL C 263 9.03 9.31 -30.59
N GLY C 264 10.13 9.59 -31.28
CA GLY C 264 11.10 10.60 -30.90
C GLY C 264 10.55 12.01 -30.85
N ILE C 265 10.01 12.48 -32.00
CA ILE C 265 9.44 13.82 -32.18
C ILE C 265 8.28 14.10 -31.18
N SER C 266 7.47 13.08 -30.80
CA SER C 266 6.37 13.26 -29.84
C SER C 266 6.90 13.49 -28.42
N TYR C 267 8.04 12.89 -28.09
CA TYR C 267 8.67 13.07 -26.78
C TYR C 267 9.36 14.43 -26.72
N CYS C 268 10.09 14.77 -27.82
CA CYS C 268 10.91 15.97 -28.00
C CYS C 268 10.13 17.26 -28.10
N SER C 269 8.95 17.25 -28.73
CA SER C 269 8.11 18.45 -28.87
C SER C 269 7.59 18.89 -27.49
N GLY C 270 7.18 17.92 -26.68
CA GLY C 270 6.71 18.10 -25.31
C GLY C 270 7.81 18.47 -24.35
N TRP C 271 9.06 18.09 -24.72
CA TRP C 271 10.28 18.39 -23.97
C TRP C 271 10.68 19.84 -24.31
N CYS C 272 10.71 20.18 -25.62
CA CYS C 272 11.05 21.50 -26.16
C CYS C 272 10.19 22.61 -25.55
N VAL C 273 8.84 22.47 -25.61
CA VAL C 273 7.89 23.44 -25.05
C VAL C 273 8.15 23.71 -23.56
N ARG C 274 8.47 22.64 -22.79
CA ARG C 274 8.69 22.69 -21.35
C ARG C 274 9.97 23.44 -20.93
N VAL C 275 11.15 22.98 -21.41
CA VAL C 275 12.45 23.58 -21.03
C VAL C 275 12.70 24.95 -21.66
N THR C 276 12.25 25.18 -22.92
CA THR C 276 12.45 26.47 -23.60
C THR C 276 11.17 27.33 -23.44
N SER C 277 10.35 27.44 -24.49
CA SER C 277 9.08 28.18 -24.50
C SER C 277 8.23 27.75 -25.68
N SER C 278 6.92 28.14 -25.68
CA SER C 278 5.98 27.86 -26.76
C SER C 278 6.40 28.59 -28.05
N THR C 279 7.09 29.74 -27.91
CA THR C 279 7.61 30.56 -29.01
C THR C 279 8.83 29.89 -29.63
N THR C 280 9.83 29.49 -28.78
CA THR C 280 11.06 28.83 -29.21
C THR C 280 10.73 27.55 -29.97
N TYR C 281 9.75 26.76 -29.46
CA TYR C 281 9.28 25.51 -30.08
C TYR C 281 8.74 25.75 -31.51
N SER C 282 7.88 26.78 -31.67
CA SER C 282 7.27 27.14 -32.94
C SER C 282 8.28 27.80 -33.90
N MET C 283 9.37 28.38 -33.34
CA MET C 283 10.47 29.01 -34.06
C MET C 283 11.40 27.92 -34.63
N VAL C 284 11.83 26.97 -33.76
CA VAL C 284 12.68 25.81 -34.06
C VAL C 284 11.96 24.90 -35.08
N GLY C 285 10.63 24.80 -34.95
CA GLY C 285 9.77 24.05 -35.87
C GLY C 285 9.77 24.66 -37.25
N ALA C 286 9.73 26.01 -37.34
CA ALA C 286 9.75 26.77 -38.60
C ALA C 286 11.15 26.76 -39.22
N LEU C 287 12.20 26.83 -38.37
CA LEU C 287 13.60 26.80 -38.78
C LEU C 287 14.03 25.44 -39.34
N ASN C 288 13.44 24.34 -38.83
CA ASN C 288 13.70 22.94 -39.20
C ASN C 288 13.43 22.63 -40.68
N LYS C 289 12.47 23.34 -41.28
CA LYS C 289 12.06 23.17 -42.68
C LYS C 289 13.15 23.62 -43.65
N LEU C 290 14.02 24.57 -43.22
CA LEU C 290 15.10 25.15 -44.03
C LEU C 290 16.22 24.15 -44.37
N PRO C 291 16.90 23.45 -43.42
CA PRO C 291 17.96 22.50 -43.82
C PRO C 291 17.49 21.34 -44.71
N ILE C 292 16.23 20.89 -44.56
CA ILE C 292 15.68 19.81 -45.39
C ILE C 292 15.43 20.33 -46.82
N ALA C 293 15.09 21.64 -46.96
CA ALA C 293 14.87 22.32 -48.24
C ALA C 293 16.21 22.55 -48.94
N LEU C 294 17.26 22.89 -48.17
CA LEU C 294 18.63 23.10 -48.65
C LEU C 294 19.23 21.78 -49.13
N SER C 295 18.84 20.65 -48.49
CA SER C 295 19.24 19.30 -48.86
C SER C 295 18.67 18.93 -50.23
N GLY C 296 17.46 19.40 -50.52
CA GLY C 296 16.81 19.20 -51.81
C GLY C 296 17.54 19.91 -52.94
N LEU C 297 18.14 21.08 -52.62
CA LEU C 297 18.91 21.89 -53.56
C LEU C 297 20.30 21.29 -53.77
N ILE C 298 20.89 20.70 -52.70
CA ILE C 298 22.23 20.10 -52.74
C ILE C 298 22.22 18.68 -53.35
N PHE C 299 21.49 17.75 -52.71
CA PHE C 299 21.42 16.35 -53.11
C PHE C 299 20.66 16.05 -54.39
N PHE C 300 19.66 16.87 -54.76
CA PHE C 300 18.84 16.56 -55.93
C PHE C 300 18.90 17.59 -57.05
N ASP C 301 19.26 17.10 -58.26
CA ASP C 301 19.35 17.81 -59.54
C ASP C 301 17.93 18.24 -59.97
N ALA C 302 17.50 19.40 -59.46
CA ALA C 302 16.17 19.95 -59.71
C ALA C 302 16.27 21.45 -60.01
N PRO C 303 15.39 22.03 -60.86
CA PRO C 303 15.52 23.47 -61.15
C PRO C 303 15.03 24.37 -60.02
N ARG C 304 15.66 25.56 -59.87
CA ARG C 304 15.34 26.55 -58.83
C ARG C 304 15.68 27.99 -59.25
N ASN C 305 15.02 28.95 -58.59
CA ASN C 305 15.21 30.39 -58.78
C ASN C 305 16.03 30.96 -57.61
N PHE C 306 16.67 32.14 -57.81
CA PHE C 306 17.46 32.81 -56.78
C PHE C 306 16.63 33.19 -55.56
N LEU C 307 15.36 33.59 -55.77
CA LEU C 307 14.42 33.98 -54.70
C LEU C 307 14.18 32.86 -53.68
N SER C 308 14.01 31.60 -54.17
CA SER C 308 13.80 30.43 -53.33
C SER C 308 15.07 30.11 -52.54
N ILE C 309 16.26 30.36 -53.14
CA ILE C 309 17.57 30.15 -52.51
C ILE C 309 17.75 31.24 -51.44
N LEU C 310 17.36 32.49 -51.77
CA LEU C 310 17.42 33.67 -50.89
C LEU C 310 16.54 33.48 -49.65
N SER C 311 15.33 32.88 -49.82
CA SER C 311 14.41 32.63 -48.71
C SER C 311 15.01 31.74 -47.62
N ILE C 312 15.81 30.73 -48.03
CA ILE C 312 16.51 29.79 -47.13
C ILE C 312 17.50 30.55 -46.22
N PHE C 313 18.33 31.43 -46.82
CA PHE C 313 19.34 32.20 -46.09
C PHE C 313 18.74 33.33 -45.25
N ILE C 314 17.57 33.89 -45.66
CA ILE C 314 16.84 34.91 -44.88
C ILE C 314 16.30 34.21 -43.62
N GLY C 315 15.75 33.01 -43.81
CA GLY C 315 15.25 32.15 -42.74
C GLY C 315 16.33 31.78 -41.74
N PHE C 316 17.59 31.61 -42.24
CA PHE C 316 18.76 31.30 -41.41
C PHE C 316 19.14 32.52 -40.56
N LEU C 317 19.13 33.73 -41.19
CA LEU C 317 19.42 35.00 -40.52
C LEU C 317 18.42 35.28 -39.39
N SER C 318 17.16 34.81 -39.57
CA SER C 318 16.07 34.92 -38.59
C SER C 318 16.37 34.10 -37.34
N GLY C 319 16.83 32.86 -37.53
CA GLY C 319 17.21 31.97 -36.43
C GLY C 319 18.46 32.44 -35.70
N ILE C 320 19.44 32.97 -36.48
CA ILE C 320 20.70 33.50 -35.97
C ILE C 320 20.45 34.71 -35.06
N ILE C 321 19.60 35.67 -35.51
CA ILE C 321 19.31 36.87 -34.71
C ILE C 321 18.32 36.53 -33.57
N TYR C 322 17.54 35.43 -33.69
CA TYR C 322 16.63 34.99 -32.62
C TYR C 322 17.45 34.39 -31.48
N ALA C 323 18.55 33.70 -31.82
CA ALA C 323 19.48 33.08 -30.88
C ALA C 323 20.20 34.16 -30.06
N VAL C 324 20.54 35.29 -30.73
CA VAL C 324 21.20 36.44 -30.11
C VAL C 324 20.19 37.14 -29.20
N ALA C 325 18.91 37.24 -29.63
CA ALA C 325 17.81 37.86 -28.88
C ALA C 325 17.58 37.18 -27.53
N LYS C 326 17.69 35.84 -27.48
CA LYS C 326 17.54 35.04 -26.27
C LYS C 326 18.78 35.26 -25.36
N GLN C 327 19.97 35.36 -25.99
CA GLN C 327 21.27 35.60 -25.32
C GLN C 327 21.29 37.01 -24.71
N LYS C 328 20.58 37.95 -25.34
CA LYS C 328 20.44 39.34 -24.91
C LYS C 328 19.55 39.42 -23.67
N LYS C 329 18.44 38.65 -23.64
CA LYS C 329 17.46 38.57 -22.55
C LYS C 329 18.11 38.15 -21.23
N GLN C 330 18.95 37.09 -21.27
CA GLN C 330 19.68 36.54 -20.12
C GLN C 330 20.50 37.60 -19.38
N GLN C 331 21.27 38.42 -20.14
CA GLN C 331 22.13 39.49 -19.63
C GLN C 331 21.37 40.78 -19.30
N ALA C 332 20.10 40.90 -19.74
CA ALA C 332 19.26 42.08 -19.53
C ALA C 332 18.10 41.86 -18.54
N GLN C 333 17.95 40.64 -17.98
CA GLN C 333 16.88 40.34 -17.01
C GLN C 333 17.43 39.97 -15.63
N SER D 16 -75.47 -37.23 -9.87
CA SER D 16 -75.64 -38.34 -10.80
C SER D 16 -74.62 -38.23 -11.90
N VAL D 17 -74.28 -37.00 -12.26
CA VAL D 17 -73.30 -36.76 -13.31
C VAL D 17 -72.40 -35.57 -12.95
N ALA D 18 -72.68 -34.95 -11.81
CA ALA D 18 -71.90 -33.80 -11.36
C ALA D 18 -70.78 -34.23 -10.42
N ASN D 19 -70.74 -35.52 -10.11
CA ASN D 19 -69.71 -36.05 -9.22
C ASN D 19 -68.62 -36.78 -10.01
N SER D 20 -67.85 -36.02 -10.78
CA SER D 20 -66.78 -36.58 -11.59
C SER D 20 -65.77 -35.52 -11.98
N GLY D 21 -64.63 -35.96 -12.53
CA GLY D 21 -63.58 -35.04 -12.95
C GLY D 21 -62.96 -34.12 -11.93
N PRO D 22 -62.63 -32.87 -12.35
CA PRO D 22 -61.98 -31.91 -11.43
C PRO D 22 -62.85 -31.34 -10.32
N ILE D 23 -64.17 -31.64 -10.33
CA ILE D 23 -65.14 -31.21 -9.31
C ILE D 23 -64.71 -31.78 -7.94
N SER D 24 -64.27 -33.05 -7.95
CA SER D 24 -63.78 -33.79 -6.79
C SER D 24 -62.56 -33.10 -6.18
N ILE D 25 -61.62 -32.63 -7.04
CA ILE D 25 -60.39 -31.93 -6.65
C ILE D 25 -60.74 -30.63 -5.94
N LEU D 26 -61.59 -29.78 -6.58
CA LEU D 26 -62.08 -28.51 -6.03
C LEU D 26 -62.77 -28.70 -4.69
N SER D 27 -63.56 -29.80 -4.57
CA SER D 27 -64.28 -30.19 -3.36
C SER D 27 -63.30 -30.64 -2.26
N TYR D 28 -62.29 -31.45 -2.62
CA TYR D 28 -61.25 -31.95 -1.71
C TYR D 28 -60.42 -30.78 -1.19
N CYS D 29 -60.15 -29.79 -2.07
CA CYS D 29 -59.40 -28.58 -1.73
C CYS D 29 -60.15 -27.72 -0.73
N GLY D 30 -61.41 -27.40 -1.06
CA GLY D 30 -62.29 -26.59 -0.22
C GLY D 30 -62.52 -27.19 1.16
N SER D 31 -62.71 -28.53 1.22
CA SER D 31 -62.91 -29.26 2.48
C SER D 31 -61.62 -29.34 3.31
N SER D 32 -60.43 -29.24 2.65
CA SER D 32 -59.13 -29.22 3.29
C SER D 32 -58.89 -27.82 3.88
N ILE D 33 -59.34 -26.77 3.15
CA ILE D 33 -59.26 -25.35 3.56
C ILE D 33 -60.14 -25.13 4.81
N LEU D 34 -61.40 -25.60 4.77
CA LEU D 34 -62.36 -25.50 5.87
C LEU D 34 -61.85 -26.19 7.13
N MET D 35 -61.20 -27.36 6.97
CA MET D 35 -60.62 -28.15 8.07
C MET D 35 -59.43 -27.45 8.70
N THR D 36 -58.63 -26.73 7.89
CA THR D 36 -57.45 -26.00 8.36
C THR D 36 -57.86 -24.75 9.14
N VAL D 37 -58.83 -23.97 8.62
CA VAL D 37 -59.31 -22.75 9.29
C VAL D 37 -60.08 -23.06 10.58
N THR D 38 -60.79 -24.22 10.63
CA THR D 38 -61.53 -24.64 11.82
C THR D 38 -60.53 -25.02 12.92
N ASN D 39 -59.49 -25.80 12.58
CA ASN D 39 -58.46 -26.25 13.51
C ASN D 39 -57.59 -25.14 14.08
N LYS D 40 -57.44 -24.00 13.37
CA LYS D 40 -56.60 -22.90 13.86
C LYS D 40 -57.38 -21.65 14.31
N PHE D 41 -58.68 -21.53 13.95
CA PHE D 41 -59.49 -20.38 14.36
C PHE D 41 -60.66 -20.75 15.29
N VAL D 42 -61.45 -21.77 14.91
CA VAL D 42 -62.62 -22.22 15.68
C VAL D 42 -62.22 -23.08 16.88
N VAL D 43 -61.64 -24.25 16.62
CA VAL D 43 -61.20 -25.22 17.63
C VAL D 43 -59.67 -25.23 17.77
N ASN D 44 -59.08 -24.03 17.91
CA ASN D 44 -57.65 -23.84 18.09
C ASN D 44 -57.17 -24.39 19.45
N LEU D 45 -55.83 -24.37 19.68
CA LEU D 45 -55.17 -24.87 20.90
C LEU D 45 -55.55 -26.34 21.13
N LYS D 46 -55.47 -27.12 20.03
CA LYS D 46 -55.76 -28.55 19.95
C LYS D 46 -54.46 -29.38 20.01
N ASP D 47 -53.59 -29.04 20.99
CA ASP D 47 -52.32 -29.73 21.30
C ASP D 47 -52.68 -30.90 22.25
N PHE D 48 -53.56 -31.77 21.73
CA PHE D 48 -54.18 -32.93 22.37
C PHE D 48 -53.21 -34.00 22.82
N ASN D 49 -53.53 -34.61 23.97
CA ASN D 49 -52.77 -35.69 24.60
C ASN D 49 -53.30 -37.06 24.12
N MET D 50 -54.57 -37.10 23.67
CA MET D 50 -55.24 -38.31 23.18
C MET D 50 -55.78 -38.12 21.75
N ASN D 51 -54.86 -38.14 20.77
CA ASN D 51 -55.13 -37.94 19.34
C ASN D 51 -56.02 -39.01 18.69
N PHE D 52 -55.86 -40.31 19.04
CA PHE D 52 -56.67 -41.40 18.49
C PHE D 52 -58.12 -41.35 18.97
N VAL D 53 -58.34 -40.83 20.19
CA VAL D 53 -59.65 -40.64 20.83
C VAL D 53 -60.37 -39.49 20.09
N MET D 54 -59.59 -38.46 19.71
CA MET D 54 -60.05 -37.30 18.95
C MET D 54 -60.51 -37.73 17.55
N LEU D 55 -59.76 -38.66 16.91
CA LEU D 55 -60.07 -39.22 15.60
C LEU D 55 -61.25 -40.20 15.68
N PHE D 56 -61.43 -40.85 16.84
CA PHE D 56 -62.52 -41.79 17.10
C PHE D 56 -63.85 -41.05 17.18
N VAL D 57 -63.83 -39.82 17.75
CA VAL D 57 -65.00 -38.95 17.86
C VAL D 57 -65.29 -38.35 16.48
N GLN D 58 -64.22 -38.03 15.71
CA GLN D 58 -64.30 -37.50 14.34
C GLN D 58 -64.95 -38.53 13.41
N SER D 59 -64.59 -39.82 13.58
CA SER D 59 -65.15 -40.93 12.80
C SER D 59 -66.56 -41.30 13.29
N LEU D 60 -66.91 -40.96 14.55
CA LEU D 60 -68.24 -41.20 15.11
C LEU D 60 -69.22 -40.19 14.50
N VAL D 61 -68.80 -38.90 14.42
CA VAL D 61 -69.57 -37.79 13.84
C VAL D 61 -69.89 -38.11 12.37
N CYS D 62 -68.88 -38.58 11.60
CA CYS D 62 -68.99 -38.97 10.19
C CYS D 62 -69.98 -40.11 9.98
N THR D 63 -69.99 -41.10 10.89
CA THR D 63 -70.89 -42.26 10.89
C THR D 63 -72.33 -41.82 11.23
N ILE D 64 -72.49 -41.00 12.30
CA ILE D 64 -73.78 -40.47 12.78
C ILE D 64 -74.45 -39.63 11.67
N THR D 65 -73.67 -38.80 10.96
CA THR D 65 -74.14 -37.97 9.85
C THR D 65 -74.66 -38.87 8.72
N LEU D 66 -73.90 -39.92 8.38
CA LEU D 66 -74.24 -40.89 7.34
C LEU D 66 -75.54 -41.65 7.60
N ILE D 67 -75.80 -42.05 8.86
CA ILE D 67 -77.02 -42.77 9.27
C ILE D 67 -78.25 -41.85 9.23
N ILE D 68 -78.11 -40.61 9.73
CA ILE D 68 -79.16 -39.58 9.72
C ILE D 68 -79.53 -39.21 8.28
N LEU D 69 -78.52 -39.00 7.41
CA LEU D 69 -78.72 -38.65 6.01
C LEU D 69 -79.30 -39.81 5.17
N ARG D 70 -79.04 -41.08 5.56
CA ARG D 70 -79.55 -42.27 4.87
C ARG D 70 -81.06 -42.39 5.07
N ILE D 71 -81.52 -42.18 6.33
CA ILE D 71 -82.93 -42.25 6.72
C ILE D 71 -83.70 -40.96 6.29
N LEU D 72 -83.00 -40.03 5.61
CA LEU D 72 -83.53 -38.76 5.09
C LEU D 72 -83.11 -38.54 3.61
N GLY D 73 -83.80 -39.25 2.72
CA GLY D 73 -83.57 -39.19 1.27
C GLY D 73 -84.55 -40.03 0.48
N PHE D 77 -78.32 -44.41 -0.70
CA PHE D 77 -77.15 -43.71 -0.19
C PHE D 77 -75.95 -44.67 -0.02
N ARG D 78 -75.95 -45.43 1.08
CA ARG D 78 -74.90 -46.38 1.47
C ARG D 78 -75.45 -47.81 1.68
N SER D 79 -74.54 -48.77 2.02
CA SER D 79 -74.88 -50.18 2.29
C SER D 79 -74.02 -50.79 3.42
N LEU D 80 -74.60 -51.76 4.17
CA LEU D 80 -73.93 -52.46 5.27
C LEU D 80 -73.71 -53.93 4.86
N ASN D 81 -72.49 -54.48 5.08
CA ASN D 81 -72.16 -55.87 4.68
C ASN D 81 -71.18 -56.59 5.62
N LYS D 82 -70.77 -57.83 5.25
CA LYS D 82 -69.84 -58.69 5.99
C LYS D 82 -68.75 -59.32 5.10
N THR D 83 -68.99 -59.39 3.76
CA THR D 83 -68.01 -59.85 2.78
C THR D 83 -67.08 -58.67 2.50
N ASP D 84 -67.69 -57.48 2.24
CA ASP D 84 -67.02 -56.20 1.98
C ASP D 84 -66.28 -55.71 3.23
N ALA D 85 -66.80 -56.03 4.42
CA ALA D 85 -66.23 -55.65 5.71
C ALA D 85 -64.87 -56.31 5.97
N LYS D 86 -64.74 -57.63 5.69
CA LYS D 86 -63.48 -58.34 5.90
C LYS D 86 -62.42 -57.99 4.83
N ASN D 87 -62.87 -57.45 3.69
CA ASN D 87 -61.99 -57.00 2.60
C ASN D 87 -61.60 -55.53 2.79
N TRP D 88 -62.44 -54.74 3.48
CA TRP D 88 -62.18 -53.33 3.76
C TRP D 88 -61.37 -53.15 5.04
N PHE D 89 -61.36 -54.18 5.91
CA PHE D 89 -60.61 -54.14 7.17
C PHE D 89 -59.11 -53.83 6.97
N PRO D 90 -58.36 -54.40 5.99
CA PRO D 90 -56.95 -54.00 5.83
C PRO D 90 -56.77 -52.52 5.45
N ILE D 91 -57.71 -51.94 4.65
CA ILE D 91 -57.71 -50.52 4.25
C ILE D 91 -57.84 -49.61 5.49
N SER D 92 -58.80 -49.94 6.37
CA SER D 92 -59.04 -49.22 7.61
C SER D 92 -57.87 -49.39 8.58
N PHE D 93 -57.24 -50.58 8.61
CA PHE D 93 -56.07 -50.85 9.44
C PHE D 93 -54.87 -50.04 8.94
N LEU D 94 -54.67 -50.00 7.60
CA LEU D 94 -53.60 -49.25 6.94
C LEU D 94 -53.75 -47.76 7.24
N LEU D 95 -55.00 -47.26 7.30
CA LEU D 95 -55.35 -45.85 7.59
C LEU D 95 -54.87 -45.46 8.99
N VAL D 96 -55.26 -46.23 10.02
CA VAL D 96 -54.91 -45.98 11.43
C VAL D 96 -53.40 -46.12 11.64
N LEU D 97 -52.78 -47.11 10.97
CA LEU D 97 -51.34 -47.35 11.05
C LEU D 97 -50.58 -46.21 10.36
N MET D 98 -51.15 -45.66 9.26
CA MET D 98 -50.61 -44.54 8.48
C MET D 98 -50.52 -43.30 9.36
N ILE D 99 -51.56 -43.05 10.19
CA ILE D 99 -51.62 -41.94 11.14
C ILE D 99 -50.59 -42.18 12.26
N TYR D 100 -50.52 -43.43 12.79
CA TYR D 100 -49.58 -43.79 13.84
C TYR D 100 -48.11 -43.64 13.42
N THR D 101 -47.76 -44.12 12.22
CA THR D 101 -46.40 -44.01 11.67
C THR D 101 -46.03 -42.54 11.41
N SER D 102 -46.99 -41.75 10.91
CA SER D 102 -46.83 -40.32 10.60
C SER D 102 -46.52 -39.46 11.82
N SER D 103 -47.32 -39.62 12.90
CA SER D 103 -47.15 -38.89 14.15
C SER D 103 -45.86 -39.30 14.86
N LYS D 104 -45.47 -40.60 14.76
CA LYS D 104 -44.22 -41.11 15.33
C LYS D 104 -43.00 -40.61 14.55
N ALA D 105 -43.17 -40.40 13.22
CA ALA D 105 -42.12 -39.87 12.35
C ALA D 105 -41.90 -38.39 12.69
N LEU D 106 -43.02 -37.62 12.78
CA LEU D 106 -43.04 -36.19 13.12
C LEU D 106 -42.58 -35.89 14.55
N GLN D 107 -42.57 -36.89 15.44
CA GLN D 107 -42.11 -36.74 16.81
C GLN D 107 -40.60 -36.46 16.82
N TYR D 108 -39.85 -37.15 15.92
CA TYR D 108 -38.39 -37.03 15.78
C TYR D 108 -37.98 -36.17 14.57
N LEU D 109 -38.80 -36.11 13.52
CA LEU D 109 -38.51 -35.34 12.30
C LEU D 109 -39.17 -33.96 12.24
N ALA D 110 -38.46 -32.99 11.66
CA ALA D 110 -38.96 -31.62 11.46
C ALA D 110 -40.00 -31.57 10.34
N VAL D 111 -40.96 -30.64 10.42
CA VAL D 111 -42.05 -30.47 9.45
C VAL D 111 -41.54 -30.32 7.98
N PRO D 112 -40.56 -29.42 7.64
CA PRO D 112 -40.13 -29.34 6.22
C PRO D 112 -39.46 -30.60 5.70
N ILE D 113 -38.78 -31.36 6.59
CA ILE D 113 -38.12 -32.65 6.28
C ILE D 113 -39.20 -33.71 6.02
N TYR D 114 -40.26 -33.73 6.85
CA TYR D 114 -41.41 -34.63 6.73
C TYR D 114 -42.08 -34.45 5.38
N THR D 115 -42.16 -33.19 4.89
CA THR D 115 -42.76 -32.85 3.60
C THR D 115 -41.92 -33.36 2.42
N ILE D 116 -40.56 -33.47 2.57
CA ILE D 116 -39.69 -33.98 1.50
C ILE D 116 -40.06 -35.45 1.20
N PHE D 117 -40.05 -36.33 2.24
CA PHE D 117 -40.39 -37.74 2.13
C PHE D 117 -41.83 -37.94 1.74
N LYS D 118 -42.74 -37.04 2.22
CA LYS D 118 -44.16 -37.10 1.88
C LYS D 118 -44.38 -36.81 0.39
N ASN D 119 -43.49 -35.99 -0.22
CA ASN D 119 -43.52 -35.66 -1.65
C ASN D 119 -42.86 -36.78 -2.45
N LEU D 120 -41.92 -37.51 -1.82
CA LEU D 120 -41.22 -38.66 -2.40
C LEU D 120 -42.16 -39.87 -2.53
N THR D 121 -43.20 -39.97 -1.64
CA THR D 121 -44.20 -41.04 -1.69
C THR D 121 -45.01 -40.96 -2.98
N ILE D 122 -45.29 -39.73 -3.47
CA ILE D 122 -46.04 -39.47 -4.71
C ILE D 122 -45.43 -40.28 -5.87
N ILE D 123 -44.09 -40.35 -5.94
CA ILE D 123 -43.35 -41.10 -6.96
C ILE D 123 -43.60 -42.61 -6.82
N LEU D 124 -43.52 -43.17 -5.59
CA LEU D 124 -43.78 -44.60 -5.41
C LEU D 124 -45.28 -44.94 -5.50
N ILE D 125 -46.18 -43.96 -5.27
CA ILE D 125 -47.63 -44.12 -5.44
C ILE D 125 -47.87 -44.17 -6.95
N ALA D 126 -47.16 -43.32 -7.72
CA ALA D 126 -47.23 -43.25 -9.18
C ALA D 126 -46.70 -44.53 -9.82
N TYR D 127 -45.54 -45.04 -9.35
CA TYR D 127 -44.96 -46.27 -9.89
C TYR D 127 -45.64 -47.52 -9.35
N GLY D 128 -46.32 -47.37 -8.20
CA GLY D 128 -47.08 -48.43 -7.56
C GLY D 128 -48.39 -48.67 -8.27
N GLU D 129 -49.01 -47.58 -8.80
CA GLU D 129 -50.25 -47.64 -9.58
C GLU D 129 -50.04 -48.35 -10.92
N VAL D 130 -48.78 -48.42 -11.41
CA VAL D 130 -48.40 -49.13 -12.63
C VAL D 130 -48.39 -50.64 -12.33
N LEU D 131 -48.08 -51.01 -11.06
CA LEU D 131 -48.05 -52.40 -10.56
C LEU D 131 -49.42 -52.89 -10.09
N PHE D 132 -50.39 -51.96 -9.93
CA PHE D 132 -51.75 -52.25 -9.48
C PHE D 132 -52.80 -52.11 -10.58
N PHE D 133 -52.67 -51.10 -11.45
CA PHE D 133 -53.63 -50.81 -12.52
C PHE D 133 -53.07 -50.95 -13.92
N GLY D 134 -51.74 -50.97 -14.03
CA GLY D 134 -51.04 -51.17 -15.30
C GLY D 134 -50.90 -49.95 -16.21
N GLY D 135 -50.79 -48.76 -15.62
CA GLY D 135 -50.63 -47.53 -16.37
C GLY D 135 -49.20 -47.32 -16.86
N SER D 136 -48.75 -46.06 -16.85
CA SER D 136 -47.40 -45.62 -17.23
C SER D 136 -47.13 -44.22 -16.67
N VAL D 137 -45.98 -44.05 -15.99
CA VAL D 137 -45.59 -42.74 -15.44
C VAL D 137 -44.89 -42.01 -16.58
N THR D 138 -45.61 -41.11 -17.27
CA THR D 138 -45.06 -40.34 -18.39
C THR D 138 -43.99 -39.40 -17.88
N SER D 139 -42.95 -39.18 -18.69
CA SER D 139 -41.80 -38.33 -18.37
C SER D 139 -42.20 -36.93 -17.86
N MET D 140 -43.37 -36.42 -18.30
CA MET D 140 -43.90 -35.12 -17.86
C MET D 140 -44.44 -35.19 -16.43
N GLU D 141 -45.09 -36.32 -16.05
CA GLU D 141 -45.59 -36.53 -14.69
C GLU D 141 -44.37 -36.66 -13.78
N LEU D 142 -43.35 -37.43 -14.22
CA LEU D 142 -42.08 -37.62 -13.52
C LEU D 142 -41.34 -36.29 -13.31
N SER D 143 -41.47 -35.34 -14.27
CA SER D 143 -40.87 -34.01 -14.20
C SER D 143 -41.55 -33.19 -13.10
N SER D 144 -42.89 -33.30 -13.00
CA SER D 144 -43.71 -32.59 -12.00
C SER D 144 -43.43 -33.08 -10.59
N PHE D 145 -43.29 -34.42 -10.40
CA PHE D 145 -42.98 -35.01 -9.11
C PHE D 145 -41.60 -34.54 -8.62
N LEU D 146 -40.66 -34.34 -9.57
CA LEU D 146 -39.30 -33.86 -9.28
C LEU D 146 -39.34 -32.38 -8.89
N LEU D 147 -40.25 -31.60 -9.50
CA LEU D 147 -40.47 -30.18 -9.19
C LEU D 147 -41.16 -30.05 -7.83
N MET D 148 -41.88 -31.11 -7.41
CA MET D 148 -42.55 -31.16 -6.11
C MET D 148 -41.51 -31.48 -5.01
N VAL D 149 -40.52 -32.35 -5.33
CA VAL D 149 -39.42 -32.70 -4.42
C VAL D 149 -38.54 -31.45 -4.25
N LEU D 150 -38.19 -30.80 -5.38
CA LEU D 150 -37.39 -29.56 -5.45
C LEU D 150 -37.97 -28.48 -4.53
N SER D 151 -39.31 -28.28 -4.59
CA SER D 151 -40.08 -27.34 -3.79
C SER D 151 -39.90 -27.63 -2.30
N SER D 152 -40.19 -28.87 -1.84
CA SER D 152 -40.06 -29.29 -0.44
C SER D 152 -38.64 -29.17 0.09
N VAL D 153 -37.63 -29.43 -0.77
CA VAL D 153 -36.20 -29.34 -0.44
C VAL D 153 -35.78 -27.88 -0.27
N VAL D 154 -36.19 -26.96 -1.18
CA VAL D 154 -35.85 -25.53 -1.09
C VAL D 154 -36.64 -24.84 0.03
N ALA D 155 -37.71 -25.48 0.55
CA ALA D 155 -38.52 -25.00 1.68
C ALA D 155 -37.76 -25.31 2.97
N THR D 156 -37.13 -26.50 3.03
CA THR D 156 -36.31 -26.99 4.13
C THR D 156 -34.98 -26.23 4.15
N TRP D 157 -34.41 -25.99 2.94
CA TRP D 157 -33.17 -25.25 2.71
C TRP D 157 -33.37 -23.82 3.25
N GLY D 158 -34.49 -23.20 2.89
CA GLY D 158 -34.78 -21.85 3.34
C GLY D 158 -35.44 -21.82 4.70
N ASP D 159 -34.96 -22.65 5.60
CA ASP D 159 -35.52 -22.72 6.96
C ASP D 159 -34.50 -23.29 7.93
N GLN D 160 -34.66 -22.93 9.21
CA GLN D 160 -33.75 -23.39 10.25
C GLN D 160 -34.45 -24.34 11.21
N GLN D 161 -34.04 -25.60 11.21
CA GLN D 161 -34.62 -26.61 12.09
C GLN D 161 -33.62 -27.12 13.12
N ALA D 162 -33.73 -26.60 14.34
CA ALA D 162 -32.82 -27.00 15.42
C ALA D 162 -33.56 -27.80 16.48
N VAL D 163 -34.27 -28.84 16.04
CA VAL D 163 -35.02 -29.69 16.96
C VAL D 163 -34.09 -30.39 17.95
N ALA D 164 -34.29 -30.11 19.23
CA ALA D 164 -33.48 -30.71 20.29
C ALA D 164 -34.35 -31.44 21.30
N ALA D 177 -25.98 -36.66 14.69
CA ALA D 177 -25.68 -37.66 15.72
C ALA D 177 -26.37 -39.00 15.42
N VAL D 178 -25.69 -40.13 15.71
CA VAL D 178 -26.19 -41.49 15.48
C VAL D 178 -27.41 -41.79 16.38
N ALA D 179 -27.41 -41.25 17.62
CA ALA D 179 -28.46 -41.43 18.61
C ALA D 179 -29.50 -40.27 18.62
N SER D 180 -30.02 -39.92 17.42
CA SER D 180 -31.02 -38.86 17.20
C SER D 180 -31.76 -39.03 15.86
N PHE D 181 -31.01 -39.43 14.81
CA PHE D 181 -31.54 -39.65 13.46
C PHE D 181 -32.33 -40.95 13.37
N ASN D 182 -31.75 -42.07 13.88
CA ASN D 182 -32.26 -43.45 13.85
C ASN D 182 -33.79 -43.66 14.22
N PRO D 183 -34.47 -42.94 15.16
CA PRO D 183 -35.90 -43.24 15.37
C PRO D 183 -36.83 -42.68 14.29
N GLY D 184 -36.68 -41.39 13.96
CA GLY D 184 -37.51 -40.69 12.98
C GLY D 184 -37.51 -41.18 11.56
N TYR D 185 -36.32 -41.49 11.02
CA TYR D 185 -36.09 -41.97 9.65
C TYR D 185 -36.72 -43.35 9.39
N PHE D 186 -36.64 -44.28 10.36
CA PHE D 186 -37.25 -45.61 10.27
C PHE D 186 -38.77 -45.44 10.26
N TRP D 187 -39.31 -44.69 11.24
CA TRP D 187 -40.74 -44.41 11.35
C TRP D 187 -41.28 -43.69 10.10
N MET D 188 -40.40 -42.95 9.39
CA MET D 188 -40.75 -42.26 8.15
C MET D 188 -40.85 -43.26 7.02
N PHE D 189 -39.84 -44.14 6.86
CA PHE D 189 -39.84 -45.19 5.85
C PHE D 189 -41.12 -46.03 5.94
N THR D 190 -41.57 -46.32 7.18
CA THR D 190 -42.80 -47.08 7.45
C THR D 190 -44.04 -46.26 7.08
N ASN D 191 -43.99 -44.91 7.25
CA ASN D 191 -45.10 -44.02 6.88
C ASN D 191 -45.22 -43.94 5.35
N CYS D 192 -44.08 -44.02 4.65
CA CYS D 192 -43.97 -43.99 3.18
C CYS D 192 -44.65 -45.21 2.55
N ILE D 193 -44.44 -46.41 3.12
CA ILE D 193 -45.03 -47.65 2.61
C ILE D 193 -46.54 -47.75 2.98
N THR D 194 -46.92 -47.41 4.23
CA THR D 194 -48.32 -47.43 4.69
C THR D 194 -49.21 -46.41 3.97
N SER D 195 -48.66 -45.21 3.66
CA SER D 195 -49.37 -44.14 2.93
C SER D 195 -49.61 -44.57 1.48
N ALA D 196 -48.61 -45.26 0.87
CA ALA D 196 -48.68 -45.79 -0.49
C ALA D 196 -49.69 -46.93 -0.56
N LEU D 197 -49.49 -48.01 0.26
CA LEU D 197 -50.37 -49.17 0.33
C LEU D 197 -51.82 -48.80 0.57
N PHE D 198 -52.07 -47.87 1.51
CA PHE D 198 -53.43 -47.42 1.82
C PHE D 198 -54.14 -46.83 0.59
N VAL D 199 -53.56 -45.81 -0.07
CA VAL D 199 -54.18 -45.16 -1.23
C VAL D 199 -54.30 -46.11 -2.44
N LEU D 200 -53.33 -47.04 -2.62
CA LEU D 200 -53.36 -48.01 -3.73
C LEU D 200 -54.42 -49.10 -3.52
N ILE D 201 -54.44 -49.73 -2.31
CA ILE D 201 -55.36 -50.81 -1.96
C ILE D 201 -56.82 -50.29 -1.83
N MET D 202 -57.04 -49.08 -1.26
CA MET D 202 -58.40 -48.51 -1.12
C MET D 202 -59.04 -48.31 -2.48
N ARG D 203 -58.34 -47.61 -3.39
CA ARG D 203 -58.77 -47.31 -4.74
C ARG D 203 -59.00 -48.60 -5.57
N LYS D 204 -58.24 -49.67 -5.28
CA LYS D 204 -58.37 -51.00 -5.90
C LYS D 204 -59.72 -51.65 -5.50
N ARG D 205 -60.03 -51.67 -4.18
CA ARG D 205 -61.27 -52.24 -3.66
C ARG D 205 -62.52 -51.48 -4.10
N ILE D 206 -62.44 -50.13 -4.15
CA ILE D 206 -63.56 -49.28 -4.59
C ILE D 206 -63.96 -49.70 -6.01
N LYS D 207 -62.98 -49.75 -6.94
CA LYS D 207 -63.19 -50.12 -8.33
C LYS D 207 -63.65 -51.57 -8.50
N LEU D 208 -63.21 -52.47 -7.58
CA LEU D 208 -63.59 -53.88 -7.58
C LEU D 208 -65.02 -54.11 -7.10
N THR D 209 -65.43 -53.50 -5.97
CA THR D 209 -66.79 -53.71 -5.43
C THR D 209 -67.80 -52.60 -5.82
N ASN D 210 -67.49 -51.80 -6.88
CA ASN D 210 -68.32 -50.70 -7.42
C ASN D 210 -68.98 -49.93 -6.25
N PHE D 211 -68.12 -49.40 -5.36
CA PHE D 211 -68.47 -48.80 -4.09
C PHE D 211 -69.23 -47.46 -4.16
N LYS D 212 -68.63 -46.39 -4.70
CA LYS D 212 -69.22 -45.03 -4.75
C LYS D 212 -69.20 -44.34 -3.38
N ASP D 213 -68.53 -43.19 -3.35
CA ASP D 213 -68.24 -42.22 -2.28
C ASP D 213 -68.99 -42.35 -0.92
N PHE D 214 -70.34 -42.51 -0.88
CA PHE D 214 -71.03 -42.66 0.42
C PHE D 214 -70.69 -43.98 1.12
N ASP D 215 -70.44 -45.04 0.33
CA ASP D 215 -70.07 -46.37 0.82
C ASP D 215 -68.60 -46.36 1.25
N THR D 216 -67.73 -45.65 0.49
CA THR D 216 -66.29 -45.54 0.77
C THR D 216 -66.08 -44.80 2.10
N MET D 217 -66.76 -43.65 2.29
CA MET D 217 -66.71 -42.83 3.50
C MET D 217 -67.23 -43.62 4.71
N PHE D 218 -68.35 -44.35 4.52
CA PHE D 218 -68.99 -45.17 5.55
C PHE D 218 -68.08 -46.27 6.09
N TYR D 219 -67.54 -47.13 5.20
CA TYR D 219 -66.66 -48.24 5.55
C TYR D 219 -65.36 -47.80 6.21
N ASN D 220 -64.73 -46.72 5.68
CA ASN D 220 -63.49 -46.16 6.23
C ASN D 220 -63.65 -45.67 7.67
N ASN D 221 -64.82 -45.09 8.00
CA ASN D 221 -65.15 -44.54 9.32
C ASN D 221 -65.69 -45.58 10.30
N VAL D 222 -66.59 -46.47 9.83
CA VAL D 222 -67.21 -47.52 10.64
C VAL D 222 -66.17 -48.54 11.09
N LEU D 223 -65.34 -49.03 10.16
CA LEU D 223 -64.30 -50.02 10.43
C LEU D 223 -63.08 -49.42 11.17
N ALA D 224 -62.91 -48.07 11.11
CA ALA D 224 -61.82 -47.35 11.78
C ALA D 224 -62.08 -47.30 13.28
N LEU D 225 -63.37 -47.17 13.67
CA LEU D 225 -63.84 -47.11 15.06
C LEU D 225 -63.15 -48.14 16.01
N PRO D 226 -63.14 -49.49 15.74
CA PRO D 226 -62.44 -50.40 16.66
C PRO D 226 -60.91 -50.29 16.64
N ILE D 227 -60.32 -50.06 15.44
CA ILE D 227 -58.87 -49.94 15.25
C ILE D 227 -58.33 -48.69 15.95
N LEU D 228 -59.09 -47.58 15.93
CA LEU D 228 -58.74 -46.32 16.58
C LEU D 228 -58.76 -46.49 18.11
N LEU D 229 -59.73 -47.28 18.62
CA LEU D 229 -59.87 -47.60 20.04
C LEU D 229 -58.71 -48.45 20.52
N LEU D 230 -58.42 -49.55 19.80
CA LEU D 230 -57.33 -50.47 20.12
C LEU D 230 -55.96 -49.82 20.07
N PHE D 231 -55.76 -48.87 19.12
CA PHE D 231 -54.51 -48.13 18.97
C PHE D 231 -54.30 -47.16 20.13
N SER D 232 -55.38 -46.49 20.59
CA SER D 232 -55.31 -45.54 21.71
C SER D 232 -54.99 -46.23 23.03
N PHE D 233 -55.49 -47.47 23.25
CA PHE D 233 -55.23 -48.23 24.48
C PHE D 233 -53.75 -48.64 24.60
N CYS D 234 -53.08 -48.86 23.46
CA CYS D 234 -51.69 -49.31 23.38
C CYS D 234 -50.65 -48.19 23.44
N VAL D 235 -50.98 -46.96 22.99
CA VAL D 235 -50.00 -45.88 22.94
C VAL D 235 -50.36 -44.62 23.78
N GLU D 236 -51.57 -44.55 24.36
CA GLU D 236 -51.98 -43.39 25.15
C GLU D 236 -52.25 -43.70 26.63
N ASP D 237 -52.07 -42.69 27.50
CA ASP D 237 -52.30 -42.77 28.94
C ASP D 237 -53.79 -42.65 29.24
N TRP D 238 -54.29 -43.47 30.20
CA TRP D 238 -55.70 -43.51 30.60
C TRP D 238 -55.94 -43.19 32.09
N SER D 239 -55.02 -42.40 32.72
CA SER D 239 -55.11 -42.00 34.13
C SER D 239 -56.36 -41.14 34.42
N SER D 240 -57.36 -41.76 35.12
CA SER D 240 -58.70 -41.27 35.49
C SER D 240 -58.83 -39.75 35.78
N VAL D 241 -58.61 -39.31 37.04
CA VAL D 241 -58.75 -37.92 37.53
C VAL D 241 -57.82 -36.93 36.79
N ASN D 242 -56.62 -37.39 36.41
CA ASN D 242 -55.61 -36.58 35.69
C ASN D 242 -56.00 -36.28 34.23
N LEU D 243 -57.07 -36.94 33.73
CA LEU D 243 -57.59 -36.78 32.37
C LEU D 243 -59.01 -36.21 32.33
N THR D 244 -59.80 -36.40 33.41
CA THR D 244 -61.18 -35.91 33.53
C THR D 244 -61.23 -34.36 33.49
N ASN D 245 -60.25 -33.69 34.14
CA ASN D 245 -60.13 -32.22 34.18
C ASN D 245 -59.53 -31.63 32.89
N ASN D 246 -58.80 -32.46 32.12
CA ASN D 246 -58.18 -32.03 30.85
C ASN D 246 -59.14 -32.26 29.70
N PHE D 247 -59.83 -33.42 29.68
CA PHE D 247 -60.77 -33.81 28.63
C PHE D 247 -62.22 -33.62 29.11
N SER D 248 -62.55 -32.36 29.43
CA SER D 248 -63.84 -31.87 29.96
C SER D 248 -64.87 -31.55 28.86
N ASN D 249 -65.93 -30.78 29.23
CA ASN D 249 -67.02 -30.33 28.35
C ASN D 249 -66.53 -29.45 27.21
N ASP D 250 -65.43 -28.69 27.43
CA ASP D 250 -64.81 -27.81 26.44
C ASP D 250 -64.16 -28.63 25.31
N SER D 251 -63.34 -29.63 25.67
CA SER D 251 -62.63 -30.51 24.73
C SER D 251 -63.60 -31.39 23.93
N LEU D 252 -64.67 -31.88 24.59
CA LEU D 252 -65.71 -32.71 23.98
C LEU D 252 -66.44 -31.93 22.88
N THR D 253 -66.76 -30.65 23.14
CA THR D 253 -67.41 -29.75 22.19
C THR D 253 -66.47 -29.50 21.01
N ALA D 254 -65.16 -29.31 21.30
CA ALA D 254 -64.12 -29.08 20.31
C ALA D 254 -63.89 -30.27 19.36
N MET D 255 -63.98 -31.52 19.88
CA MET D 255 -63.82 -32.76 19.10
C MET D 255 -64.99 -32.95 18.16
N ILE D 256 -66.20 -32.50 18.57
CA ILE D 256 -67.43 -32.56 17.78
C ILE D 256 -67.36 -31.53 16.64
N ILE D 257 -66.92 -30.28 16.93
CA ILE D 257 -66.77 -29.21 15.93
C ILE D 257 -65.71 -29.60 14.88
N SER D 258 -64.55 -30.13 15.32
CA SER D 258 -63.49 -30.60 14.43
C SER D 258 -63.96 -31.86 13.67
N GLY D 259 -64.91 -32.58 14.27
CA GLY D 259 -65.55 -33.76 13.70
C GLY D 259 -66.48 -33.37 12.56
N VAL D 260 -67.21 -32.24 12.73
CA VAL D 260 -68.13 -31.67 11.73
C VAL D 260 -67.31 -31.16 10.53
N ALA D 261 -66.14 -30.55 10.81
CA ALA D 261 -65.21 -30.03 9.81
C ALA D 261 -64.60 -31.15 8.95
N SER D 262 -64.35 -32.33 9.58
CA SER D 262 -63.78 -33.52 8.93
C SER D 262 -64.79 -34.30 8.07
N VAL D 263 -66.10 -34.01 8.18
CA VAL D 263 -67.17 -34.68 7.43
C VAL D 263 -66.95 -34.55 5.90
N GLY D 264 -66.69 -33.32 5.45
CA GLY D 264 -66.46 -33.02 4.04
C GLY D 264 -65.24 -33.70 3.44
N ILE D 265 -64.06 -33.46 4.05
CA ILE D 265 -62.77 -34.00 3.62
C ILE D 265 -62.76 -35.56 3.60
N SER D 266 -63.49 -36.23 4.52
CA SER D 266 -63.57 -37.69 4.55
C SER D 266 -64.38 -38.25 3.38
N TYR D 267 -65.38 -37.50 2.91
CA TYR D 267 -66.20 -37.89 1.78
C TYR D 267 -65.42 -37.64 0.48
N CYS D 268 -64.77 -36.46 0.41
CA CYS D 268 -64.01 -35.93 -0.73
C CYS D 268 -62.73 -36.68 -1.05
N SER D 269 -62.00 -37.17 -0.02
CA SER D 269 -60.76 -37.92 -0.24
C SER D 269 -61.05 -39.26 -0.92
N GLY D 270 -62.14 -39.92 -0.49
CA GLY D 270 -62.62 -41.17 -1.03
C GLY D 270 -63.26 -41.01 -2.39
N TRP D 271 -63.72 -39.78 -2.68
CA TRP D 271 -64.31 -39.37 -3.96
C TRP D 271 -63.15 -39.12 -4.94
N CYS D 272 -62.15 -38.32 -4.51
CA CYS D 272 -60.95 -37.94 -5.27
C CYS D 272 -60.20 -39.17 -5.78
N VAL D 273 -59.84 -40.13 -4.89
CA VAL D 273 -59.14 -41.37 -5.25
C VAL D 273 -59.87 -42.16 -6.33
N ARG D 274 -61.22 -42.23 -6.23
CA ARG D 274 -62.09 -42.98 -7.13
C ARG D 274 -62.16 -42.40 -8.55
N VAL D 275 -62.61 -41.14 -8.70
CA VAL D 275 -62.80 -40.51 -10.01
C VAL D 275 -61.49 -40.15 -10.71
N THR D 276 -60.44 -39.73 -9.95
CA THR D 276 -59.15 -39.37 -10.55
C THR D 276 -58.18 -40.59 -10.44
N SER D 277 -57.23 -40.56 -9.51
CA SER D 277 -56.27 -41.64 -9.26
C SER D 277 -55.62 -41.44 -7.89
N SER D 278 -54.93 -42.48 -7.38
CA SER D 278 -54.21 -42.44 -6.10
C SER D 278 -53.03 -41.46 -6.16
N THR D 279 -52.46 -41.24 -7.36
CA THR D 279 -51.38 -40.30 -7.60
C THR D 279 -51.92 -38.88 -7.56
N THR D 280 -53.02 -38.60 -8.31
CA THR D 280 -53.67 -37.28 -8.39
C THR D 280 -54.09 -36.83 -6.99
N TYR D 281 -54.67 -37.75 -6.19
CA TYR D 281 -55.09 -37.50 -4.80
C TYR D 281 -53.92 -37.04 -3.92
N SER D 282 -52.78 -37.77 -4.00
CA SER D 282 -51.59 -37.47 -3.22
C SER D 282 -50.85 -36.22 -3.73
N MET D 283 -51.10 -35.85 -5.02
CA MET D 283 -50.54 -34.68 -5.68
C MET D 283 -51.33 -33.43 -5.24
N VAL D 284 -52.69 -33.50 -5.33
CA VAL D 284 -53.66 -32.46 -4.93
C VAL D 284 -53.51 -32.21 -3.40
N GLY D 285 -53.26 -33.27 -2.65
CA GLY D 285 -53.01 -33.21 -1.21
C GLY D 285 -51.75 -32.43 -0.87
N ALA D 286 -50.68 -32.65 -1.67
CA ALA D 286 -49.38 -31.95 -1.52
C ALA D 286 -49.47 -30.50 -2.00
N LEU D 287 -50.23 -30.26 -3.08
CA LEU D 287 -50.46 -28.94 -3.67
C LEU D 287 -51.29 -28.03 -2.76
N ASN D 288 -52.23 -28.61 -1.99
CA ASN D 288 -53.15 -27.94 -1.06
C ASN D 288 -52.45 -27.15 0.05
N LYS D 289 -51.25 -27.61 0.46
CA LYS D 289 -50.44 -27.01 1.52
C LYS D 289 -49.88 -25.64 1.10
N LEU D 290 -49.69 -25.43 -0.21
CA LEU D 290 -49.14 -24.20 -0.79
C LEU D 290 -50.05 -22.97 -0.62
N PRO D 291 -51.34 -22.95 -1.05
CA PRO D 291 -52.15 -21.73 -0.86
C PRO D 291 -52.37 -21.33 0.60
N ILE D 292 -52.38 -22.30 1.54
CA ILE D 292 -52.54 -22.00 2.97
C ILE D 292 -51.25 -21.35 3.52
N ALA D 293 -50.09 -21.74 2.95
CA ALA D 293 -48.76 -21.20 3.29
C ALA D 293 -48.62 -19.78 2.74
N LEU D 294 -49.15 -19.55 1.51
CA LEU D 294 -49.14 -18.25 0.84
C LEU D 294 -50.05 -17.27 1.58
N SER D 295 -51.15 -17.78 2.18
CA SER D 295 -52.09 -17.01 3.00
C SER D 295 -51.40 -16.50 4.27
N GLY D 296 -50.49 -17.30 4.83
CA GLY D 296 -49.70 -16.91 5.99
C GLY D 296 -48.78 -15.75 5.67
N LEU D 297 -48.22 -15.74 4.44
CA LEU D 297 -47.33 -14.70 3.95
C LEU D 297 -48.11 -13.43 3.63
N ILE D 298 -49.35 -13.56 3.12
CA ILE D 298 -50.22 -12.43 2.75
C ILE D 298 -50.93 -11.82 3.96
N PHE D 299 -51.76 -12.62 4.65
CA PHE D 299 -52.58 -12.18 5.78
C PHE D 299 -51.82 -11.88 7.07
N PHE D 300 -50.66 -12.53 7.30
CA PHE D 300 -49.95 -12.34 8.57
C PHE D 300 -48.56 -11.74 8.45
N ASP D 301 -48.36 -10.62 9.17
CA ASP D 301 -47.11 -9.85 9.28
C ASP D 301 -46.09 -10.69 10.06
N ALA D 302 -45.36 -11.55 9.33
CA ALA D 302 -44.37 -12.47 9.88
C ALA D 302 -43.11 -12.46 9.03
N PRO D 303 -41.90 -12.65 9.60
CA PRO D 303 -40.69 -12.62 8.77
C PRO D 303 -40.49 -13.86 7.91
N ARG D 304 -39.88 -13.69 6.71
CA ARG D 304 -39.62 -14.77 5.73
C ARG D 304 -38.43 -14.50 4.82
N ASN D 305 -37.85 -15.57 4.26
CA ASN D 305 -36.73 -15.57 3.33
C ASN D 305 -37.24 -15.80 1.89
N PHE D 306 -36.44 -15.41 0.88
CA PHE D 306 -36.77 -15.59 -0.53
C PHE D 306 -36.93 -17.06 -0.91
N LEU D 307 -36.11 -17.95 -0.31
CA LEU D 307 -36.13 -19.39 -0.56
C LEU D 307 -37.49 -20.03 -0.23
N SER D 308 -38.10 -19.63 0.93
CA SER D 308 -39.40 -20.13 1.35
C SER D 308 -40.50 -19.61 0.43
N ILE D 309 -40.35 -18.38 -0.12
CA ILE D 309 -41.27 -17.77 -1.09
C ILE D 309 -41.14 -18.51 -2.43
N LEU D 310 -39.89 -18.81 -2.82
CA LEU D 310 -39.52 -19.52 -4.04
C LEU D 310 -40.09 -20.95 -4.05
N SER D 311 -40.06 -21.64 -2.89
CA SER D 311 -40.59 -22.99 -2.75
C SER D 311 -42.08 -23.08 -3.10
N ILE D 312 -42.87 -22.05 -2.72
CA ILE D 312 -44.31 -21.95 -2.98
C ILE D 312 -44.59 -21.91 -4.49
N PHE D 313 -43.83 -21.06 -5.23
CA PHE D 313 -44.00 -20.90 -6.68
C PHE D 313 -43.43 -22.07 -7.48
N ILE D 314 -42.41 -22.80 -6.95
CA ILE D 314 -41.86 -24.01 -7.56
C ILE D 314 -42.94 -25.09 -7.46
N GLY D 315 -43.56 -25.19 -6.27
CA GLY D 315 -44.66 -26.09 -5.99
C GLY D 315 -45.85 -25.86 -6.90
N PHE D 316 -46.10 -24.57 -7.26
CA PHE D 316 -47.18 -24.16 -8.16
C PHE D 316 -46.86 -24.62 -9.58
N LEU D 317 -45.60 -24.45 -10.03
CA LEU D 317 -45.12 -24.86 -11.35
C LEU D 317 -45.24 -26.38 -11.52
N SER D 318 -45.10 -27.13 -10.40
CA SER D 318 -45.23 -28.58 -10.32
C SER D 318 -46.66 -29.02 -10.63
N GLY D 319 -47.64 -28.35 -10.02
CA GLY D 319 -49.05 -28.62 -10.24
C GLY D 319 -49.52 -28.21 -11.62
N ILE D 320 -48.98 -27.08 -12.14
CA ILE D 320 -49.27 -26.54 -13.46
C ILE D 320 -48.80 -27.52 -14.55
N ILE D 321 -47.55 -28.02 -14.44
CA ILE D 321 -47.03 -28.96 -15.45
C ILE D 321 -47.63 -30.38 -15.25
N TYR D 322 -48.14 -30.70 -14.03
CA TYR D 322 -48.81 -31.98 -13.77
C TYR D 322 -50.18 -32.00 -14.45
N ALA D 323 -50.85 -30.83 -14.47
CA ALA D 323 -52.15 -30.62 -15.10
C ALA D 323 -52.03 -30.78 -16.62
N VAL D 324 -50.91 -30.30 -17.19
CA VAL D 324 -50.61 -30.39 -18.63
C VAL D 324 -50.29 -31.85 -18.96
N ALA D 325 -49.56 -32.55 -18.05
CA ALA D 325 -49.18 -33.96 -18.19
C ALA D 325 -50.40 -34.88 -18.33
N LYS D 326 -51.47 -34.59 -17.56
CA LYS D 326 -52.72 -35.34 -17.58
C LYS D 326 -53.48 -35.03 -18.89
N GLN D 327 -53.42 -33.75 -19.33
CA GLN D 327 -54.03 -33.24 -20.57
C GLN D 327 -53.34 -33.86 -21.79
N LYS D 328 -52.04 -34.15 -21.66
CA LYS D 328 -51.20 -34.76 -22.68
C LYS D 328 -51.58 -36.22 -22.87
N LYS D 329 -51.81 -36.96 -21.74
CA LYS D 329 -52.19 -38.38 -21.69
C LYS D 329 -53.48 -38.64 -22.48
N GLN D 330 -54.52 -37.81 -22.27
CA GLN D 330 -55.83 -37.91 -22.92
C GLN D 330 -55.73 -37.93 -24.44
N GLN D 331 -54.92 -37.01 -25.02
CA GLN D 331 -54.70 -36.85 -26.46
C GLN D 331 -53.67 -37.85 -27.02
N ALA D 332 -52.91 -38.53 -26.15
CA ALA D 332 -51.88 -39.50 -26.53
C ALA D 332 -52.23 -40.98 -26.24
N GLN D 333 -53.42 -41.25 -25.65
CA GLN D 333 -53.85 -42.62 -25.35
C GLN D 333 -55.10 -43.03 -26.14
N SER E 16 41.48 10.78 38.63
CA SER E 16 41.91 10.31 37.32
C SER E 16 43.11 11.11 36.82
N VAL E 17 43.16 12.41 37.14
CA VAL E 17 44.24 13.36 36.76
C VAL E 17 44.38 13.75 35.28
N ALA E 18 44.44 12.77 34.40
CA ALA E 18 44.50 13.05 33.00
C ALA E 18 43.05 13.06 32.60
N ASN E 19 42.23 13.72 33.42
CA ASN E 19 40.82 13.83 33.14
C ASN E 19 40.61 15.31 33.20
N SER E 20 41.46 16.03 32.50
CA SER E 20 41.37 17.50 32.40
C SER E 20 42.01 18.11 31.13
N GLY E 21 41.57 19.34 30.82
CA GLY E 21 42.06 20.17 29.73
C GLY E 21 41.81 19.72 28.31
N PRO E 22 42.80 19.97 27.41
CA PRO E 22 42.63 19.61 25.98
C PRO E 22 42.66 18.12 25.65
N ILE E 23 42.96 17.25 26.65
CA ILE E 23 42.99 15.79 26.50
C ILE E 23 41.58 15.31 26.12
N SER E 24 40.54 15.90 26.74
CA SER E 24 39.12 15.63 26.49
C SER E 24 38.75 15.95 25.05
N ILE E 25 39.26 17.08 24.51
CA ILE E 25 39.03 17.55 23.15
C ILE E 25 39.60 16.53 22.15
N LEU E 26 40.90 16.16 22.33
CA LEU E 26 41.61 15.17 21.50
C LEU E 26 40.89 13.82 21.51
N SER E 27 40.35 13.44 22.69
CA SER E 27 39.60 12.20 22.90
C SER E 27 38.25 12.27 22.19
N TYR E 28 37.54 13.41 22.32
CA TYR E 28 36.23 13.65 21.69
C TYR E 28 36.37 13.64 20.17
N CYS E 29 37.49 14.21 19.67
CA CYS E 29 37.82 14.25 18.25
C CYS E 29 38.05 12.86 17.70
N GLY E 30 38.94 12.10 18.33
CA GLY E 30 39.28 10.74 17.94
C GLY E 30 38.09 9.80 17.93
N SER E 31 37.20 9.94 18.94
CA SER E 31 35.98 9.14 19.09
C SER E 31 34.94 9.51 18.03
N SER E 32 34.97 10.76 17.54
CA SER E 32 34.10 11.26 16.48
C SER E 32 34.59 10.71 15.13
N ILE E 33 35.93 10.66 14.95
CA ILE E 33 36.61 10.14 13.76
C ILE E 33 36.29 8.64 13.61
N LEU E 34 36.48 7.86 14.70
CA LEU E 34 36.22 6.42 14.77
C LEU E 34 34.77 6.10 14.43
N MET E 35 33.83 6.91 14.93
CA MET E 35 32.39 6.76 14.70
C MET E 35 32.02 7.04 13.24
N THR E 36 32.69 8.00 12.60
CA THR E 36 32.45 8.36 11.20
C THR E 36 32.97 7.27 10.25
N VAL E 37 34.20 6.77 10.48
CA VAL E 37 34.81 5.72 9.66
C VAL E 37 34.09 4.37 9.81
N THR E 38 33.55 4.09 11.01
CA THR E 38 32.82 2.84 11.27
C THR E 38 31.49 2.88 10.50
N ASN E 39 30.76 4.01 10.57
CA ASN E 39 29.48 4.17 9.90
C ASN E 39 29.55 4.16 8.36
N LYS E 40 30.71 4.52 7.76
CA LYS E 40 30.84 4.55 6.30
C LYS E 40 31.73 3.42 5.73
N PHE E 41 32.54 2.73 6.55
CA PHE E 41 33.40 1.64 6.08
C PHE E 41 33.05 0.27 6.69
N VAL E 42 32.89 0.19 8.02
CA VAL E 42 32.57 -1.06 8.72
C VAL E 42 31.08 -1.43 8.60
N VAL E 43 30.20 -0.59 9.16
CA VAL E 43 28.74 -0.77 9.17
C VAL E 43 28.07 0.20 8.19
N ASN E 44 28.58 0.24 6.95
CA ASN E 44 28.04 1.08 5.87
C ASN E 44 26.65 0.57 5.42
N LEU E 45 26.00 1.29 4.48
CA LEU E 45 24.65 1.00 3.96
C LEU E 45 23.64 0.96 5.14
N LYS E 46 23.78 1.97 6.01
CA LYS E 46 22.97 2.18 7.22
C LYS E 46 21.90 3.26 6.96
N ASP E 47 21.19 3.13 5.81
CA ASP E 47 20.08 3.99 5.38
C ASP E 47 18.82 3.38 6.04
N PHE E 48 18.86 3.33 7.38
CA PHE E 48 17.88 2.74 8.28
C PHE E 48 16.50 3.38 8.26
N ASN E 49 15.49 2.53 8.40
CA ASN E 49 14.08 2.91 8.44
C ASN E 49 13.63 3.16 9.88
N MET E 50 14.34 2.56 10.86
CA MET E 50 14.06 2.68 12.30
C MET E 50 15.28 3.19 13.07
N ASN E 51 15.56 4.51 12.93
CA ASN E 51 16.70 5.21 13.53
C ASN E 51 16.70 5.25 15.07
N PHE E 52 15.53 5.43 15.72
CA PHE E 52 15.41 5.48 17.19
C PHE E 52 15.67 4.11 17.83
N VAL E 53 15.33 3.02 17.10
CA VAL E 53 15.53 1.61 17.50
C VAL E 53 17.05 1.34 17.46
N MET E 54 17.72 1.90 16.44
CA MET E 54 19.17 1.82 16.22
C MET E 54 19.91 2.51 17.37
N LEU E 55 19.39 3.68 17.82
CA LEU E 55 19.95 4.46 18.92
C LEU E 55 19.65 3.80 20.27
N PHE E 56 18.53 3.04 20.35
CA PHE E 56 18.13 2.32 21.55
C PHE E 56 19.07 1.14 21.81
N VAL E 57 19.55 0.50 20.73
CA VAL E 57 20.52 -0.61 20.79
C VAL E 57 21.91 -0.02 21.11
N GLN E 58 22.21 1.18 20.56
CA GLN E 58 23.46 1.93 20.81
C GLN E 58 23.56 2.31 22.28
N SER E 59 22.44 2.75 22.88
CA SER E 59 22.36 3.11 24.29
C SER E 59 22.32 1.88 25.21
N LEU E 60 21.90 0.71 24.67
CA LEU E 60 21.88 -0.56 25.41
C LEU E 60 23.31 -1.08 25.55
N VAL E 61 24.10 -1.02 24.44
CA VAL E 61 25.51 -1.42 24.37
C VAL E 61 26.32 -0.59 25.38
N CYS E 62 26.11 0.74 25.41
CA CYS E 62 26.76 1.68 26.33
C CYS E 62 26.48 1.32 27.78
N THR E 63 25.21 1.00 28.11
CA THR E 63 24.74 0.61 29.45
C THR E 63 25.36 -0.73 29.88
N ILE E 64 25.31 -1.75 28.98
CA ILE E 64 25.87 -3.09 29.20
C ILE E 64 27.39 -3.02 29.46
N THR E 65 28.12 -2.18 28.70
CA THR E 65 29.57 -1.96 28.84
C THR E 65 29.84 -1.37 30.23
N LEU E 66 29.06 -0.35 30.63
CA LEU E 66 29.16 0.34 31.92
C LEU E 66 28.97 -0.58 33.12
N ILE E 67 28.00 -1.52 33.06
CA ILE E 67 27.71 -2.47 34.14
C ILE E 67 28.83 -3.53 34.27
N ILE E 68 29.31 -4.05 33.13
CA ILE E 68 30.40 -5.04 33.04
C ILE E 68 31.70 -4.42 33.58
N LEU E 69 32.01 -3.19 33.16
CA LEU E 69 33.21 -2.47 33.59
C LEU E 69 33.18 -2.04 35.06
N ARG E 70 31.97 -1.82 35.63
CA ARG E 70 31.80 -1.43 37.04
C ARG E 70 32.15 -2.61 37.95
N ILE E 71 31.67 -3.82 37.59
CA ILE E 71 31.91 -5.06 38.35
C ILE E 71 33.34 -5.62 38.08
N LEU E 72 34.14 -4.90 37.26
CA LEU E 72 35.52 -5.23 36.91
C LEU E 72 36.46 -4.00 37.08
N GLY E 73 36.80 -3.71 38.34
CA GLY E 73 37.66 -2.61 38.71
C GLY E 73 37.92 -2.53 40.21
N PHE E 77 33.42 3.69 39.98
CA PHE E 77 33.10 3.98 38.60
C PHE E 77 31.90 4.95 38.48
N ARG E 78 30.66 4.42 38.52
CA ARG E 78 29.40 5.17 38.37
C ARG E 78 28.46 5.02 39.59
N SER E 79 27.22 5.56 39.49
CA SER E 79 26.20 5.50 40.56
C SER E 79 24.76 5.34 40.02
N LEU E 80 23.88 4.71 40.82
CA LEU E 80 22.45 4.53 40.52
C LEU E 80 21.62 5.32 41.55
N ASN E 81 20.64 6.15 41.10
CA ASN E 81 19.83 6.99 42.02
C ASN E 81 18.39 7.24 41.56
N LYS E 82 17.65 8.08 42.32
CA LYS E 82 16.25 8.47 42.07
C LYS E 82 16.01 9.98 42.21
N THR E 83 16.91 10.70 42.92
CA THR E 83 16.87 12.17 43.05
C THR E 83 17.51 12.73 41.78
N ASP E 84 18.70 12.18 41.41
CA ASP E 84 19.48 12.51 40.23
C ASP E 84 18.75 12.11 38.95
N ALA E 85 17.95 11.02 39.02
CA ALA E 85 17.16 10.50 37.90
C ALA E 85 16.05 11.44 37.46
N LYS E 86 15.30 12.03 38.41
CA LYS E 86 14.23 12.96 38.06
C LYS E 86 14.75 14.34 37.62
N ASN E 87 16.02 14.66 37.96
CA ASN E 87 16.70 15.88 37.56
C ASN E 87 17.44 15.70 36.23
N TRP E 88 17.84 14.46 35.91
CA TRP E 88 18.51 14.15 34.66
C TRP E 88 17.52 13.82 33.55
N PHE E 89 16.26 13.48 33.91
CA PHE E 89 15.21 13.16 32.95
C PHE E 89 14.99 14.27 31.89
N PRO E 90 14.95 15.58 32.24
CA PRO E 90 14.83 16.60 31.17
C PRO E 90 16.02 16.63 30.21
N ILE E 91 17.26 16.41 30.71
CA ILE E 91 18.50 16.33 29.91
C ILE E 91 18.38 15.21 28.86
N SER E 92 17.95 14.01 29.29
CA SER E 92 17.75 12.84 28.44
C SER E 92 16.61 13.07 27.46
N PHE E 93 15.53 13.76 27.88
CA PHE E 93 14.41 14.10 27.01
C PHE E 93 14.86 15.09 25.93
N LEU E 94 15.63 16.12 26.33
CA LEU E 94 16.18 17.14 25.45
C LEU E 94 17.07 16.50 24.40
N LEU E 95 17.84 15.47 24.78
CA LEU E 95 18.76 14.71 23.91
C LEU E 95 17.99 14.02 22.78
N VAL E 96 16.95 13.24 23.12
CA VAL E 96 16.13 12.49 22.16
C VAL E 96 15.35 13.46 21.26
N LEU E 97 14.86 14.57 21.83
CA LEU E 97 14.13 15.60 21.08
C LEU E 97 15.07 16.33 20.12
N MET E 98 16.35 16.53 20.56
CA MET E 98 17.42 17.18 19.78
C MET E 98 17.67 16.37 18.51
N ILE E 99 17.73 15.03 18.64
CA ILE E 99 17.92 14.08 17.53
C ILE E 99 16.68 14.12 16.61
N TYR E 100 15.46 14.11 17.21
CA TYR E 100 14.20 14.15 16.45
C TYR E 100 14.05 15.40 15.62
N THR E 101 14.35 16.58 16.20
CA THR E 101 14.26 17.84 15.47
C THR E 101 15.36 17.97 14.41
N SER E 102 16.56 17.40 14.68
CA SER E 102 17.70 17.40 13.76
C SER E 102 17.39 16.58 12.51
N SER E 103 16.86 15.34 12.69
CA SER E 103 16.48 14.44 11.62
C SER E 103 15.34 15.03 10.76
N LYS E 104 14.33 15.64 11.43
CA LYS E 104 13.18 16.29 10.79
C LYS E 104 13.59 17.58 10.04
N ALA E 105 14.62 18.28 10.53
CA ALA E 105 15.15 19.49 9.87
C ALA E 105 15.89 19.06 8.62
N LEU E 106 16.76 18.04 8.74
CA LEU E 106 17.55 17.48 7.64
C LEU E 106 16.70 16.79 6.55
N GLN E 107 15.42 16.48 6.86
CA GLN E 107 14.50 15.89 5.90
C GLN E 107 14.13 16.91 4.81
N TYR E 108 13.97 18.20 5.21
CA TYR E 108 13.62 19.30 4.32
C TYR E 108 14.79 20.22 3.97
N LEU E 109 15.72 20.43 4.90
CA LEU E 109 16.86 21.32 4.72
C LEU E 109 18.14 20.61 4.27
N ALA E 110 18.89 21.23 3.31
CA ALA E 110 20.14 20.71 2.75
C ALA E 110 21.25 20.71 3.80
N VAL E 111 22.21 19.76 3.68
CA VAL E 111 23.34 19.60 4.61
C VAL E 111 24.16 20.91 4.80
N PRO E 112 24.62 21.64 3.75
CA PRO E 112 25.41 22.87 4.01
C PRO E 112 24.62 23.97 4.72
N ILE E 113 23.28 24.03 4.47
CA ILE E 113 22.35 24.98 5.07
C ILE E 113 22.17 24.62 6.55
N TYR E 114 22.02 23.31 6.85
CA TYR E 114 21.89 22.78 8.21
C TYR E 114 23.11 23.17 9.04
N THR E 115 24.32 23.15 8.44
CA THR E 115 25.58 23.49 9.10
C THR E 115 25.64 24.99 9.43
N ILE E 116 24.98 25.88 8.65
CA ILE E 116 24.97 27.33 8.92
C ILE E 116 24.29 27.57 10.28
N PHE E 117 23.04 27.08 10.43
CA PHE E 117 22.24 27.22 11.64
C PHE E 117 22.87 26.47 12.81
N LYS E 118 23.54 25.33 12.54
CA LYS E 118 24.23 24.55 13.58
C LYS E 118 25.43 25.34 14.12
N ASN E 119 26.06 26.19 13.27
CA ASN E 119 27.17 27.05 13.66
C ASN E 119 26.65 28.31 14.37
N LEU E 120 25.40 28.71 14.05
CA LEU E 120 24.71 29.83 14.67
C LEU E 120 24.30 29.51 16.11
N THR E 121 24.06 28.20 16.43
CA THR E 121 23.71 27.76 17.78
C THR E 121 24.85 28.03 18.74
N ILE E 122 26.12 27.90 18.28
CA ILE E 122 27.33 28.15 19.07
C ILE E 122 27.26 29.52 19.72
N ILE E 123 26.76 30.55 18.99
CA ILE E 123 26.59 31.92 19.49
C ILE E 123 25.54 31.97 20.62
N LEU E 124 24.36 31.33 20.44
CA LEU E 124 23.36 31.33 21.51
C LEU E 124 23.74 30.42 22.68
N ILE E 125 24.62 29.41 22.46
CA ILE E 125 25.14 28.53 23.51
C ILE E 125 26.13 29.39 24.31
N ALA E 126 26.93 30.22 23.60
CA ALA E 126 27.89 31.14 24.20
C ALA E 126 27.20 32.21 25.03
N TYR E 127 26.12 32.82 24.48
CA TYR E 127 25.38 33.86 25.21
C TYR E 127 24.43 33.29 26.25
N GLY E 128 24.09 32.01 26.09
CA GLY E 128 23.25 31.26 27.01
C GLY E 128 24.01 30.87 28.25
N GLU E 129 25.32 30.57 28.10
CA GLU E 129 26.24 30.22 29.20
C GLU E 129 26.47 31.43 30.12
N VAL E 130 26.24 32.66 29.60
CA VAL E 130 26.34 33.92 30.37
C VAL E 130 25.08 34.03 31.28
N LEU E 131 23.94 33.46 30.82
CA LEU E 131 22.67 33.43 31.54
C LEU E 131 22.57 32.25 32.52
N PHE E 132 23.49 31.27 32.40
CA PHE E 132 23.54 30.06 33.24
C PHE E 132 24.69 30.04 34.23
N PHE E 133 25.88 30.52 33.81
CA PHE E 133 27.09 30.52 34.63
C PHE E 133 27.60 31.90 34.98
N GLY E 134 27.18 32.91 34.23
CA GLY E 134 27.55 34.31 34.46
C GLY E 134 28.89 34.74 33.92
N GLY E 135 29.30 34.16 32.81
CA GLY E 135 30.57 34.51 32.17
C GLY E 135 30.50 35.80 31.37
N SER E 136 31.19 35.81 30.23
CA SER E 136 31.25 36.92 29.27
C SER E 136 31.77 36.41 27.93
N VAL E 137 31.08 36.74 26.83
CA VAL E 137 31.51 36.35 25.49
C VAL E 137 32.48 37.44 25.04
N THR E 138 33.80 37.16 25.17
CA THR E 138 34.85 38.12 24.80
C THR E 138 34.80 38.36 23.29
N SER E 139 35.10 39.59 22.87
CA SER E 139 35.09 40.02 21.47
C SER E 139 35.87 39.08 20.54
N MET E 140 36.92 38.40 21.07
CA MET E 140 37.74 37.44 20.33
C MET E 140 36.98 36.13 20.08
N GLU E 141 36.19 35.68 21.08
CA GLU E 141 35.36 34.48 20.95
C GLU E 141 34.29 34.78 19.92
N LEU E 142 33.66 35.97 20.02
CA LEU E 142 32.64 36.46 19.11
C LEU E 142 33.17 36.56 17.67
N SER E 143 34.47 36.89 17.50
CA SER E 143 35.14 36.97 16.20
C SER E 143 35.27 35.58 15.58
N SER E 144 35.61 34.56 16.42
CA SER E 144 35.78 33.16 16.01
C SER E 144 34.46 32.55 15.57
N PHE E 145 33.37 32.80 16.33
CA PHE E 145 32.03 32.31 16.01
C PHE E 145 31.56 32.86 14.67
N LEU E 146 31.95 34.12 14.36
CA LEU E 146 31.61 34.78 13.10
C LEU E 146 32.41 34.17 11.94
N LEU E 147 33.67 33.75 12.22
CA LEU E 147 34.54 33.08 11.24
C LEU E 147 34.03 31.65 11.00
N MET E 148 33.30 31.07 11.98
CA MET E 148 32.69 29.75 11.89
C MET E 148 31.42 29.82 11.03
N VAL E 149 30.65 30.94 11.15
CA VAL E 149 29.44 31.19 10.35
C VAL E 149 29.89 31.43 8.91
N LEU E 150 30.93 32.28 8.71
CA LEU E 150 31.55 32.62 7.42
C LEU E 150 31.93 31.36 6.65
N SER E 151 32.59 30.40 7.35
CA SER E 151 33.02 29.12 6.82
C SER E 151 31.83 28.31 6.29
N SER E 152 30.79 28.08 7.14
CA SER E 152 29.59 27.33 6.76
C SER E 152 28.81 27.97 5.60
N VAL E 153 28.82 29.32 5.53
CA VAL E 153 28.15 30.10 4.48
C VAL E 153 28.91 29.96 3.14
N VAL E 154 30.25 30.06 3.15
CA VAL E 154 31.06 29.93 1.93
C VAL E 154 31.13 28.46 1.47
N ALA E 155 30.75 27.50 2.34
CA ALA E 155 30.68 26.07 2.02
C ALA E 155 29.38 25.82 1.25
N THR E 156 28.29 26.50 1.67
CA THR E 156 26.96 26.47 1.04
C THR E 156 27.00 27.23 -0.28
N TRP E 157 27.72 28.39 -0.30
CA TRP E 157 27.94 29.23 -1.47
C TRP E 157 28.68 28.41 -2.53
N GLY E 158 29.73 27.70 -2.12
CA GLY E 158 30.50 26.89 -3.03
C GLY E 158 29.99 25.47 -3.13
N ASP E 159 28.66 25.33 -3.27
CA ASP E 159 28.03 24.03 -3.37
C ASP E 159 26.78 24.08 -4.22
N GLN E 160 26.43 22.96 -4.84
CA GLN E 160 25.24 22.88 -5.68
C GLN E 160 24.34 21.73 -5.26
N GLN E 161 24.53 21.25 -4.03
CA GLN E 161 23.74 20.14 -3.51
C GLN E 161 22.53 20.66 -2.75
N ALA E 162 22.40 21.98 -2.67
CA ALA E 162 21.28 22.59 -1.96
C ALA E 162 19.98 22.45 -2.76
N VAL E 163 20.11 22.39 -4.08
CA VAL E 163 18.95 22.26 -4.96
C VAL E 163 18.36 20.85 -4.86
N ALA E 164 17.47 20.65 -3.88
CA ALA E 164 16.83 19.36 -3.69
C ALA E 164 15.40 19.37 -4.20
N ALA E 165 14.93 18.22 -4.67
CA ALA E 165 13.58 18.09 -5.18
C ALA E 165 12.82 16.97 -4.48
N ALA E 177 6.20 26.58 -6.65
CA ALA E 177 5.25 26.57 -5.54
C ALA E 177 5.96 26.36 -4.19
N VAL E 178 5.48 27.07 -3.14
CA VAL E 178 6.00 26.99 -1.77
C VAL E 178 5.30 25.87 -0.96
N ALA E 179 4.44 25.08 -1.64
CA ALA E 179 3.69 23.95 -1.06
C ALA E 179 4.54 22.66 -1.01
N SER E 180 5.83 22.77 -1.41
CA SER E 180 6.82 21.69 -1.44
C SER E 180 7.93 21.87 -0.39
N PHE E 181 8.40 23.12 -0.17
CA PHE E 181 9.47 23.49 0.77
C PHE E 181 8.98 24.58 1.76
N ASN E 182 8.75 24.20 3.04
CA ASN E 182 8.24 25.11 4.08
C ASN E 182 8.55 24.70 5.55
N PRO E 183 8.34 23.43 6.02
CA PRO E 183 8.54 23.16 7.47
C PRO E 183 9.99 23.00 7.95
N GLY E 184 10.95 22.99 7.03
CA GLY E 184 12.36 22.84 7.34
C GLY E 184 12.92 23.81 8.36
N TYR E 185 12.57 25.11 8.21
CA TYR E 185 13.06 26.17 9.10
C TYR E 185 12.43 26.12 10.49
N PHE E 186 11.22 25.54 10.65
CA PHE E 186 10.57 25.38 11.97
C PHE E 186 11.33 24.28 12.71
N TRP E 187 11.55 23.13 12.03
CA TRP E 187 12.27 21.98 12.58
C TRP E 187 13.73 22.29 12.86
N MET E 188 14.31 23.29 12.17
CA MET E 188 15.68 23.72 12.39
C MET E 188 15.76 24.65 13.60
N PHE E 189 14.74 25.54 13.75
CA PHE E 189 14.65 26.48 14.89
C PHE E 189 14.47 25.74 16.21
N THR E 190 13.62 24.69 16.22
CA THR E 190 13.36 23.85 17.40
C THR E 190 14.62 23.03 17.75
N ASN E 191 15.41 22.63 16.73
CA ASN E 191 16.66 21.89 16.91
C ASN E 191 17.69 22.80 17.57
N CYS E 192 17.68 24.10 17.20
CA CYS E 192 18.59 25.12 17.71
C CYS E 192 18.40 25.37 19.21
N ILE E 193 17.14 25.51 19.66
CA ILE E 193 16.81 25.74 21.07
C ILE E 193 17.07 24.46 21.92
N THR E 194 16.71 23.25 21.40
CA THR E 194 16.92 21.97 22.09
C THR E 194 18.40 21.55 22.15
N SER E 195 19.21 21.96 21.15
CA SER E 195 20.66 21.69 21.13
C SER E 195 21.33 22.57 22.18
N ALA E 196 20.85 23.83 22.31
CA ALA E 196 21.35 24.81 23.27
C ALA E 196 20.98 24.39 24.70
N LEU E 197 19.67 24.22 24.98
CA LEU E 197 19.14 23.81 26.29
C LEU E 197 19.78 22.53 26.80
N PHE E 198 19.94 21.52 25.92
CA PHE E 198 20.55 20.25 26.29
C PHE E 198 21.99 20.43 26.82
N VAL E 199 22.90 21.05 26.04
CA VAL E 199 24.30 21.25 26.44
C VAL E 199 24.43 22.17 27.68
N LEU E 200 23.52 23.18 27.83
CA LEU E 200 23.52 24.15 28.92
C LEU E 200 23.00 23.55 30.23
N ILE E 201 21.90 22.78 30.17
CA ILE E 201 21.30 22.14 31.34
C ILE E 201 22.15 20.93 31.79
N MET E 202 22.70 20.12 30.83
CA MET E 202 23.54 18.95 31.17
C MET E 202 24.79 19.36 31.94
N ARG E 203 25.54 20.35 31.43
CA ARG E 203 26.77 20.87 32.06
C ARG E 203 26.47 21.52 33.43
N LYS E 204 25.28 22.13 33.58
CA LYS E 204 24.82 22.73 34.84
C LYS E 204 24.66 21.64 35.92
N ARG E 205 23.96 20.52 35.58
CA ARG E 205 23.73 19.39 36.48
C ARG E 205 25.01 18.66 36.84
N ILE E 206 25.94 18.47 35.88
CA ILE E 206 27.23 17.80 36.09
C ILE E 206 28.01 18.55 37.16
N LYS E 207 28.14 19.89 37.01
CA LYS E 207 28.84 20.75 37.96
C LYS E 207 28.15 20.80 39.33
N LEU E 208 26.81 20.70 39.35
CA LEU E 208 26.02 20.70 40.58
C LEU E 208 26.17 19.40 41.36
N THR E 209 25.99 18.24 40.70
CA THR E 209 26.06 16.93 41.33
C THR E 209 27.43 16.22 41.13
N ASN E 210 28.54 16.98 40.94
CA ASN E 210 29.92 16.48 40.75
C ASN E 210 29.95 15.09 40.08
N PHE E 211 29.21 15.00 38.96
CA PHE E 211 28.93 13.80 38.18
C PHE E 211 30.11 13.13 37.49
N LYS E 212 31.27 13.78 37.42
CA LYS E 212 32.46 13.22 36.77
C LYS E 212 32.17 12.83 35.30
N ASP E 213 32.47 11.58 34.86
CA ASP E 213 32.21 11.23 33.45
C ASP E 213 31.44 9.93 33.25
N PHE E 214 31.74 8.90 34.05
CA PHE E 214 31.08 7.60 33.97
C PHE E 214 29.61 7.67 34.39
N ASP E 215 29.25 8.66 35.24
CA ASP E 215 27.88 8.88 35.70
C ASP E 215 27.07 9.66 34.64
N THR E 216 27.68 10.68 33.98
CA THR E 216 27.05 11.49 32.91
C THR E 216 26.76 10.58 31.71
N MET E 217 27.66 9.62 31.42
CA MET E 217 27.53 8.66 30.34
C MET E 217 26.43 7.65 30.67
N PHE E 218 26.36 7.20 31.93
CA PHE E 218 25.40 6.23 32.42
C PHE E 218 23.97 6.78 32.41
N TYR E 219 23.74 7.95 33.06
CA TYR E 219 22.44 8.61 33.17
C TYR E 219 21.86 9.09 31.85
N ASN E 220 22.72 9.41 30.87
CA ASN E 220 22.30 9.82 29.54
C ASN E 220 21.75 8.62 28.77
N ASN E 221 22.45 7.48 28.85
CA ASN E 221 22.11 6.25 28.14
C ASN E 221 21.00 5.43 28.80
N VAL E 222 20.97 5.37 30.15
CA VAL E 222 19.95 4.62 30.91
C VAL E 222 18.58 5.30 30.80
N LEU E 223 18.54 6.62 31.03
CA LEU E 223 17.32 7.41 30.97
C LEU E 223 16.82 7.65 29.54
N ALA E 224 17.72 7.52 28.53
CA ALA E 224 17.36 7.68 27.12
C ALA E 224 16.55 6.47 26.65
N LEU E 225 16.90 5.26 27.14
CA LEU E 225 16.24 3.98 26.83
C LEU E 225 14.69 4.09 26.75
N PRO E 226 13.93 4.57 27.77
CA PRO E 226 12.47 4.69 27.60
C PRO E 226 12.02 5.77 26.60
N ILE E 227 12.71 6.93 26.58
CA ILE E 227 12.39 8.07 25.71
C ILE E 227 12.62 7.70 24.23
N LEU E 228 13.68 6.91 23.93
CA LEU E 228 14.00 6.42 22.58
C LEU E 228 12.94 5.45 22.10
N LEU E 229 12.42 4.60 23.03
CA LEU E 229 11.36 3.62 22.74
C LEU E 229 10.05 4.34 22.43
N LEU E 230 9.64 5.27 23.31
CA LEU E 230 8.41 6.06 23.16
C LEU E 230 8.41 6.92 21.91
N PHE E 231 9.57 7.46 21.51
CA PHE E 231 9.73 8.28 20.31
C PHE E 231 9.59 7.44 19.05
N SER E 232 10.15 6.20 19.05
CA SER E 232 10.06 5.29 17.91
C SER E 232 8.63 4.79 17.65
N PHE E 233 7.83 4.59 18.71
CA PHE E 233 6.44 4.15 18.59
C PHE E 233 5.54 5.21 17.96
N CYS E 234 5.88 6.50 18.16
CA CYS E 234 5.12 7.66 17.67
C CYS E 234 5.46 8.09 16.24
N VAL E 235 6.71 7.86 15.78
CA VAL E 235 7.13 8.34 14.45
C VAL E 235 7.58 7.23 13.46
N GLU E 236 7.70 5.96 13.91
CA GLU E 236 8.14 4.87 13.03
C GLU E 236 7.09 3.77 12.82
N ASP E 237 7.15 3.10 11.65
CA ASP E 237 6.27 2.00 11.26
C ASP E 237 6.70 0.70 11.95
N TRP E 238 5.71 -0.09 12.42
CA TRP E 238 5.95 -1.35 13.13
C TRP E 238 5.33 -2.59 12.43
N SER E 239 5.15 -2.55 11.08
CA SER E 239 4.60 -3.64 10.28
C SER E 239 5.46 -4.92 10.32
N SER E 240 4.96 -5.94 11.04
CA SER E 240 5.56 -7.26 11.35
C SER E 240 6.47 -7.88 10.27
N VAL E 241 5.90 -8.66 9.32
CA VAL E 241 6.61 -9.40 8.24
C VAL E 241 7.43 -8.47 7.31
N ASN E 242 6.91 -7.25 7.05
CA ASN E 242 7.55 -6.24 6.21
C ASN E 242 8.82 -5.63 6.83
N LEU E 243 9.07 -5.91 8.13
CA LEU E 243 10.22 -5.42 8.89
C LEU E 243 11.15 -6.54 9.36
N THR E 244 10.63 -7.77 9.52
CA THR E 244 11.40 -8.95 9.96
C THR E 244 12.52 -9.30 8.94
N ASN E 245 12.22 -9.18 7.63
CA ASN E 245 13.16 -9.46 6.53
C ASN E 245 14.16 -8.32 6.29
N ASN E 246 13.81 -7.09 6.73
CA ASN E 246 14.67 -5.90 6.60
C ASN E 246 15.60 -5.78 7.81
N PHE E 247 15.05 -6.00 9.02
CA PHE E 247 15.77 -5.90 10.29
C PHE E 247 16.14 -7.28 10.83
N SER E 248 16.93 -8.01 10.02
CA SER E 248 17.41 -9.38 10.23
C SER E 248 18.71 -9.47 11.08
N ASN E 249 19.41 -10.63 11.01
CA ASN E 249 20.67 -10.93 11.70
C ASN E 249 21.81 -10.00 11.27
N ASP E 250 21.78 -9.52 10.02
CA ASP E 250 22.78 -8.62 9.44
C ASP E 250 22.69 -7.23 10.09
N SER E 251 21.46 -6.67 10.16
CA SER E 251 21.18 -5.35 10.74
C SER E 251 21.45 -5.32 12.25
N LEU E 252 21.10 -6.42 12.95
CA LEU E 252 21.30 -6.58 14.39
C LEU E 252 22.78 -6.53 14.74
N THR E 253 23.62 -7.21 13.94
CA THR E 253 25.08 -7.24 14.09
C THR E 253 25.64 -5.83 13.86
N ALA E 254 25.10 -5.14 12.83
CA ALA E 254 25.48 -3.78 12.46
C ALA E 254 25.17 -2.73 13.54
N MET E 255 24.01 -2.85 14.23
CA MET E 255 23.59 -1.96 15.31
C MET E 255 24.49 -2.12 16.53
N ILE E 256 25.00 -3.35 16.76
CA ILE E 256 25.90 -3.68 17.86
C ILE E 256 27.29 -3.08 17.59
N ILE E 257 27.81 -3.25 16.34
CA ILE E 257 29.12 -2.70 15.93
C ILE E 257 29.11 -1.17 16.00
N SER E 258 28.03 -0.51 15.47
CA SER E 258 27.86 0.95 15.53
C SER E 258 27.65 1.39 16.99
N GLY E 259 27.13 0.47 17.81
CA GLY E 259 26.91 0.66 19.24
C GLY E 259 28.22 0.68 19.99
N VAL E 260 29.18 -0.19 19.58
CA VAL E 260 30.53 -0.29 20.14
C VAL E 260 31.31 0.98 19.78
N ALA E 261 31.12 1.50 18.54
CA ALA E 261 31.75 2.73 18.03
C ALA E 261 31.28 3.96 18.80
N SER E 262 30.00 3.97 19.22
CA SER E 262 29.37 5.07 19.95
C SER E 262 29.75 5.12 21.45
N VAL E 263 30.38 4.05 21.98
CA VAL E 263 30.79 3.94 23.38
C VAL E 263 31.76 5.09 23.77
N GLY E 264 32.78 5.30 22.95
CA GLY E 264 33.79 6.33 23.17
C GLY E 264 33.25 7.74 23.17
N ILE E 265 32.59 8.13 22.05
CA ILE E 265 32.01 9.46 21.84
C ILE E 265 30.97 9.83 22.92
N SER E 266 30.20 8.85 23.45
CA SER E 266 29.21 9.11 24.50
C SER E 266 29.87 9.44 25.84
N TYR E 267 31.05 8.86 26.09
CA TYR E 267 31.80 9.12 27.32
C TYR E 267 32.51 10.47 27.21
N CYS E 268 33.13 10.72 26.04
CA CYS E 268 33.92 11.90 25.68
C CYS E 268 33.14 13.20 25.57
N SER E 269 31.89 13.15 25.07
CA SER E 269 31.05 14.35 24.94
C SER E 269 30.68 14.89 26.34
N GLY E 270 30.37 13.96 27.26
CA GLY E 270 30.04 14.25 28.66
C GLY E 270 31.26 14.67 29.46
N TRP E 271 32.44 14.26 29.00
CA TRP E 271 33.74 14.60 29.58
C TRP E 271 34.09 16.02 29.10
N CYS E 272 33.99 16.27 27.78
CA CYS E 272 34.26 17.55 27.11
C CYS E 272 33.47 18.70 27.73
N VAL E 273 32.12 18.58 27.82
CA VAL E 273 31.23 19.59 28.43
C VAL E 273 31.65 19.95 29.85
N ARG E 274 32.06 18.94 30.66
CA ARG E 274 32.44 19.09 32.06
C ARG E 274 33.76 19.86 32.26
N VAL E 275 34.87 19.36 31.70
CA VAL E 275 36.19 19.96 31.90
C VAL E 275 36.38 21.29 31.15
N THR E 276 35.78 21.44 29.95
CA THR E 276 35.91 22.68 29.17
C THR E 276 34.66 23.55 29.41
N SER E 277 33.71 23.61 28.45
CA SER E 277 32.46 24.36 28.54
C SER E 277 31.48 23.89 27.47
N SER E 278 30.19 24.32 27.60
CA SER E 278 29.11 24.02 26.67
C SER E 278 29.40 24.57 25.28
N THR E 279 30.09 25.75 25.23
CA THR E 279 30.49 26.46 24.01
C THR E 279 31.66 25.74 23.34
N THR E 280 32.72 25.40 24.10
CA THR E 280 33.91 24.68 23.61
C THR E 280 33.50 23.34 22.98
N TYR E 281 32.58 22.60 23.64
CA TYR E 281 32.05 21.33 23.15
C TYR E 281 31.38 21.47 21.78
N SER E 282 30.52 22.50 21.63
CA SER E 282 29.80 22.76 20.39
C SER E 282 30.71 23.36 19.30
N MET E 283 31.85 23.96 19.72
CA MET E 283 32.87 24.53 18.84
C MET E 283 33.75 23.40 18.28
N VAL E 284 34.25 22.51 19.17
CA VAL E 284 35.06 21.31 18.87
C VAL E 284 34.23 20.36 17.99
N GLY E 285 32.92 20.27 18.24
CA GLY E 285 31.99 19.49 17.45
C GLY E 285 31.86 20.00 16.02
N ALA E 286 31.83 21.34 15.86
CA ALA E 286 31.75 22.01 14.56
C ALA E 286 33.10 21.95 13.82
N LEU E 287 34.22 22.06 14.57
CA LEU E 287 35.59 21.99 14.05
C LEU E 287 35.95 20.60 13.55
N ASN E 288 35.38 19.53 14.18
CA ASN E 288 35.58 18.11 13.87
C ASN E 288 35.20 17.71 12.45
N LYS E 289 34.20 18.41 11.87
CA LYS E 289 33.67 18.15 10.53
C LYS E 289 34.70 18.52 9.45
N LEU E 290 35.61 19.48 9.75
CA LEU E 290 36.63 19.97 8.83
C LEU E 290 37.70 18.94 8.47
N PRO E 291 38.45 18.29 9.42
CA PRO E 291 39.46 17.30 9.00
C PRO E 291 38.90 16.09 8.24
N ILE E 292 37.64 15.67 8.51
CA ILE E 292 37.02 14.55 7.79
C ILE E 292 36.69 14.98 6.35
N ALA E 293 36.35 16.28 6.15
CA ALA E 293 36.05 16.87 4.85
C ALA E 293 37.32 17.03 4.03
N LEU E 294 38.44 17.42 4.71
CA LEU E 294 39.76 17.58 4.11
C LEU E 294 40.32 16.23 3.68
N SER E 295 39.97 15.15 4.43
CA SER E 295 40.35 13.77 4.12
C SER E 295 39.69 13.31 2.82
N GLY E 296 38.46 13.77 2.58
CA GLY E 296 37.72 13.48 1.36
C GLY E 296 38.35 14.11 0.14
N LEU E 297 38.98 15.29 0.34
CA LEU E 297 39.68 16.03 -0.71
C LEU E 297 41.05 15.41 -0.98
N ILE E 298 41.72 14.90 0.09
CA ILE E 298 43.06 14.30 0.00
C ILE E 298 43.00 12.84 -0.50
N PHE E 299 42.33 11.97 0.26
CA PHE E 299 42.24 10.53 -0.02
C PHE E 299 41.39 10.13 -1.22
N PHE E 300 40.37 10.94 -1.58
CA PHE E 300 39.48 10.55 -2.68
C PHE E 300 39.47 11.50 -3.88
N ASP E 301 39.79 10.93 -5.06
CA ASP E 301 39.84 11.56 -6.38
C ASP E 301 38.40 11.93 -6.79
N ALA E 302 37.96 13.11 -6.35
CA ALA E 302 36.60 13.62 -6.58
C ALA E 302 36.65 15.10 -6.97
N PRO E 303 35.69 15.62 -7.78
CA PRO E 303 35.74 17.03 -8.15
C PRO E 303 35.31 17.99 -7.03
N ARG E 304 35.92 19.20 -6.98
CA ARG E 304 35.65 20.25 -5.98
C ARG E 304 35.96 21.66 -6.51
N ASN E 305 35.35 22.66 -5.86
CA ASN E 305 35.52 24.09 -6.15
C ASN E 305 36.43 24.74 -5.11
N PHE E 306 37.04 25.89 -5.45
CA PHE E 306 37.92 26.64 -4.56
C PHE E 306 37.20 27.11 -3.30
N LEU E 307 35.92 27.49 -3.41
CA LEU E 307 35.09 27.98 -2.31
C LEU E 307 34.94 26.94 -1.20
N SER E 308 34.71 25.66 -1.56
CA SER E 308 34.58 24.54 -0.62
C SER E 308 35.92 24.27 0.07
N ILE E 309 37.05 24.48 -0.65
CA ILE E 309 38.42 24.32 -0.12
C ILE E 309 38.69 25.48 0.85
N LEU E 310 38.28 26.70 0.45
CA LEU E 310 38.42 27.94 1.23
C LEU E 310 37.64 27.86 2.56
N SER E 311 36.42 27.26 2.54
CA SER E 311 35.59 27.11 3.73
C SER E 311 36.28 26.31 4.82
N ILE E 312 37.05 25.25 4.43
CA ILE E 312 37.81 24.38 5.34
C ILE E 312 38.87 25.19 6.09
N PHE E 313 39.65 26.02 5.37
CA PHE E 313 40.71 26.83 5.95
C PHE E 313 40.20 28.03 6.75
N ILE E 314 39.00 28.56 6.41
CA ILE E 314 38.34 29.65 7.16
C ILE E 314 37.91 29.05 8.51
N GLY E 315 37.34 27.84 8.46
CA GLY E 315 36.93 27.07 9.62
C GLY E 315 38.09 26.76 10.55
N PHE E 316 39.30 26.54 9.97
CA PHE E 316 40.53 26.29 10.71
C PHE E 316 40.97 27.56 11.43
N LEU E 317 40.92 28.72 10.73
CA LEU E 317 41.27 30.04 11.29
C LEU E 317 40.37 30.38 12.47
N SER E 318 39.10 29.91 12.43
CA SER E 318 38.08 30.09 13.46
C SER E 318 38.49 29.37 14.75
N GLY E 319 38.93 28.11 14.62
CA GLY E 319 39.40 27.29 15.73
C GLY E 319 40.71 27.79 16.32
N ILE E 320 41.63 28.28 15.44
CA ILE E 320 42.93 28.83 15.81
C ILE E 320 42.74 30.10 16.66
N ILE E 321 41.87 31.04 16.22
CA ILE E 321 41.65 32.28 16.96
C ILE E 321 40.76 32.02 18.20
N TYR E 322 39.96 30.92 18.21
CA TYR E 322 39.14 30.55 19.37
C TYR E 322 40.04 30.00 20.47
N ALA E 323 41.12 29.28 20.09
CA ALA E 323 42.12 28.71 20.99
C ALA E 323 42.89 29.82 21.68
N VAL E 324 43.19 30.91 20.94
CA VAL E 324 43.90 32.08 21.46
C VAL E 324 42.96 32.83 22.41
N ALA E 325 41.67 32.91 22.07
CA ALA E 325 40.62 33.59 22.85
C ALA E 325 40.49 32.98 24.25
N LYS E 326 40.58 31.65 24.34
CA LYS E 326 40.51 30.90 25.60
C LYS E 326 41.81 31.11 26.40
N GLN E 327 42.96 31.17 25.69
CA GLN E 327 44.30 31.39 26.25
C GLN E 327 44.39 32.82 26.83
N LYS E 328 43.65 33.76 26.22
CA LYS E 328 43.56 35.16 26.63
C LYS E 328 42.78 35.28 27.94
N LYS E 329 41.65 34.53 28.04
CA LYS E 329 40.75 34.49 29.20
C LYS E 329 41.46 34.05 30.48
N GLN E 330 42.28 32.97 30.41
CA GLN E 330 43.05 32.41 31.51
C GLN E 330 43.94 33.46 32.19
N GLN E 331 44.68 34.25 31.38
CA GLN E 331 45.59 35.30 31.83
C GLN E 331 44.88 36.61 32.19
N ALA E 332 43.58 36.74 31.83
CA ALA E 332 42.78 37.93 32.10
C ALA E 332 41.67 37.74 33.16
N GLN E 333 41.53 36.53 33.73
CA GLN E 333 40.52 36.25 34.76
C GLN E 333 41.14 35.87 36.10
N SER F 16 -8.67 -43.65 -39.09
CA SER F 16 -9.55 -42.82 -38.28
C SER F 16 -11.01 -43.11 -38.55
N VAL F 17 -11.79 -42.06 -38.82
CA VAL F 17 -13.26 -42.04 -39.07
C VAL F 17 -14.04 -42.18 -37.77
N ALA F 18 -13.35 -41.86 -36.69
CA ALA F 18 -13.87 -41.93 -35.35
C ALA F 18 -14.32 -40.56 -34.91
N ASN F 19 -14.42 -39.61 -35.82
CA ASN F 19 -14.88 -38.32 -35.41
C ASN F 19 -16.38 -38.37 -35.34
N SER F 20 -16.89 -39.15 -34.40
CA SER F 20 -18.34 -39.18 -34.17
C SER F 20 -18.82 -39.92 -32.91
N GLY F 21 -20.04 -39.60 -32.54
CA GLY F 21 -20.79 -40.20 -31.43
C GLY F 21 -20.23 -40.05 -30.03
N PRO F 22 -20.39 -41.12 -29.19
CA PRO F 22 -19.92 -41.04 -27.79
C PRO F 22 -18.41 -41.03 -27.56
N ILE F 23 -17.61 -41.23 -28.64
CA ILE F 23 -16.14 -41.22 -28.60
C ILE F 23 -15.68 -39.81 -28.15
N SER F 24 -16.35 -38.76 -28.65
CA SER F 24 -16.11 -37.36 -28.31
C SER F 24 -16.33 -37.09 -26.83
N ILE F 25 -17.41 -37.68 -26.26
CA ILE F 25 -17.78 -37.57 -24.85
C ILE F 25 -16.68 -38.17 -23.96
N LEU F 26 -16.28 -39.43 -24.26
CA LEU F 26 -15.21 -40.16 -23.56
C LEU F 26 -13.89 -39.40 -23.62
N SER F 27 -13.60 -38.77 -24.78
CA SER F 27 -12.41 -37.95 -25.02
C SER F 27 -12.47 -36.66 -24.22
N TYR F 28 -13.64 -35.99 -24.20
CA TYR F 28 -13.87 -34.74 -23.47
C TYR F 28 -13.74 -34.98 -21.98
N CYS F 29 -14.22 -36.15 -21.52
CA CYS F 29 -14.16 -36.58 -20.12
C CYS F 29 -12.72 -36.81 -19.68
N GLY F 30 -11.99 -37.62 -20.44
CA GLY F 30 -10.59 -37.94 -20.18
C GLY F 30 -9.69 -36.72 -20.16
N SER F 31 -9.96 -35.77 -21.09
CA SER F 31 -9.24 -34.49 -21.23
C SER F 31 -9.55 -33.51 -20.09
N SER F 32 -10.72 -33.68 -19.46
CA SER F 32 -11.15 -32.88 -18.32
C SER F 32 -10.49 -33.45 -17.05
N ILE F 33 -10.37 -34.80 -16.98
CA ILE F 33 -9.74 -35.53 -15.87
C ILE F 33 -8.25 -35.19 -15.82
N LEU F 34 -7.56 -35.26 -16.98
CA LEU F 34 -6.13 -34.97 -17.14
C LEU F 34 -5.83 -33.53 -16.71
N MET F 35 -6.70 -32.58 -17.08
CA MET F 35 -6.57 -31.15 -16.75
C MET F 35 -6.74 -30.90 -15.24
N THR F 36 -7.64 -31.65 -14.58
CA THR F 36 -7.91 -31.53 -13.16
C THR F 36 -6.73 -32.08 -12.32
N VAL F 37 -6.21 -33.27 -12.69
CA VAL F 37 -5.08 -33.90 -11.99
C VAL F 37 -3.78 -33.13 -12.19
N THR F 38 -3.59 -32.50 -13.37
CA THR F 38 -2.40 -31.70 -13.66
C THR F 38 -2.41 -30.44 -12.79
N ASN F 39 -3.56 -29.74 -12.71
CA ASN F 39 -3.72 -28.52 -11.93
C ASN F 39 -3.59 -28.70 -10.41
N LYS F 40 -3.86 -29.91 -9.89
CA LYS F 40 -3.77 -30.14 -8.44
C LYS F 40 -2.59 -31.04 -8.01
N PHE F 41 -1.94 -31.77 -8.95
CA PHE F 41 -0.80 -32.63 -8.63
C PHE F 41 0.51 -32.19 -9.29
N VAL F 42 0.49 -31.92 -10.61
CA VAL F 42 1.67 -31.52 -11.39
C VAL F 42 2.01 -30.03 -11.17
N VAL F 43 1.10 -29.14 -11.60
CA VAL F 43 1.26 -27.69 -11.50
C VAL F 43 0.34 -27.10 -10.42
N ASN F 44 0.41 -27.72 -9.22
CA ASN F 44 -0.35 -27.28 -8.04
C ASN F 44 0.16 -25.91 -7.54
N LEU F 45 -0.49 -25.35 -6.48
CA LEU F 45 -0.18 -24.04 -5.90
C LEU F 45 -0.29 -22.94 -7.00
N LYS F 46 -1.37 -23.05 -7.79
CA LYS F 46 -1.72 -22.18 -8.91
C LYS F 46 -2.80 -21.17 -8.48
N ASP F 47 -2.59 -20.55 -7.29
CA ASP F 47 -3.44 -19.50 -6.70
C ASP F 47 -2.95 -18.17 -7.31
N PHE F 48 -3.01 -18.11 -8.65
CA PHE F 48 -2.52 -17.05 -9.52
C PHE F 48 -3.21 -15.71 -9.36
N ASN F 49 -2.40 -14.64 -9.48
CA ASN F 49 -2.84 -13.25 -9.38
C ASN F 49 -3.21 -12.71 -10.76
N MET F 50 -2.65 -13.32 -11.84
CA MET F 50 -2.88 -12.93 -13.24
C MET F 50 -3.41 -14.13 -14.06
N ASN F 51 -4.70 -14.45 -13.85
CA ASN F 51 -5.42 -15.56 -14.49
C ASN F 51 -5.55 -15.45 -16.02
N PHE F 52 -5.82 -14.23 -16.55
CA PHE F 52 -5.98 -14.02 -18.00
C PHE F 52 -4.65 -14.17 -18.76
N VAL F 53 -3.52 -13.85 -18.09
CA VAL F 53 -2.15 -13.98 -18.60
C VAL F 53 -1.83 -15.48 -18.69
N MET F 54 -2.30 -16.26 -17.69
CA MET F 54 -2.14 -17.71 -17.60
C MET F 54 -2.90 -18.38 -18.74
N LEU F 55 -4.12 -17.88 -19.06
CA LEU F 55 -4.96 -18.38 -20.15
C LEU F 55 -4.42 -17.96 -21.52
N PHE F 56 -3.70 -16.81 -21.56
CA PHE F 56 -3.07 -16.28 -22.78
C PHE F 56 -1.90 -17.17 -23.19
N VAL F 57 -1.16 -17.70 -22.20
CA VAL F 57 -0.03 -18.62 -22.41
C VAL F 57 -0.60 -19.99 -22.80
N GLN F 58 -1.75 -20.39 -22.19
CA GLN F 58 -2.47 -21.65 -22.48
C GLN F 58 -2.96 -21.65 -23.92
N SER F 59 -3.47 -20.50 -24.40
CA SER F 59 -3.94 -20.32 -25.78
C SER F 59 -2.78 -20.17 -26.78
N LEU F 60 -1.59 -19.76 -26.29
CA LEU F 60 -0.37 -19.63 -27.10
C LEU F 60 0.18 -21.03 -27.38
N VAL F 61 0.22 -21.90 -26.35
CA VAL F 61 0.66 -23.30 -26.42
C VAL F 61 -0.22 -24.05 -27.45
N CYS F 62 -1.55 -23.87 -27.37
CA CYS F 62 -2.55 -24.46 -28.26
C CYS F 62 -2.30 -24.08 -29.72
N THR F 63 -2.02 -22.78 -29.96
CA THR F 63 -1.73 -22.21 -31.28
C THR F 63 -0.41 -22.75 -31.83
N ILE F 64 0.67 -22.74 -31.01
CA ILE F 64 2.01 -23.23 -31.35
C ILE F 64 1.96 -24.72 -31.74
N THR F 65 1.19 -25.54 -30.98
CA THR F 65 1.00 -26.97 -31.23
C THR F 65 0.34 -27.17 -32.60
N LEU F 66 -0.73 -26.39 -32.87
CA LEU F 66 -1.48 -26.44 -34.12
C LEU F 66 -0.63 -26.09 -35.36
N ILE F 67 0.27 -25.08 -35.27
CA ILE F 67 1.14 -24.67 -36.37
C ILE F 67 2.21 -25.74 -36.67
N ILE F 68 2.82 -26.30 -35.59
CA ILE F 68 3.84 -27.36 -35.67
C ILE F 68 3.21 -28.64 -36.29
N LEU F 69 2.01 -29.01 -35.82
CA LEU F 69 1.28 -30.19 -36.33
C LEU F 69 0.76 -30.01 -37.76
N ARG F 70 0.50 -28.75 -38.19
CA ARG F 70 0.03 -28.43 -39.54
C ARG F 70 1.14 -28.66 -40.57
N ILE F 71 2.37 -28.24 -40.24
CA ILE F 71 3.56 -28.39 -41.09
C ILE F 71 4.16 -29.83 -40.99
N LEU F 72 3.50 -30.71 -40.21
CA LEU F 72 3.87 -32.11 -40.00
C LEU F 72 2.66 -33.05 -40.17
N GLY F 73 2.31 -33.31 -41.43
CA GLY F 73 1.21 -34.18 -41.81
C GLY F 73 1.50 -34.96 -43.07
N PHE F 77 -5.38 -30.37 -42.08
CA PHE F 77 -5.62 -29.95 -40.70
C PHE F 77 -6.54 -28.70 -40.65
N ARG F 78 -6.07 -27.62 -40.00
CA ARG F 78 -6.74 -26.33 -39.81
C ARG F 78 -6.66 -25.39 -41.05
N SER F 79 -7.09 -24.10 -40.90
CA SER F 79 -7.08 -23.05 -41.94
C SER F 79 -7.00 -21.63 -41.36
N LEU F 80 -6.53 -20.64 -42.15
CA LEU F 80 -6.42 -19.23 -41.76
C LEU F 80 -7.33 -18.37 -42.66
N ASN F 81 -8.16 -17.45 -42.07
CA ASN F 81 -9.09 -16.62 -42.85
C ASN F 81 -9.36 -15.23 -42.26
N LYS F 82 -10.27 -14.45 -42.91
CA LYS F 82 -10.69 -13.09 -42.53
C LYS F 82 -12.23 -12.89 -42.58
N THR F 83 -12.96 -13.77 -43.29
CA THR F 83 -14.43 -13.77 -43.33
C THR F 83 -14.88 -14.54 -42.08
N ASP F 84 -14.27 -15.72 -41.84
CA ASP F 84 -14.51 -16.60 -40.69
C ASP F 84 -14.04 -15.94 -39.40
N ALA F 85 -12.99 -15.09 -39.47
CA ALA F 85 -12.42 -14.37 -38.34
C ALA F 85 -13.38 -13.33 -37.76
N LYS F 86 -14.06 -12.54 -38.62
CA LYS F 86 -15.01 -11.53 -38.14
C LYS F 86 -16.33 -12.15 -37.63
N ASN F 87 -16.62 -13.40 -38.05
CA ASN F 87 -17.79 -14.17 -37.61
C ASN F 87 -17.49 -14.99 -36.35
N TRP F 88 -16.21 -15.38 -36.15
CA TRP F 88 -15.77 -16.14 -34.97
C TRP F 88 -15.38 -15.19 -33.83
N PHE F 89 -15.14 -13.90 -34.11
CA PHE F 89 -14.78 -12.91 -33.11
C PHE F 89 -15.81 -12.83 -31.96
N PRO F 90 -17.15 -12.81 -32.21
CA PRO F 90 -18.09 -12.81 -31.07
C PRO F 90 -17.99 -14.06 -30.19
N ILE F 91 -17.73 -15.25 -30.78
CA ILE F 91 -17.56 -16.52 -30.05
C ILE F 91 -16.37 -16.41 -29.09
N SER F 92 -15.20 -15.99 -29.60
CA SER F 92 -13.98 -15.77 -28.82
C SER F 92 -14.19 -14.70 -27.74
N PHE F 93 -14.99 -13.66 -28.05
CA PHE F 93 -15.30 -12.61 -27.07
C PHE F 93 -16.20 -13.17 -25.97
N LEU F 94 -17.23 -13.96 -26.36
CA LEU F 94 -18.18 -14.61 -25.45
C LEU F 94 -17.44 -15.54 -24.51
N LEU F 95 -16.42 -16.26 -25.03
CA LEU F 95 -15.56 -17.19 -24.30
C LEU F 95 -14.81 -16.49 -23.16
N VAL F 96 -14.09 -15.39 -23.46
CA VAL F 96 -13.29 -14.61 -22.51
C VAL F 96 -14.21 -13.93 -21.48
N LEU F 97 -15.38 -13.45 -21.93
CA LEU F 97 -16.37 -12.81 -21.06
C LEU F 97 -17.00 -13.85 -20.13
N MET F 98 -17.21 -15.08 -20.64
CA MET F 98 -17.77 -16.22 -19.88
C MET F 98 -16.87 -16.52 -18.70
N ILE F 99 -15.53 -16.56 -18.93
CA ILE F 99 -14.49 -16.78 -17.91
C ILE F 99 -14.50 -15.62 -16.90
N TYR F 100 -14.57 -14.35 -17.41
CA TYR F 100 -14.59 -13.16 -16.57
C TYR F 100 -15.79 -13.11 -15.63
N THR F 101 -16.99 -13.40 -16.16
CA THR F 101 -18.21 -13.42 -15.36
C THR F 101 -18.21 -14.58 -14.36
N SER F 102 -17.65 -15.75 -14.75
CA SER F 102 -17.53 -16.96 -13.93
C SER F 102 -16.64 -16.71 -12.71
N SER F 103 -15.44 -16.13 -12.94
CA SER F 103 -14.47 -15.79 -11.90
C SER F 103 -15.03 -14.74 -10.93
N LYS F 104 -15.72 -13.70 -11.48
CA LYS F 104 -16.35 -12.63 -10.70
C LYS F 104 -17.56 -13.13 -9.91
N ALA F 105 -18.28 -14.16 -10.43
CA ALA F 105 -19.42 -14.78 -9.74
C ALA F 105 -18.91 -15.59 -8.58
N LEU F 106 -17.85 -16.40 -8.81
CA LEU F 106 -17.20 -17.25 -7.82
C LEU F 106 -16.46 -16.47 -6.72
N GLN F 107 -16.19 -15.18 -6.96
CA GLN F 107 -15.54 -14.30 -5.98
C GLN F 107 -16.50 -14.05 -4.80
N TYR F 108 -17.80 -13.89 -5.08
CA TYR F 108 -18.84 -13.64 -4.08
C TYR F 108 -19.68 -14.87 -3.74
N LEU F 109 -19.92 -15.74 -4.73
CA LEU F 109 -20.75 -16.95 -4.57
C LEU F 109 -19.97 -18.20 -4.22
N ALA F 110 -20.56 -19.06 -3.36
CA ALA F 110 -19.98 -20.32 -2.92
C ALA F 110 -20.03 -21.35 -4.06
N VAL F 111 -19.06 -22.29 -4.09
CA VAL F 111 -18.93 -23.34 -5.11
C VAL F 111 -20.22 -24.18 -5.27
N PRO F 112 -20.87 -24.75 -4.20
CA PRO F 112 -22.09 -25.54 -4.43
C PRO F 112 -23.27 -24.73 -4.98
N ILE F 113 -23.34 -23.42 -4.63
CA ILE F 113 -24.35 -22.47 -5.10
C ILE F 113 -24.11 -22.18 -6.59
N TYR F 114 -22.83 -21.97 -6.97
CA TYR F 114 -22.40 -21.71 -8.34
C TYR F 114 -22.83 -22.88 -9.24
N THR F 115 -22.72 -24.13 -8.73
CA THR F 115 -23.09 -25.35 -9.46
C THR F 115 -24.61 -25.44 -9.69
N ILE F 116 -25.45 -24.87 -8.79
CA ILE F 116 -26.91 -24.89 -8.95
C ILE F 116 -27.29 -24.12 -10.23
N PHE F 117 -26.85 -22.85 -10.32
CA PHE F 117 -27.10 -21.96 -11.47
C PHE F 117 -26.42 -22.48 -12.73
N LYS F 118 -25.24 -23.12 -12.59
CA LYS F 118 -24.52 -23.71 -13.72
C LYS F 118 -25.30 -24.90 -14.30
N ASN F 119 -26.07 -25.61 -13.45
CA ASN F 119 -26.92 -26.73 -13.86
C ASN F 119 -28.23 -26.20 -14.43
N LEU F 120 -28.66 -25.00 -13.99
CA LEU F 120 -29.84 -24.30 -14.48
C LEU F 120 -29.64 -23.78 -15.91
N THR F 121 -28.37 -23.48 -16.30
CA THR F 121 -28.03 -23.02 -17.65
C THR F 121 -28.33 -24.09 -18.67
N ILE F 122 -28.13 -25.38 -18.31
CA ILE F 122 -28.39 -26.55 -19.17
C ILE F 122 -29.81 -26.48 -19.72
N ILE F 123 -30.79 -26.07 -18.89
CA ILE F 123 -32.21 -25.92 -19.28
C ILE F 123 -32.38 -24.79 -20.31
N LEU F 124 -31.76 -23.61 -20.10
CA LEU F 124 -31.87 -22.54 -21.09
C LEU F 124 -31.02 -22.81 -22.34
N ILE F 125 -29.97 -23.65 -22.25
CA ILE F 125 -29.16 -24.07 -23.39
C ILE F 125 -30.03 -25.02 -24.22
N ALA F 126 -30.79 -25.91 -23.51
CA ALA F 126 -31.71 -26.86 -24.12
C ALA F 126 -32.87 -26.14 -24.81
N TYR F 127 -33.49 -25.14 -24.15
CA TYR F 127 -34.59 -24.38 -24.74
C TYR F 127 -34.11 -23.34 -25.75
N GLY F 128 -32.84 -22.95 -25.64
CA GLY F 128 -32.18 -22.02 -26.54
C GLY F 128 -31.85 -22.68 -27.87
N GLU F 129 -31.50 -23.99 -27.83
CA GLU F 129 -31.21 -24.80 -29.02
C GLU F 129 -32.47 -25.03 -29.87
N VAL F 130 -33.67 -24.87 -29.27
CA VAL F 130 -34.97 -24.96 -29.94
C VAL F 130 -35.18 -23.65 -30.74
N LEU F 131 -34.62 -22.53 -30.24
CA LEU F 131 -34.69 -21.20 -30.86
C LEU F 131 -33.58 -20.98 -31.91
N PHE F 132 -32.56 -21.87 -31.94
CA PHE F 132 -31.42 -21.81 -32.85
C PHE F 132 -31.44 -22.90 -33.93
N PHE F 133 -31.86 -24.13 -33.57
CA PHE F 133 -31.86 -25.27 -34.48
C PHE F 133 -33.26 -25.82 -34.76
N GLY F 134 -34.22 -25.47 -33.92
CA GLY F 134 -35.62 -25.88 -34.08
C GLY F 134 -35.98 -27.27 -33.62
N GLY F 135 -35.31 -27.75 -32.58
CA GLY F 135 -35.57 -29.07 -32.02
C GLY F 135 -36.78 -29.09 -31.11
N SER F 136 -36.68 -29.88 -30.03
CA SER F 136 -37.71 -30.06 -29.00
C SER F 136 -37.09 -30.66 -27.74
N VAL F 137 -37.36 -30.06 -26.57
CA VAL F 137 -36.86 -30.57 -25.29
C VAL F 137 -37.89 -31.60 -24.86
N THR F 138 -37.59 -32.90 -25.09
CA THR F 138 -38.49 -34.00 -24.73
C THR F 138 -38.63 -34.07 -23.22
N SER F 139 -39.82 -34.44 -22.74
CA SER F 139 -40.15 -34.54 -21.30
C SER F 139 -39.12 -35.35 -20.51
N MET F 140 -38.46 -36.33 -21.16
CA MET F 140 -37.42 -37.17 -20.53
C MET F 140 -36.12 -36.38 -20.33
N GLU F 141 -35.76 -35.50 -21.30
CA GLU F 141 -34.58 -34.65 -21.19
C GLU F 141 -34.83 -33.67 -20.06
N LEU F 142 -36.06 -33.08 -20.03
CA LEU F 142 -36.51 -32.14 -19.01
C LEU F 142 -36.49 -32.78 -17.62
N SER F 143 -36.77 -34.10 -17.52
CA SER F 143 -36.74 -34.86 -16.27
C SER F 143 -35.30 -34.98 -15.76
N SER F 144 -34.34 -35.23 -16.69
CA SER F 144 -32.91 -35.38 -16.39
C SER F 144 -32.31 -34.07 -15.90
N PHE F 145 -32.65 -32.93 -16.56
CA PHE F 145 -32.16 -31.61 -16.18
C PHE F 145 -32.64 -31.26 -14.76
N LEU F 146 -33.86 -31.71 -14.39
CA LEU F 146 -34.44 -31.49 -13.07
C LEU F 146 -33.72 -32.34 -12.02
N LEU F 147 -33.28 -33.56 -12.42
CA LEU F 147 -32.51 -34.47 -11.56
C LEU F 147 -31.09 -33.93 -11.39
N MET F 148 -30.62 -33.11 -12.35
CA MET F 148 -29.31 -32.46 -12.30
C MET F 148 -29.36 -31.26 -11.35
N VAL F 149 -30.50 -30.53 -11.33
CA VAL F 149 -30.72 -29.39 -10.43
C VAL F 149 -30.86 -29.94 -9.00
N LEU F 150 -31.66 -31.02 -8.83
CA LEU F 150 -31.88 -31.74 -7.57
C LEU F 150 -30.55 -32.13 -6.91
N SER F 151 -29.63 -32.70 -7.72
CA SER F 151 -28.30 -33.12 -7.33
C SER F 151 -27.49 -31.94 -6.77
N SER F 152 -27.36 -30.84 -7.55
CA SER F 152 -26.62 -29.63 -7.14
C SER F 152 -27.20 -28.97 -5.89
N VAL F 153 -28.54 -29.03 -5.71
CA VAL F 153 -29.27 -28.47 -4.57
C VAL F 153 -29.00 -29.31 -3.30
N VAL F 154 -29.07 -30.66 -3.40
CA VAL F 154 -28.81 -31.55 -2.27
C VAL F 154 -27.32 -31.59 -1.91
N ALA F 155 -26.44 -31.12 -2.82
CA ALA F 155 -25.00 -31.02 -2.60
C ALA F 155 -24.73 -29.78 -1.74
N THR F 156 -25.47 -28.68 -2.03
CA THR F 156 -25.44 -27.40 -1.32
C THR F 156 -26.10 -27.57 0.05
N TRP F 157 -27.23 -28.32 0.10
CA TRP F 157 -27.97 -28.66 1.31
C TRP F 157 -27.05 -29.46 2.24
N GLY F 158 -26.37 -30.45 1.68
CA GLY F 158 -25.46 -31.29 2.45
C GLY F 158 -24.09 -30.66 2.61
N ASP F 159 -24.04 -29.34 2.48
CA ASP F 159 -22.77 -28.61 2.60
C ASP F 159 -22.97 -27.29 3.35
N GLN F 160 -21.89 -26.55 3.53
CA GLN F 160 -21.94 -25.27 4.23
C GLN F 160 -21.00 -24.25 3.59
N GLN F 161 -21.38 -22.98 3.66
CA GLN F 161 -20.59 -21.91 3.09
C GLN F 161 -19.86 -21.11 4.17
N ALA F 162 -18.55 -21.01 4.05
CA ALA F 162 -17.74 -20.28 5.01
C ALA F 162 -17.14 -19.02 4.40
N VAL F 163 -17.86 -18.43 3.46
CA VAL F 163 -17.41 -17.21 2.80
C VAL F 163 -17.91 -15.97 3.52
N ALA F 164 -17.49 -15.81 4.77
CA ALA F 164 -17.89 -14.66 5.57
C ALA F 164 -17.00 -13.45 5.29
N ALA F 165 -17.52 -12.26 5.58
CA ALA F 165 -16.77 -11.03 5.35
C ALA F 165 -17.18 -9.94 6.34
N GLY F 176 -22.34 -5.03 3.47
CA GLY F 176 -23.77 -4.78 3.36
C GLY F 176 -24.59 -6.02 3.09
N ALA F 177 -25.87 -6.01 3.52
CA ALA F 177 -26.80 -7.12 3.35
C ALA F 177 -27.29 -7.23 1.90
N VAL F 178 -27.91 -6.16 1.37
CA VAL F 178 -28.42 -6.08 -0.01
C VAL F 178 -27.28 -5.61 -0.93
N ALA F 179 -26.31 -4.83 -0.38
CA ALA F 179 -25.14 -4.30 -1.09
C ALA F 179 -24.22 -5.38 -1.68
N SER F 180 -24.05 -6.52 -0.97
CA SER F 180 -23.23 -7.66 -1.40
C SER F 180 -24.08 -8.73 -2.12
N PHE F 181 -25.42 -8.65 -1.95
CA PHE F 181 -26.41 -9.52 -2.59
C PHE F 181 -26.46 -9.18 -4.09
N ASN F 182 -26.27 -7.89 -4.43
CA ASN F 182 -26.28 -7.38 -5.81
C ASN F 182 -25.16 -7.99 -6.71
N PRO F 183 -23.84 -7.92 -6.37
CA PRO F 183 -22.82 -8.47 -7.30
C PRO F 183 -22.86 -9.98 -7.54
N GLY F 184 -22.96 -10.76 -6.47
CA GLY F 184 -22.97 -12.21 -6.51
C GLY F 184 -23.88 -12.80 -7.57
N TYR F 185 -25.19 -12.63 -7.39
CA TYR F 185 -26.22 -13.17 -8.27
C TYR F 185 -26.28 -12.43 -9.61
N PHE F 186 -25.78 -11.15 -9.69
CA PHE F 186 -25.76 -10.40 -10.95
C PHE F 186 -24.70 -11.01 -11.86
N TRP F 187 -23.46 -11.19 -11.33
CA TRP F 187 -22.33 -11.79 -12.06
C TRP F 187 -22.61 -13.22 -12.46
N MET F 188 -23.42 -13.95 -11.68
CA MET F 188 -23.81 -15.33 -11.99
C MET F 188 -24.83 -15.35 -13.14
N PHE F 189 -25.80 -14.41 -13.14
CA PHE F 189 -26.81 -14.27 -14.19
C PHE F 189 -26.17 -13.95 -15.55
N THR F 190 -25.15 -13.08 -15.55
CA THR F 190 -24.40 -12.69 -16.75
C THR F 190 -23.55 -13.84 -17.26
N ASN F 191 -23.02 -14.68 -16.35
CA ASN F 191 -22.23 -15.87 -16.68
C ASN F 191 -23.13 -16.88 -17.38
N CYS F 192 -24.39 -16.98 -16.94
CA CYS F 192 -25.41 -17.88 -17.46
C CYS F 192 -25.79 -17.58 -18.91
N ILE F 193 -26.05 -16.28 -19.22
CA ILE F 193 -26.40 -15.84 -20.58
C ILE F 193 -25.19 -15.99 -21.53
N THR F 194 -23.94 -15.61 -21.12
CA THR F 194 -22.74 -15.78 -21.95
C THR F 194 -22.38 -17.25 -22.16
N SER F 195 -22.58 -18.11 -21.13
CA SER F 195 -22.33 -19.56 -21.20
C SER F 195 -23.26 -20.16 -22.24
N ALA F 196 -24.53 -19.73 -22.23
CA ALA F 196 -25.56 -20.18 -23.17
C ALA F 196 -25.25 -19.69 -24.57
N LEU F 197 -25.13 -18.35 -24.78
CA LEU F 197 -24.82 -17.72 -26.06
C LEU F 197 -23.55 -18.27 -26.69
N PHE F 198 -22.49 -18.46 -25.90
CA PHE F 198 -21.22 -19.01 -26.40
C PHE F 198 -21.40 -20.40 -27.02
N VAL F 199 -21.94 -21.38 -26.27
CA VAL F 199 -22.14 -22.76 -26.75
C VAL F 199 -23.15 -22.84 -27.90
N LEU F 200 -24.19 -21.96 -27.91
CA LEU F 200 -25.24 -21.91 -28.94
C LEU F 200 -24.72 -21.31 -30.25
N ILE F 201 -24.01 -20.17 -30.17
CA ILE F 201 -23.47 -19.46 -31.34
C ILE F 201 -22.28 -20.23 -31.94
N MET F 202 -21.38 -20.82 -31.10
CA MET F 202 -20.22 -21.57 -31.59
C MET F 202 -20.66 -22.77 -32.43
N ARG F 203 -21.61 -23.59 -31.90
CA ARG F 203 -22.16 -24.79 -32.56
C ARG F 203 -22.89 -24.42 -33.86
N LYS F 204 -23.51 -23.23 -33.89
CA LYS F 204 -24.21 -22.70 -35.06
C LYS F 204 -23.19 -22.41 -36.20
N ARG F 205 -22.09 -21.70 -35.88
CA ARG F 205 -21.03 -21.35 -36.83
C ARG F 205 -20.27 -22.57 -37.34
N ILE F 206 -19.99 -23.57 -36.45
CA ILE F 206 -19.30 -24.81 -36.85
C ILE F 206 -20.12 -25.47 -37.93
N LYS F 207 -21.41 -25.74 -37.65
CA LYS F 207 -22.32 -26.39 -38.61
C LYS F 207 -22.47 -25.60 -39.91
N LEU F 208 -22.42 -24.26 -39.83
CA LEU F 208 -22.51 -23.38 -40.99
C LEU F 208 -21.26 -23.43 -41.86
N THR F 209 -20.07 -23.25 -41.25
CA THR F 209 -18.79 -23.22 -41.97
C THR F 209 -18.03 -24.58 -41.92
N ASN F 210 -18.75 -25.72 -41.77
CA ASN F 210 -18.19 -27.09 -41.72
C ASN F 210 -16.75 -27.14 -41.14
N PHE F 211 -16.57 -26.50 -39.97
CA PHE F 211 -15.32 -26.27 -39.26
C PHE F 211 -14.59 -27.49 -38.75
N LYS F 212 -15.26 -28.65 -38.68
CA LYS F 212 -14.66 -29.89 -38.19
C LYS F 212 -14.11 -29.69 -36.74
N ASP F 213 -12.83 -30.00 -36.43
CA ASP F 213 -12.41 -29.86 -35.03
C ASP F 213 -11.13 -29.08 -34.82
N PHE F 214 -10.17 -29.18 -35.76
CA PHE F 214 -8.89 -28.47 -35.67
C PHE F 214 -9.03 -26.97 -35.92
N ASP F 215 -9.98 -26.57 -36.79
CA ASP F 215 -10.28 -25.17 -37.12
C ASP F 215 -11.04 -24.51 -35.97
N THR F 216 -11.94 -25.27 -35.31
CA THR F 216 -12.76 -24.88 -34.14
C THR F 216 -11.82 -24.58 -32.95
N MET F 217 -10.75 -25.38 -32.81
CA MET F 217 -9.73 -25.24 -31.79
C MET F 217 -8.80 -24.07 -32.14
N PHE F 218 -8.48 -23.92 -33.44
CA PHE F 218 -7.60 -22.87 -33.94
C PHE F 218 -8.18 -21.46 -33.76
N TYR F 219 -9.40 -21.23 -34.28
CA TYR F 219 -10.10 -19.95 -34.25
C TYR F 219 -10.50 -19.48 -32.86
N ASN F 220 -10.69 -20.41 -31.92
CA ASN F 220 -11.02 -20.06 -30.55
C ASN F 220 -9.77 -19.60 -29.80
N ASN F 221 -8.62 -20.23 -30.07
CA ASN F 221 -7.34 -19.89 -29.42
C ASN F 221 -6.60 -18.69 -30.02
N VAL F 222 -6.62 -18.55 -31.38
CA VAL F 222 -5.96 -17.46 -32.11
C VAL F 222 -6.67 -16.12 -31.85
N LEU F 223 -8.01 -16.12 -31.98
CA LEU F 223 -8.84 -14.94 -31.79
C LEU F 223 -9.00 -14.55 -30.31
N ALA F 224 -8.79 -15.51 -29.38
CA ALA F 224 -8.87 -15.25 -27.93
C ALA F 224 -7.66 -14.45 -27.47
N LEU F 225 -6.45 -14.74 -28.04
CA LEU F 225 -5.18 -14.07 -27.77
C LEU F 225 -5.32 -12.53 -27.55
N PRO F 226 -5.90 -11.71 -28.48
CA PRO F 226 -6.04 -10.27 -28.19
C PRO F 226 -7.05 -9.93 -27.08
N ILE F 227 -8.19 -10.66 -27.04
CA ILE F 227 -9.26 -10.46 -26.06
C ILE F 227 -8.78 -10.78 -24.63
N LEU F 228 -7.94 -11.82 -24.48
CA LEU F 228 -7.35 -12.22 -23.20
C LEU F 228 -6.37 -11.17 -22.70
N LEU F 229 -5.61 -10.55 -23.64
CA LEU F 229 -4.64 -9.48 -23.35
C LEU F 229 -5.38 -8.23 -22.89
N LEU F 230 -6.39 -7.79 -23.66
CA LEU F 230 -7.19 -6.61 -23.36
C LEU F 230 -7.96 -6.72 -22.05
N PHE F 231 -8.44 -7.94 -21.72
CA PHE F 231 -9.16 -8.22 -20.47
C PHE F 231 -8.23 -8.14 -19.27
N SER F 232 -6.98 -8.65 -19.39
CA SER F 232 -5.99 -8.62 -18.31
C SER F 232 -5.53 -7.20 -17.99
N PHE F 233 -5.42 -6.31 -19.00
CA PHE F 233 -5.02 -4.92 -18.80
C PHE F 233 -6.06 -4.11 -18.02
N CYS F 234 -7.34 -4.48 -18.16
CA CYS F 234 -8.48 -3.79 -17.53
C CYS F 234 -8.80 -4.26 -16.10
N VAL F 235 -8.50 -5.53 -15.76
CA VAL F 235 -8.86 -6.06 -14.43
C VAL F 235 -7.67 -6.54 -13.56
N GLU F 236 -6.44 -6.58 -14.12
CA GLU F 236 -5.28 -7.05 -13.34
C GLU F 236 -4.20 -5.97 -13.15
N ASP F 237 -3.44 -6.09 -12.04
CA ASP F 237 -2.34 -5.19 -11.67
C ASP F 237 -1.08 -5.54 -12.47
N TRP F 238 -0.35 -4.50 -12.92
CA TRP F 238 0.86 -4.64 -13.74
C TRP F 238 2.13 -4.05 -13.08
N SER F 239 2.18 -3.96 -11.73
CA SER F 239 3.31 -3.44 -10.97
C SER F 239 4.60 -4.26 -11.16
N SER F 240 5.56 -3.68 -11.92
CA SER F 240 6.86 -4.21 -12.37
C SER F 240 7.58 -5.18 -11.40
N VAL F 241 8.41 -4.65 -10.47
CA VAL F 241 9.25 -5.40 -9.50
C VAL F 241 8.41 -6.31 -8.57
N ASN F 242 7.20 -5.85 -8.19
CA ASN F 242 6.27 -6.59 -7.31
C ASN F 242 5.65 -7.83 -7.99
N LEU F 243 5.85 -7.97 -9.32
CA LEU F 243 5.33 -9.08 -10.13
C LEU F 243 6.44 -9.95 -10.75
N THR F 244 7.65 -9.37 -10.95
CA THR F 244 8.81 -10.07 -11.52
C THR F 244 9.27 -11.24 -10.63
N ASN F 245 9.23 -11.04 -9.28
CA ASN F 245 9.62 -12.05 -8.29
C ASN F 245 8.53 -13.11 -8.05
N ASN F 246 7.26 -12.78 -8.37
CA ASN F 246 6.12 -13.67 -8.22
C ASN F 246 5.92 -14.51 -9.48
N PHE F 247 6.03 -13.87 -10.67
CA PHE F 247 5.86 -14.49 -11.97
C PHE F 247 7.22 -14.78 -12.64
N SER F 248 8.03 -15.60 -11.95
CA SER F 248 9.40 -16.02 -12.29
C SER F 248 9.46 -17.24 -13.23
N ASN F 249 10.65 -17.91 -13.30
CA ASN F 249 10.93 -19.11 -14.10
C ASN F 249 10.07 -20.30 -13.71
N ASP F 250 9.68 -20.39 -12.41
CA ASP F 250 8.83 -21.45 -11.86
C ASP F 250 7.41 -21.36 -12.40
N SER F 251 6.80 -20.14 -12.34
CA SER F 251 5.44 -19.87 -12.81
C SER F 251 5.33 -20.02 -14.33
N LEU F 252 6.36 -19.58 -15.08
CA LEU F 252 6.43 -19.66 -16.54
C LEU F 252 6.40 -21.12 -17.00
N THR F 253 7.15 -22.00 -16.30
CA THR F 253 7.21 -23.44 -16.57
C THR F 253 5.84 -24.06 -16.28
N ALA F 254 5.20 -23.62 -15.18
CA ALA F 254 3.89 -24.08 -14.74
C ALA F 254 2.76 -23.73 -15.72
N MET F 255 2.80 -22.51 -16.33
CA MET F 255 1.82 -22.04 -17.31
C MET F 255 1.91 -22.85 -18.60
N ILE F 256 3.14 -23.29 -18.96
CA ILE F 256 3.41 -24.09 -20.15
C ILE F 256 2.89 -25.52 -19.94
N ILE F 257 3.15 -26.13 -18.75
CA ILE F 257 2.68 -27.48 -18.41
C ILE F 257 1.14 -27.52 -18.35
N SER F 258 0.50 -26.51 -17.71
CA SER F 258 -0.96 -26.39 -17.65
C SER F 258 -1.53 -26.09 -19.05
N GLY F 259 -0.69 -25.48 -19.89
CA GLY F 259 -0.99 -25.15 -21.29
C GLY F 259 -1.03 -26.41 -22.13
N VAL F 260 -0.10 -27.36 -21.85
CA VAL F 260 0.00 -28.67 -22.52
C VAL F 260 -1.22 -29.52 -22.13
N ALA F 261 -1.64 -29.44 -20.85
CA ALA F 261 -2.81 -30.15 -20.30
C ALA F 261 -4.12 -29.67 -20.94
N SER F 262 -4.20 -28.36 -21.26
CA SER F 262 -5.36 -27.72 -21.87
C SER F 262 -5.51 -27.98 -23.38
N VAL F 263 -4.46 -28.53 -24.03
CA VAL F 263 -4.45 -28.84 -25.48
C VAL F 263 -5.58 -29.82 -25.84
N GLY F 264 -5.70 -30.90 -25.09
CA GLY F 264 -6.71 -31.93 -25.30
C GLY F 264 -8.13 -31.44 -25.16
N ILE F 265 -8.46 -30.88 -23.97
CA ILE F 265 -9.80 -30.37 -23.62
C ILE F 265 -10.28 -29.27 -24.60
N SER F 266 -9.36 -28.43 -25.14
CA SER F 266 -9.73 -27.39 -26.09
C SER F 266 -10.13 -27.96 -27.45
N TYR F 267 -9.54 -29.10 -27.84
CA TYR F 267 -9.87 -29.78 -29.08
C TYR F 267 -11.19 -30.54 -28.92
N CYS F 268 -11.34 -31.25 -27.77
CA CYS F 268 -12.45 -32.10 -27.39
C CYS F 268 -13.77 -31.36 -27.14
N SER F 269 -13.72 -30.16 -26.54
CA SER F 269 -14.93 -29.37 -26.27
C SER F 269 -15.58 -28.92 -27.60
N GLY F 270 -14.74 -28.51 -28.55
CA GLY F 270 -15.14 -28.10 -29.90
C GLY F 270 -15.58 -29.26 -30.76
N TRP F 271 -15.11 -30.46 -30.41
CA TRP F 271 -15.46 -31.73 -31.06
C TRP F 271 -16.83 -32.17 -30.52
N CYS F 272 -16.98 -32.16 -29.17
CA CYS F 272 -18.19 -32.53 -28.44
C CYS F 272 -19.41 -31.73 -28.92
N VAL F 273 -19.33 -30.38 -28.92
CA VAL F 273 -20.40 -29.48 -29.37
C VAL F 273 -20.86 -29.80 -30.81
N ARG F 274 -19.91 -30.12 -31.70
CA ARG F 274 -20.15 -30.40 -33.11
C ARG F 274 -20.89 -31.73 -33.37
N VAL F 275 -20.32 -32.86 -32.93
CA VAL F 275 -20.90 -34.19 -33.18
C VAL F 275 -22.16 -34.47 -32.35
N THR F 276 -22.23 -33.97 -31.10
CA THR F 276 -23.41 -34.19 -30.25
C THR F 276 -24.33 -32.95 -30.33
N SER F 277 -24.35 -32.09 -29.29
CA SER F 277 -25.15 -30.86 -29.22
C SER F 277 -24.62 -29.93 -28.14
N SER F 278 -25.09 -28.66 -28.13
CA SER F 278 -24.75 -27.63 -27.15
C SER F 278 -25.20 -28.04 -25.75
N THR F 279 -26.34 -28.78 -25.67
CA THR F 279 -26.97 -29.29 -24.44
C THR F 279 -26.16 -30.46 -23.90
N THR F 280 -25.84 -31.45 -24.78
CA THR F 280 -25.05 -32.65 -24.43
C THR F 280 -23.70 -32.24 -23.87
N TYR F 281 -23.03 -31.26 -24.50
CA TYR F 281 -21.74 -30.72 -24.06
C TYR F 281 -21.80 -30.15 -22.64
N SER F 282 -22.84 -29.35 -22.36
CA SER F 282 -23.04 -28.72 -21.05
C SER F 282 -23.52 -29.72 -19.99
N MET F 283 -24.12 -30.85 -20.45
CA MET F 283 -24.60 -31.96 -19.62
C MET F 283 -23.40 -32.82 -19.20
N VAL F 284 -22.56 -33.24 -20.19
CA VAL F 284 -21.32 -34.01 -20.03
C VAL F 284 -20.33 -33.22 -19.16
N GLY F 285 -20.30 -31.90 -19.33
CA GLY F 285 -19.48 -31.00 -18.53
C GLY F 285 -19.90 -30.98 -17.07
N ALA F 286 -21.23 -31.00 -16.81
CA ALA F 286 -21.82 -31.04 -15.46
C ALA F 286 -21.65 -32.43 -14.83
N LEU F 287 -21.78 -33.49 -15.64
CA LEU F 287 -21.63 -34.88 -15.22
C LEU F 287 -20.18 -35.23 -14.85
N ASN F 288 -19.19 -34.58 -15.51
CA ASN F 288 -17.74 -34.76 -15.32
C ASN F 288 -17.25 -34.45 -13.91
N LYS F 289 -17.93 -33.52 -13.21
CA LYS F 289 -17.60 -33.09 -11.86
C LYS F 289 -17.86 -34.20 -10.83
N LEU F 290 -18.81 -35.11 -11.12
CA LEU F 290 -19.21 -36.21 -10.25
C LEU F 290 -18.11 -37.27 -10.05
N PRO F 291 -17.51 -37.92 -11.10
CA PRO F 291 -16.45 -38.93 -10.83
C PRO F 291 -15.21 -38.39 -10.11
N ILE F 292 -14.86 -37.09 -10.32
CA ILE F 292 -13.71 -36.49 -9.64
C ILE F 292 -14.03 -36.28 -8.15
N ALA F 293 -15.32 -36.00 -7.83
CA ALA F 293 -15.82 -35.81 -6.46
C ALA F 293 -15.88 -37.15 -5.75
N LEU F 294 -16.27 -38.22 -6.47
CA LEU F 294 -16.35 -39.60 -5.97
C LEU F 294 -14.94 -40.12 -5.67
N SER F 295 -13.94 -39.69 -6.47
CA SER F 295 -12.53 -40.03 -6.30
C SER F 295 -12.00 -39.45 -4.98
N GLY F 296 -12.48 -38.26 -4.62
CA GLY F 296 -12.12 -37.59 -3.37
C GLY F 296 -12.64 -38.35 -2.16
N LEU F 297 -13.81 -39.00 -2.32
CA LEU F 297 -14.45 -39.80 -1.28
C LEU F 297 -13.77 -41.16 -1.16
N ILE F 298 -13.31 -41.73 -2.30
CA ILE F 298 -12.65 -43.04 -2.35
C ILE F 298 -11.17 -42.95 -1.96
N PHE F 299 -10.37 -42.20 -2.72
CA PHE F 299 -8.92 -42.07 -2.53
C PHE F 299 -8.48 -41.30 -1.29
N PHE F 300 -9.29 -40.34 -0.80
CA PHE F 300 -8.86 -39.51 0.33
C PHE F 300 -9.71 -39.63 1.58
N ASP F 301 -9.04 -39.99 2.69
CA ASP F 301 -9.56 -40.16 4.05
C ASP F 301 -9.96 -38.77 4.58
N ALA F 302 -11.20 -38.35 4.26
CA ALA F 302 -11.73 -37.04 4.62
C ALA F 302 -13.18 -37.17 5.10
N PRO F 303 -13.66 -36.28 6.00
CA PRO F 303 -15.05 -36.43 6.48
C PRO F 303 -16.10 -35.96 5.45
N ARG F 304 -17.28 -36.62 5.45
CA ARG F 304 -18.41 -36.34 4.56
C ARG F 304 -19.76 -36.74 5.16
N ASN F 305 -20.83 -36.10 4.63
CA ASN F 305 -22.22 -36.35 5.02
C ASN F 305 -22.92 -37.21 3.96
N PHE F 306 -24.02 -37.89 4.34
CA PHE F 306 -24.81 -38.73 3.44
C PHE F 306 -25.40 -37.94 2.27
N LEU F 307 -25.81 -36.69 2.53
CA LEU F 307 -26.40 -35.79 1.53
C LEU F 307 -25.45 -35.51 0.35
N SER F 308 -24.16 -35.28 0.63
CA SER F 308 -23.13 -35.03 -0.38
C SER F 308 -22.87 -36.30 -1.18
N ILE F 309 -22.98 -37.49 -0.54
CA ILE F 309 -22.82 -38.80 -1.18
C ILE F 309 -24.04 -39.05 -2.07
N LEU F 310 -25.25 -38.72 -1.57
CA LEU F 310 -26.52 -38.85 -2.26
C LEU F 310 -26.57 -37.97 -3.52
N SER F 311 -26.02 -36.74 -3.45
CA SER F 311 -25.98 -35.81 -4.59
C SER F 311 -25.23 -36.40 -5.79
N ILE F 312 -24.13 -37.15 -5.54
CA ILE F 312 -23.30 -37.81 -6.55
C ILE F 312 -24.13 -38.85 -7.32
N PHE F 313 -24.88 -39.71 -6.60
CA PHE F 313 -25.68 -40.76 -7.21
C PHE F 313 -26.96 -40.22 -7.88
N ILE F 314 -27.51 -39.07 -7.40
CA ILE F 314 -28.67 -38.41 -8.03
C ILE F 314 -28.19 -37.87 -9.39
N GLY F 315 -27.00 -37.25 -9.38
CA GLY F 315 -26.33 -36.73 -10.56
C GLY F 315 -26.05 -37.80 -11.59
N PHE F 316 -25.75 -39.04 -11.12
CA PHE F 316 -25.50 -40.21 -11.97
C PHE F 316 -26.80 -40.66 -12.62
N LEU F 317 -27.92 -40.69 -11.85
CA LEU F 317 -29.26 -41.06 -12.33
C LEU F 317 -29.73 -40.08 -13.41
N SER F 318 -29.30 -38.81 -13.30
CA SER F 318 -29.58 -37.73 -14.25
C SER F 318 -28.94 -38.02 -15.61
N GLY F 319 -27.67 -38.41 -15.60
CA GLY F 319 -26.92 -38.77 -16.81
C GLY F 319 -27.42 -40.05 -17.45
N ILE F 320 -27.81 -41.04 -16.60
CA ILE F 320 -28.35 -42.33 -17.03
C ILE F 320 -29.68 -42.14 -17.77
N ILE F 321 -30.61 -41.34 -17.20
CA ILE F 321 -31.90 -41.12 -17.84
C ILE F 321 -31.77 -40.13 -19.03
N TYR F 322 -30.70 -39.30 -19.05
CA TYR F 322 -30.44 -38.38 -20.17
C TYR F 322 -29.95 -39.19 -21.37
N ALA F 323 -29.17 -40.26 -21.12
CA ALA F 323 -28.63 -41.18 -22.12
C ALA F 323 -29.77 -41.95 -22.78
N VAL F 324 -30.79 -42.33 -21.99
CA VAL F 324 -31.98 -43.04 -22.47
C VAL F 324 -32.83 -42.07 -23.30
N ALA F 325 -32.92 -40.79 -22.86
CA ALA F 325 -33.68 -39.74 -23.54
C ALA F 325 -33.18 -39.49 -24.95
N LYS F 326 -31.85 -39.52 -25.15
CA LYS F 326 -31.20 -39.34 -26.44
C LYS F 326 -31.44 -40.58 -27.32
N GLN F 327 -31.40 -41.79 -26.68
CA GLN F 327 -31.63 -43.09 -27.33
C GLN F 327 -33.09 -43.18 -27.81
N LYS F 328 -34.01 -42.52 -27.08
CA LYS F 328 -35.44 -42.45 -27.38
C LYS F 328 -35.67 -41.57 -28.62
N LYS F 329 -34.97 -40.42 -28.69
CA LYS F 329 -35.03 -39.43 -29.79
C LYS F 329 -34.67 -40.05 -31.15
N GLN F 330 -33.57 -40.83 -31.20
CA GLN F 330 -33.08 -41.51 -32.41
C GLN F 330 -34.14 -42.39 -33.06
N GLN F 331 -34.85 -43.20 -32.25
CA GLN F 331 -35.92 -44.11 -32.69
C GLN F 331 -37.26 -43.41 -32.89
N ALA F 332 -37.40 -42.15 -32.44
CA ALA F 332 -38.64 -41.37 -32.57
C ALA F 332 -38.55 -40.18 -33.54
N GLN F 333 -37.38 -39.97 -34.20
CA GLN F 333 -37.21 -38.88 -35.17
C GLN F 333 -36.91 -39.39 -36.59
N SER G 16 -45.34 -47.13 39.37
CA SER G 16 -46.03 -47.15 38.09
C SER G 16 -45.05 -47.36 36.95
N VAL G 17 -44.48 -48.57 36.87
CA VAL G 17 -43.51 -48.99 35.83
C VAL G 17 -42.14 -48.29 35.93
N ALA G 18 -41.86 -47.83 37.14
CA ALA G 18 -40.62 -47.17 37.45
C ALA G 18 -39.84 -48.12 38.30
N ASN G 19 -39.82 -49.39 37.93
CA ASN G 19 -39.09 -50.38 38.65
C ASN G 19 -37.92 -50.75 37.79
N SER G 20 -37.18 -49.73 37.35
CA SER G 20 -35.98 -49.88 36.51
C SER G 20 -35.11 -48.62 36.42
N GLY G 21 -33.85 -48.84 36.06
CA GLY G 21 -32.87 -47.78 35.86
C GLY G 21 -32.23 -47.12 37.06
N PRO G 22 -31.73 -45.90 36.86
CA PRO G 22 -31.12 -45.06 37.90
C PRO G 22 -32.06 -44.58 39.02
N ILE G 23 -33.37 -44.82 38.88
CA ILE G 23 -34.39 -44.47 39.88
C ILE G 23 -34.09 -45.20 41.20
N SER G 24 -33.68 -46.49 41.09
CA SER G 24 -33.29 -47.35 42.20
C SER G 24 -32.09 -46.79 42.95
N ILE G 25 -31.09 -46.26 42.21
CA ILE G 25 -29.87 -45.65 42.74
C ILE G 25 -30.23 -44.41 43.58
N LEU G 26 -31.02 -43.48 42.99
CA LEU G 26 -31.49 -42.25 43.63
C LEU G 26 -32.29 -42.57 44.90
N SER G 27 -33.11 -43.65 44.85
CA SER G 27 -33.92 -44.14 45.96
C SER G 27 -33.04 -44.73 47.05
N TYR G 28 -32.02 -45.54 46.67
CA TYR G 28 -31.07 -46.17 47.59
C TYR G 28 -30.24 -45.10 48.30
N CYS G 29 -29.88 -44.03 47.56
CA CYS G 29 -29.12 -42.90 48.06
C CYS G 29 -29.92 -42.12 49.09
N GLY G 30 -31.14 -41.73 48.73
CA GLY G 30 -32.05 -40.99 49.60
C GLY G 30 -32.40 -41.72 50.88
N SER G 31 -32.60 -43.06 50.78
CA SER G 31 -32.91 -43.96 51.90
C SER G 31 -31.67 -44.22 52.80
N SER G 32 -30.45 -43.97 52.29
CA SER G 32 -29.21 -44.06 53.02
C SER G 32 -28.99 -42.74 53.77
N ILE G 33 -29.34 -41.60 53.13
CA ILE G 33 -29.25 -40.24 53.68
C ILE G 33 -30.19 -40.12 54.88
N LEU G 34 -31.47 -40.54 54.71
CA LEU G 34 -32.52 -40.51 55.73
C LEU G 34 -32.11 -41.33 56.95
N MET G 35 -31.50 -42.51 56.73
CA MET G 35 -31.04 -43.41 57.79
C MET G 35 -29.87 -42.82 58.57
N THR G 36 -28.97 -42.07 57.89
CA THR G 36 -27.81 -41.43 58.52
C THR G 36 -28.25 -40.25 59.40
N VAL G 37 -29.14 -39.38 58.88
CA VAL G 37 -29.64 -38.21 59.62
C VAL G 37 -30.53 -38.62 60.80
N THR G 38 -31.28 -39.73 60.68
CA THR G 38 -32.13 -40.23 61.77
C THR G 38 -31.26 -40.74 62.90
N ASN G 39 -30.22 -41.53 62.58
CA ASN G 39 -29.30 -42.11 63.57
C ASN G 39 -28.45 -41.08 64.32
N LYS G 40 -28.19 -39.89 63.73
CA LYS G 40 -27.37 -38.87 64.39
C LYS G 40 -28.15 -37.63 64.88
N PHE G 41 -29.41 -37.43 64.41
CA PHE G 41 -30.22 -36.28 64.85
C PHE G 41 -31.49 -36.68 65.60
N VAL G 42 -32.28 -37.63 65.06
CA VAL G 42 -33.53 -38.10 65.67
C VAL G 42 -33.28 -39.07 66.83
N VAL G 43 -32.70 -40.24 66.53
CA VAL G 43 -32.39 -41.30 67.49
C VAL G 43 -30.89 -41.37 67.78
N ASN G 44 -30.30 -40.20 68.09
CA ASN G 44 -28.87 -40.07 68.44
C ASN G 44 -28.57 -40.73 69.80
N LEU G 45 -27.29 -40.75 70.22
CA LEU G 45 -26.81 -41.38 71.46
C LEU G 45 -27.19 -42.88 71.46
N LYS G 46 -26.96 -43.51 70.29
CA LYS G 46 -27.24 -44.91 70.00
C LYS G 46 -25.93 -45.75 70.10
N ASP G 47 -25.17 -45.52 71.20
CA ASP G 47 -23.93 -46.22 71.55
C ASP G 47 -24.37 -47.50 72.30
N PHE G 48 -25.17 -48.32 71.60
CA PHE G 48 -25.84 -49.53 72.05
C PHE G 48 -24.91 -50.66 72.45
N ASN G 49 -25.31 -51.39 73.50
CA ASN G 49 -24.60 -52.53 74.04
C ASN G 49 -25.11 -53.83 73.39
N MET G 50 -26.35 -53.81 72.86
CA MET G 50 -26.99 -54.96 72.20
C MET G 50 -27.43 -54.61 70.77
N ASN G 51 -26.44 -54.53 69.85
CA ASN G 51 -26.62 -54.18 68.44
C ASN G 51 -27.47 -55.17 67.62
N PHE G 52 -27.34 -56.50 67.85
CA PHE G 52 -28.12 -57.52 67.13
C PHE G 52 -29.60 -57.50 67.52
N VAL G 53 -29.90 -57.10 68.78
CA VAL G 53 -31.25 -56.96 69.34
C VAL G 53 -31.90 -55.74 68.67
N MET G 54 -31.11 -54.68 68.44
CA MET G 54 -31.50 -53.44 67.77
C MET G 54 -31.87 -53.74 66.32
N LEU G 55 -31.08 -54.61 65.65
CA LEU G 55 -31.31 -55.03 64.26
C LEU G 55 -32.48 -56.00 64.16
N PHE G 56 -32.75 -56.76 65.24
CA PHE G 56 -33.86 -57.70 65.32
C PHE G 56 -35.20 -56.95 65.39
N VAL G 57 -35.21 -55.79 66.07
CA VAL G 57 -36.38 -54.91 66.19
C VAL G 57 -36.56 -54.17 64.84
N GLN G 58 -35.44 -53.80 64.18
CA GLN G 58 -35.41 -53.14 62.86
C GLN G 58 -36.00 -54.07 61.81
N SER G 59 -35.66 -55.37 61.87
CA SER G 59 -36.17 -56.40 60.97
C SER G 59 -37.62 -56.80 61.30
N LEU G 60 -38.06 -56.57 62.56
CA LEU G 60 -39.43 -56.83 63.00
C LEU G 60 -40.36 -55.76 62.42
N VAL G 61 -39.92 -54.47 62.48
CA VAL G 61 -40.63 -53.30 61.96
C VAL G 61 -40.84 -53.47 60.45
N CYS G 62 -39.78 -53.90 59.72
CA CYS G 62 -39.78 -54.16 58.27
C CYS G 62 -40.83 -55.21 57.92
N THR G 63 -40.87 -56.32 58.68
CA THR G 63 -41.79 -57.44 58.52
C THR G 63 -43.24 -57.01 58.80
N ILE G 64 -43.48 -56.30 59.92
CA ILE G 64 -44.80 -55.80 60.34
C ILE G 64 -45.37 -54.83 59.28
N THR G 65 -44.53 -53.94 58.73
CA THR G 65 -44.91 -52.99 57.67
C THR G 65 -45.34 -53.76 56.43
N LEU G 66 -44.56 -54.78 56.03
CA LEU G 66 -44.82 -55.64 54.88
C LEU G 66 -46.15 -56.40 54.95
N ILE G 67 -46.51 -56.92 56.15
CA ILE G 67 -47.76 -57.67 56.37
C ILE G 67 -48.98 -56.73 56.33
N ILE G 68 -48.88 -55.54 56.96
CA ILE G 68 -49.92 -54.51 56.99
C ILE G 68 -50.18 -53.98 55.57
N LEU G 69 -49.10 -53.69 54.82
CA LEU G 69 -49.18 -53.20 53.45
C LEU G 69 -49.68 -54.24 52.45
N ARG G 70 -49.47 -55.56 52.73
CA ARG G 70 -49.92 -56.65 51.86
C ARG G 70 -51.45 -56.78 51.93
N ILE G 71 -52.00 -56.70 53.16
CA ILE G 71 -53.45 -56.79 53.41
C ILE G 71 -54.18 -55.45 53.06
N LEU G 72 -53.41 -54.45 52.55
CA LEU G 72 -53.90 -53.14 52.13
C LEU G 72 -53.36 -52.76 50.73
N GLY G 73 -53.96 -53.36 49.70
CA GLY G 73 -53.60 -53.13 48.30
C GLY G 73 -54.51 -53.84 47.32
N PHE G 77 -48.22 -58.21 46.21
CA PHE G 77 -47.11 -57.61 46.93
C PHE G 77 -45.94 -58.60 47.11
N ARG G 78 -45.98 -59.40 48.20
CA ARG G 78 -44.95 -60.39 48.59
C ARG G 78 -45.53 -61.83 48.66
N SER G 79 -44.65 -62.85 48.90
CA SER G 79 -45.03 -64.27 48.98
C SER G 79 -44.32 -65.02 50.12
N LEU G 80 -44.99 -66.05 50.71
CA LEU G 80 -44.45 -66.89 51.79
C LEU G 80 -44.20 -68.31 51.24
N ASN G 81 -43.01 -68.93 51.53
CA ASN G 81 -42.67 -70.26 51.01
C ASN G 81 -41.75 -71.10 51.92
N LYS G 82 -41.34 -72.30 51.44
CA LYS G 82 -40.45 -73.25 52.13
C LYS G 82 -39.34 -73.81 51.22
N THR G 83 -39.50 -73.72 49.89
CA THR G 83 -38.47 -74.09 48.90
C THR G 83 -37.53 -72.90 48.80
N ASP G 84 -38.12 -71.67 48.66
CA ASP G 84 -37.43 -70.39 48.58
C ASP G 84 -36.73 -70.05 49.89
N ALA G 85 -37.32 -70.49 51.01
CA ALA G 85 -36.81 -70.26 52.36
C ALA G 85 -35.49 -70.97 52.61
N LYS G 86 -35.36 -72.26 52.19
CA LYS G 86 -34.12 -73.00 52.39
C LYS G 86 -33.00 -72.56 51.43
N ASN G 87 -33.37 -71.88 50.32
CA ASN G 87 -32.44 -71.31 49.34
C ASN G 87 -32.03 -69.88 49.70
N TRP G 88 -32.91 -69.15 50.43
CA TRP G 88 -32.63 -67.79 50.88
C TRP G 88 -31.94 -67.78 52.26
N PHE G 89 -32.00 -68.91 52.99
CA PHE G 89 -31.35 -69.02 54.30
C PHE G 89 -29.85 -68.71 54.25
N PRO G 90 -29.03 -69.20 53.27
CA PRO G 90 -27.62 -68.79 53.23
C PRO G 90 -27.40 -67.29 53.03
N ILE G 91 -28.26 -66.63 52.21
CA ILE G 91 -28.22 -65.17 51.96
C ILE G 91 -28.43 -64.41 53.28
N SER G 92 -29.47 -64.79 54.04
CA SER G 92 -29.79 -64.20 55.35
C SER G 92 -28.70 -64.46 56.36
N PHE G 93 -28.08 -65.66 56.31
CA PHE G 93 -26.97 -66.01 57.21
C PHE G 93 -25.75 -65.17 56.87
N LEU G 94 -25.45 -65.02 55.56
CA LEU G 94 -24.34 -64.22 55.04
C LEU G 94 -24.48 -62.76 55.47
N LEU G 95 -25.74 -62.25 55.48
CA LEU G 95 -26.09 -60.89 55.89
C LEU G 95 -25.73 -60.62 57.34
N VAL G 96 -26.19 -61.48 58.27
CA VAL G 96 -25.95 -61.36 59.71
C VAL G 96 -24.45 -61.53 60.02
N LEU G 97 -23.78 -62.46 59.30
CA LEU G 97 -22.35 -62.72 59.45
C LEU G 97 -21.54 -61.53 58.93
N MET G 98 -22.03 -60.88 57.84
CA MET G 98 -21.43 -59.70 57.21
C MET G 98 -21.39 -58.56 58.22
N ILE G 99 -22.49 -58.36 58.98
CA ILE G 99 -22.62 -57.35 60.04
C ILE G 99 -21.68 -57.70 61.21
N TYR G 100 -21.65 -59.00 61.62
CA TYR G 100 -20.79 -59.48 62.70
C TYR G 100 -19.31 -59.28 62.42
N THR G 101 -18.88 -59.64 61.21
CA THR G 101 -17.48 -59.49 60.79
C THR G 101 -17.10 -58.01 60.66
N SER G 102 -18.04 -57.17 60.17
CA SER G 102 -17.87 -55.73 59.99
C SER G 102 -17.67 -55.02 61.32
N SER G 103 -18.53 -55.32 62.32
CA SER G 103 -18.46 -54.75 63.67
C SER G 103 -17.18 -55.18 64.39
N LYS G 104 -16.79 -56.48 64.25
CA LYS G 104 -15.56 -57.03 64.83
C LYS G 104 -14.30 -56.49 64.16
N ALA G 105 -14.38 -56.15 62.85
CA ALA G 105 -13.26 -55.56 62.11
C ALA G 105 -13.07 -54.13 62.57
N LEU G 106 -14.18 -53.36 62.68
CA LEU G 106 -14.20 -51.97 63.13
C LEU G 106 -13.82 -51.79 64.59
N GLN G 107 -13.86 -52.88 65.40
CA GLN G 107 -13.46 -52.85 66.81
C GLN G 107 -11.95 -52.61 66.93
N TYR G 108 -11.16 -53.22 66.01
CA TYR G 108 -9.70 -53.12 65.99
C TYR G 108 -9.17 -52.16 64.91
N LEU G 109 -9.86 -52.08 63.75
CA LEU G 109 -9.47 -51.25 62.61
C LEU G 109 -10.12 -49.88 62.59
N ALA G 110 -9.36 -48.86 62.16
CA ALA G 110 -9.81 -47.47 62.05
C ALA G 110 -10.78 -47.31 60.86
N VAL G 111 -11.72 -46.35 60.96
CA VAL G 111 -12.74 -46.06 59.94
C VAL G 111 -12.12 -45.80 58.53
N PRO G 112 -11.10 -44.91 58.34
CA PRO G 112 -10.58 -44.71 56.98
C PRO G 112 -9.89 -45.94 56.39
N ILE G 113 -9.28 -46.79 57.26
CA ILE G 113 -8.62 -48.05 56.89
C ILE G 113 -9.68 -49.06 56.45
N TYR G 114 -10.80 -49.14 57.21
CA TYR G 114 -11.93 -50.00 56.93
C TYR G 114 -12.51 -49.70 55.55
N THR G 115 -12.56 -48.40 55.18
CA THR G 115 -13.07 -47.93 53.89
C THR G 115 -12.15 -48.35 52.73
N ILE G 116 -10.82 -48.50 52.95
CA ILE G 116 -9.88 -48.93 51.90
C ILE G 116 -10.25 -50.36 51.45
N PHE G 117 -10.31 -51.31 52.41
CA PHE G 117 -10.66 -52.70 52.16
C PHE G 117 -12.09 -52.85 51.67
N LYS G 118 -13.03 -51.98 52.14
CA LYS G 118 -14.41 -51.98 51.71
C LYS G 118 -14.53 -51.56 50.24
N ASN G 119 -13.58 -50.70 49.76
CA ASN G 119 -13.51 -50.26 48.38
C ASN G 119 -12.81 -51.32 47.52
N LEU G 120 -11.92 -52.12 48.16
CA LEU G 120 -11.22 -53.23 47.53
C LEU G 120 -12.16 -54.40 47.23
N THR G 121 -13.25 -54.55 48.03
CA THR G 121 -14.27 -55.60 47.83
C THR G 121 -14.96 -55.41 46.50
N ILE G 122 -15.19 -54.13 46.09
CA ILE G 122 -15.85 -53.77 44.83
C ILE G 122 -15.16 -54.48 43.66
N ILE G 123 -13.81 -54.57 43.67
CA ILE G 123 -13.00 -55.25 42.65
C ILE G 123 -13.28 -56.76 42.65
N LEU G 124 -13.30 -57.42 43.84
CA LEU G 124 -13.59 -58.87 43.88
C LEU G 124 -15.08 -59.16 43.63
N ILE G 125 -15.99 -58.19 43.88
CA ILE G 125 -17.42 -58.31 43.59
C ILE G 125 -17.54 -58.23 42.06
N ALA G 126 -16.75 -57.34 41.43
CA ALA G 126 -16.72 -57.15 39.98
C ALA G 126 -16.16 -58.39 39.29
N TYR G 127 -15.04 -58.95 39.80
CA TYR G 127 -14.44 -60.15 39.20
C TYR G 127 -15.17 -61.42 39.58
N GLY G 128 -15.93 -61.36 40.68
CA GLY G 128 -16.76 -62.45 41.18
C GLY G 128 -18.01 -62.60 40.35
N GLU G 129 -18.57 -61.45 39.86
CA GLU G 129 -19.74 -61.40 38.98
C GLU G 129 -19.45 -62.01 37.61
N VAL G 130 -18.16 -62.09 37.23
CA VAL G 130 -17.68 -62.72 35.99
C VAL G 130 -17.73 -64.26 36.17
N LEU G 131 -17.54 -64.73 37.42
CA LEU G 131 -17.58 -66.14 37.80
C LEU G 131 -19.01 -66.63 38.11
N PHE G 132 -19.96 -65.68 38.26
CA PHE G 132 -21.37 -65.95 38.57
C PHE G 132 -22.33 -65.71 37.39
N PHE G 133 -22.11 -64.63 36.62
CA PHE G 133 -22.99 -64.25 35.51
C PHE G 133 -22.29 -64.31 34.15
N GLY G 134 -20.96 -64.35 34.16
CA GLY G 134 -20.14 -64.47 32.95
C GLY G 134 -19.93 -63.19 32.17
N GLY G 135 -19.84 -62.06 32.87
CA GLY G 135 -19.61 -60.78 32.24
C GLY G 135 -18.15 -60.55 31.89
N SER G 136 -17.70 -59.29 32.04
CA SER G 136 -16.33 -58.83 31.79
C SER G 136 -16.11 -57.49 32.48
N VAL G 137 -15.01 -57.37 33.25
CA VAL G 137 -14.67 -56.11 33.94
C VAL G 137 -13.90 -55.31 32.91
N THR G 138 -14.57 -54.34 32.25
CA THR G 138 -13.96 -53.49 31.23
C THR G 138 -12.91 -52.60 31.88
N SER G 139 -11.82 -52.33 31.15
CA SER G 139 -10.68 -51.52 31.60
C SER G 139 -11.11 -50.17 32.21
N MET G 140 -12.25 -49.61 31.76
CA MET G 140 -12.80 -48.36 32.27
C MET G 140 -13.42 -48.54 33.65
N GLU G 141 -14.09 -49.70 33.90
CA GLU G 141 -14.67 -50.02 35.21
C GLU G 141 -13.51 -50.23 36.16
N LEU G 142 -12.47 -50.96 35.72
CA LEU G 142 -11.26 -51.23 36.48
C LEU G 142 -10.52 -49.94 36.85
N SER G 143 -10.57 -48.91 35.97
CA SER G 143 -9.98 -47.59 36.20
C SER G 143 -10.72 -46.86 37.31
N SER G 144 -12.07 -46.96 37.33
CA SER G 144 -12.93 -46.33 38.32
C SER G 144 -12.74 -46.95 39.70
N PHE G 145 -12.64 -48.29 39.79
CA PHE G 145 -12.42 -49.01 41.04
C PHE G 145 -11.07 -48.60 41.65
N LEU G 146 -10.07 -48.32 40.79
CA LEU G 146 -8.74 -47.89 41.22
C LEU G 146 -8.79 -46.45 41.73
N LEU G 147 -9.65 -45.61 41.12
CA LEU G 147 -9.87 -44.23 41.55
C LEU G 147 -10.65 -44.20 42.86
N MET G 148 -11.42 -45.27 43.15
CA MET G 148 -12.17 -45.43 44.39
C MET G 148 -11.22 -45.86 45.52
N VAL G 149 -10.21 -46.71 45.21
CA VAL G 149 -9.19 -47.14 46.16
C VAL G 149 -8.30 -45.94 46.49
N LEU G 150 -7.88 -45.19 45.44
CA LEU G 150 -7.06 -43.96 45.53
C LEU G 150 -7.69 -42.96 46.50
N SER G 151 -9.02 -42.74 46.36
CA SER G 151 -9.83 -41.85 47.19
C SER G 151 -9.76 -42.28 48.67
N SER G 152 -10.10 -43.55 48.99
CA SER G 152 -10.07 -44.09 50.35
C SER G 152 -8.68 -44.04 50.99
N VAL G 153 -7.61 -44.23 50.17
CA VAL G 153 -6.21 -44.20 50.60
C VAL G 153 -5.78 -42.75 50.92
N VAL G 154 -6.13 -41.77 50.07
CA VAL G 154 -5.78 -40.36 50.32
C VAL G 154 -6.64 -39.74 51.44
N ALA G 155 -7.74 -40.43 51.82
CA ALA G 155 -8.62 -40.03 52.93
C ALA G 155 -7.96 -40.46 54.24
N THR G 156 -7.33 -41.67 54.22
CA THR G 156 -6.58 -42.28 55.32
C THR G 156 -5.27 -41.52 55.49
N TRP G 157 -4.60 -41.17 54.37
CA TRP G 157 -3.36 -40.40 54.31
C TRP G 157 -3.61 -39.01 54.91
N GLY G 158 -4.77 -38.43 54.59
CA GLY G 158 -5.23 -37.15 55.12
C GLY G 158 -6.06 -37.30 56.37
N ASP G 159 -5.64 -38.21 57.26
CA ASP G 159 -6.36 -38.44 58.50
C ASP G 159 -5.50 -39.20 59.51
N GLN G 160 -5.43 -38.68 60.73
CA GLN G 160 -4.64 -39.31 61.78
C GLN G 160 -5.52 -40.15 62.70
N GLN G 161 -5.29 -41.46 62.71
CA GLN G 161 -6.06 -42.36 63.55
C GLN G 161 -5.18 -43.00 64.63
N ALA G 162 -5.11 -42.36 65.79
CA ALA G 162 -4.31 -42.87 66.90
C ALA G 162 -5.13 -43.78 67.80
N VAL G 163 -5.09 -45.08 67.52
CA VAL G 163 -5.83 -46.06 68.31
C VAL G 163 -4.93 -46.70 69.38
N ALA G 164 -5.37 -46.61 70.63
CA ALA G 164 -4.61 -47.18 71.74
C ALA G 164 -5.47 -48.16 72.54
N ALA G 177 2.79 -54.90 70.01
CA ALA G 177 2.28 -56.27 69.98
C ALA G 177 1.68 -56.62 68.62
N VAL G 178 1.99 -57.84 68.11
CA VAL G 178 1.50 -58.38 66.83
C VAL G 178 0.05 -58.90 67.00
N ALA G 179 -0.40 -59.11 68.26
CA ALA G 179 -1.74 -59.58 68.65
C ALA G 179 -2.82 -58.48 68.62
N SER G 180 -2.50 -57.31 68.00
CA SER G 180 -3.38 -56.15 67.83
C SER G 180 -3.53 -55.81 66.33
N PHE G 181 -2.44 -56.04 65.57
CA PHE G 181 -2.34 -55.83 64.12
C PHE G 181 -3.15 -56.91 63.38
N ASN G 182 -2.98 -58.19 63.77
CA ASN G 182 -3.62 -59.37 63.16
C ASN G 182 -5.16 -59.53 63.39
N PRO G 183 -5.78 -59.24 64.58
CA PRO G 183 -7.23 -59.46 64.73
C PRO G 183 -8.13 -58.71 63.75
N GLY G 184 -7.91 -57.40 63.62
CA GLY G 184 -8.68 -56.55 62.71
C GLY G 184 -8.55 -56.94 61.26
N TYR G 185 -7.31 -57.28 60.85
CA TYR G 185 -6.95 -57.69 59.49
C TYR G 185 -7.61 -59.02 59.10
N PHE G 186 -7.75 -59.96 60.07
CA PHE G 186 -8.42 -61.24 59.86
C PHE G 186 -9.92 -61.01 59.73
N TRP G 187 -10.50 -60.26 60.69
CA TRP G 187 -11.93 -59.92 60.72
C TRP G 187 -12.36 -59.09 59.51
N MET G 188 -11.45 -58.28 58.94
CA MET G 188 -11.76 -57.51 57.73
C MET G 188 -11.75 -58.41 56.50
N PHE G 189 -10.78 -59.36 56.42
CA PHE G 189 -10.69 -60.31 55.31
C PHE G 189 -11.96 -61.17 55.23
N THR G 190 -12.51 -61.58 56.40
CA THR G 190 -13.73 -62.37 56.48
C THR G 190 -14.94 -61.51 56.12
N ASN G 191 -14.92 -60.20 56.43
CA ASN G 191 -15.98 -59.26 56.07
C ASN G 191 -15.99 -59.03 54.56
N CYS G 192 -14.79 -59.07 53.92
CA CYS G 192 -14.62 -58.92 52.49
C CYS G 192 -15.25 -60.07 51.70
N ILE G 193 -15.01 -61.32 52.12
CA ILE G 193 -15.55 -62.51 51.44
C ILE G 193 -17.08 -62.63 51.68
N THR G 194 -17.57 -62.37 52.92
CA THR G 194 -19.00 -62.42 53.26
C THR G 194 -19.80 -61.29 52.61
N SER G 195 -19.19 -60.10 52.42
CA SER G 195 -19.83 -58.95 51.75
C SER G 195 -19.98 -59.25 50.27
N ALA G 196 -18.97 -59.93 49.68
CA ALA G 196 -18.93 -60.33 48.27
C ALA G 196 -19.95 -61.43 48.03
N LEU G 197 -19.84 -62.58 48.75
CA LEU G 197 -20.75 -63.72 48.64
C LEU G 197 -22.20 -63.34 48.83
N PHE G 198 -22.50 -62.49 49.83
CA PHE G 198 -23.87 -62.03 50.08
C PHE G 198 -24.49 -61.32 48.86
N VAL G 199 -23.85 -60.26 48.34
CA VAL G 199 -24.36 -59.50 47.19
C VAL G 199 -24.41 -60.33 45.90
N LEU G 200 -23.45 -61.29 45.72
CA LEU G 200 -23.34 -62.16 44.55
C LEU G 200 -24.42 -63.25 44.55
N ILE G 201 -24.62 -63.92 45.69
CA ILE G 201 -25.60 -65.01 45.85
C ILE G 201 -27.04 -64.45 45.90
N MET G 202 -27.27 -63.30 46.57
CA MET G 202 -28.61 -62.69 46.65
C MET G 202 -29.13 -62.32 45.26
N ARG G 203 -28.32 -61.58 44.47
CA ARG G 203 -28.65 -61.14 43.11
C ARG G 203 -28.90 -62.33 42.17
N LYS G 204 -28.15 -63.45 42.39
CA LYS G 204 -28.29 -64.70 41.65
C LYS G 204 -29.67 -65.33 41.89
N ARG G 205 -30.10 -65.46 43.17
CA ARG G 205 -31.40 -66.02 43.56
C ARG G 205 -32.56 -65.16 43.10
N ILE G 206 -32.44 -63.81 43.18
CA ILE G 206 -33.48 -62.87 42.75
C ILE G 206 -33.78 -63.13 41.27
N LYS G 207 -32.73 -63.13 40.43
CA LYS G 207 -32.86 -63.34 38.99
C LYS G 207 -33.36 -64.75 38.64
N LEU G 208 -33.01 -65.77 39.48
CA LEU G 208 -33.46 -67.15 39.30
C LEU G 208 -34.93 -67.30 39.61
N THR G 209 -35.36 -66.82 40.81
CA THR G 209 -36.74 -66.94 41.29
C THR G 209 -37.57 -65.64 41.07
N ASN G 210 -37.33 -64.92 39.93
CA ASN G 210 -38.03 -63.68 39.50
C ASN G 210 -38.67 -62.93 40.68
N PHE G 211 -37.85 -62.69 41.70
CA PHE G 211 -38.20 -62.05 42.95
C PHE G 211 -38.40 -60.57 42.71
N LYS G 212 -39.50 -60.02 43.21
CA LYS G 212 -39.73 -58.60 43.11
C LYS G 212 -39.25 -58.00 44.42
N ASP G 213 -38.89 -56.71 44.42
CA ASP G 213 -38.33 -55.97 45.55
C ASP G 213 -39.02 -56.16 46.90
N PHE G 214 -40.34 -56.47 46.90
CA PHE G 214 -41.09 -56.71 48.14
C PHE G 214 -40.81 -58.09 48.71
N ASP G 215 -40.51 -59.08 47.86
CA ASP G 215 -40.19 -60.46 48.26
C ASP G 215 -38.74 -60.54 48.79
N THR G 216 -37.78 -59.86 48.09
CA THR G 216 -36.36 -59.78 48.45
C THR G 216 -36.23 -59.19 49.86
N MET G 217 -36.95 -58.07 50.12
CA MET G 217 -37.00 -57.35 51.40
C MET G 217 -37.63 -58.24 52.48
N PHE G 218 -38.74 -58.92 52.14
CA PHE G 218 -39.45 -59.80 53.06
C PHE G 218 -38.59 -60.97 53.53
N TYR G 219 -38.00 -61.73 52.59
CA TYR G 219 -37.13 -62.89 52.88
C TYR G 219 -35.82 -62.55 53.59
N ASN G 220 -35.28 -61.33 53.36
CA ASN G 220 -34.06 -60.91 54.03
C ASN G 220 -34.32 -60.50 55.48
N ASN G 221 -35.53 -60.00 55.79
CA ASN G 221 -35.94 -59.59 57.14
C ASN G 221 -36.60 -60.70 57.97
N VAL G 222 -37.42 -61.57 57.33
CA VAL G 222 -38.11 -62.68 58.00
C VAL G 222 -37.11 -63.77 58.43
N LEU G 223 -36.23 -64.17 57.50
CA LEU G 223 -35.22 -65.20 57.74
C LEU G 223 -34.06 -64.70 58.60
N ALA G 224 -33.86 -63.36 58.69
CA ALA G 224 -32.81 -62.76 59.52
C ALA G 224 -33.20 -62.85 60.99
N LEU G 225 -34.50 -62.70 61.31
CA LEU G 225 -35.08 -62.77 62.65
C LEU G 225 -34.45 -63.90 63.53
N PRO G 226 -34.45 -65.22 63.13
CA PRO G 226 -33.80 -66.23 64.00
C PRO G 226 -32.28 -66.12 64.08
N ILE G 227 -31.61 -65.79 62.96
CA ILE G 227 -30.14 -65.65 62.87
C ILE G 227 -29.65 -64.48 63.73
N LEU G 228 -30.40 -63.37 63.78
CA LEU G 228 -30.08 -62.19 64.58
C LEU G 228 -30.21 -62.51 66.07
N LEU G 229 -31.21 -63.35 66.43
CA LEU G 229 -31.46 -63.79 67.81
C LEU G 229 -30.32 -64.70 68.27
N LEU G 230 -30.00 -65.73 67.46
CA LEU G 230 -28.93 -66.69 67.75
C LEU G 230 -27.56 -66.05 67.85
N PHE G 231 -27.30 -65.02 67.03
CA PHE G 231 -26.03 -64.27 67.04
C PHE G 231 -25.90 -63.42 68.31
N SER G 232 -27.00 -62.79 68.77
CA SER G 232 -27.00 -61.98 69.98
C SER G 232 -26.77 -62.81 71.25
N PHE G 233 -27.30 -64.05 71.30
CA PHE G 233 -27.12 -64.94 72.45
C PHE G 233 -25.66 -65.39 72.62
N CYS G 234 -24.92 -65.49 71.50
CA CYS G 234 -23.52 -65.94 71.46
C CYS G 234 -22.48 -64.86 71.73
N VAL G 235 -22.78 -63.58 71.39
CA VAL G 235 -21.79 -62.49 71.51
C VAL G 235 -22.20 -61.34 72.47
N GLU G 236 -23.45 -61.33 72.97
CA GLU G 236 -23.91 -60.26 73.87
C GLU G 236 -24.28 -60.73 75.28
N ASP G 237 -24.15 -59.82 76.28
CA ASP G 237 -24.47 -60.07 77.68
C ASP G 237 -25.99 -59.96 77.89
N TRP G 238 -26.55 -60.86 78.72
CA TRP G 238 -27.99 -60.92 79.01
C TRP G 238 -28.33 -60.74 80.51
N SER G 239 -27.48 -60.02 81.28
CA SER G 239 -27.67 -59.74 82.71
C SER G 239 -28.94 -58.91 82.98
N SER G 240 -29.97 -59.57 83.54
CA SER G 240 -31.34 -59.11 83.84
C SER G 240 -31.49 -57.62 84.27
N VAL G 241 -31.36 -57.32 85.59
CA VAL G 241 -31.53 -55.98 86.20
C VAL G 241 -30.54 -54.93 85.64
N ASN G 242 -29.31 -55.36 85.30
CA ASN G 242 -28.25 -54.51 84.75
C ASN G 242 -28.53 -54.04 83.30
N LEU G 243 -29.57 -54.63 82.66
CA LEU G 243 -29.98 -54.33 81.28
C LEU G 243 -31.39 -53.74 81.20
N THR G 244 -32.26 -54.03 82.19
CA THR G 244 -33.65 -53.52 82.26
C THR G 244 -33.68 -51.98 82.38
N ASN G 245 -32.75 -51.39 83.16
CA ASN G 245 -32.63 -49.94 83.36
C ASN G 245 -31.94 -49.22 82.18
N ASN G 246 -31.14 -49.97 81.39
CA ASN G 246 -30.43 -49.44 80.22
C ASN G 246 -31.31 -49.52 78.97
N PHE G 247 -32.00 -50.66 78.79
CA PHE G 247 -32.88 -50.94 77.65
C PHE G 247 -34.35 -50.77 78.03
N SER G 248 -34.69 -49.54 78.46
CA SER G 248 -36.00 -49.07 78.94
C SER G 248 -36.95 -48.63 77.80
N ASN G 249 -38.01 -47.85 78.17
CA ASN G 249 -39.04 -47.29 77.26
C ASN G 249 -38.44 -46.31 76.25
N ASP G 250 -37.35 -45.61 76.63
CA ASP G 250 -36.64 -44.65 75.77
C ASP G 250 -35.93 -45.36 74.61
N SER G 251 -35.16 -46.43 74.93
CA SER G 251 -34.41 -47.23 73.96
C SER G 251 -35.33 -47.99 73.01
N LEU G 252 -36.46 -48.52 73.54
CA LEU G 252 -37.47 -49.25 72.78
C LEU G 252 -38.09 -48.37 71.71
N THR G 253 -38.42 -47.10 72.06
CA THR G 253 -38.98 -46.09 71.17
C THR G 253 -37.94 -45.76 70.08
N ALA G 254 -36.66 -45.63 70.48
CA ALA G 254 -35.54 -45.33 69.60
C ALA G 254 -35.27 -46.44 68.56
N MET G 255 -35.40 -47.72 68.95
CA MET G 255 -35.22 -48.89 68.07
C MET G 255 -36.32 -48.96 67.02
N ILE G 256 -37.55 -48.51 67.39
CA ILE G 256 -38.71 -48.48 66.50
C ILE G 256 -38.54 -47.35 65.46
N ILE G 257 -38.11 -46.14 65.91
CA ILE G 257 -37.86 -44.98 65.02
C ILE G 257 -36.74 -45.30 64.02
N SER G 258 -35.61 -45.89 64.50
CA SER G 258 -34.49 -46.31 63.64
C SER G 258 -34.93 -47.48 62.74
N GLY G 259 -35.93 -48.23 63.20
CA GLY G 259 -36.55 -49.34 62.47
C GLY G 259 -37.38 -48.83 61.31
N VAL G 260 -38.09 -47.71 61.52
CA VAL G 260 -38.91 -47.02 60.51
C VAL G 260 -37.99 -46.42 59.43
N ALA G 261 -36.83 -45.87 59.85
CA ALA G 261 -35.80 -45.29 58.98
C ALA G 261 -35.16 -46.34 58.08
N SER G 262 -34.99 -47.58 58.60
CA SER G 262 -34.40 -48.71 57.89
C SER G 262 -35.34 -49.39 56.88
N VAL G 263 -36.65 -49.07 56.91
CA VAL G 263 -37.68 -49.63 56.02
C VAL G 263 -37.34 -49.35 54.54
N GLY G 264 -37.01 -48.09 54.23
CA GLY G 264 -36.66 -47.65 52.89
C GLY G 264 -35.43 -48.31 52.31
N ILE G 265 -34.29 -48.17 53.02
CA ILE G 265 -32.98 -48.70 52.62
C ILE G 265 -33.02 -50.25 52.43
N SER G 266 -33.83 -50.98 53.22
CA SER G 266 -33.94 -52.44 53.09
C SER G 266 -34.68 -52.85 51.81
N TYR G 267 -35.63 -52.01 51.37
CA TYR G 267 -36.38 -52.26 50.14
C TYR G 267 -35.51 -51.89 48.94
N CYS G 268 -34.83 -50.73 49.02
CA CYS G 268 -33.99 -50.11 48.00
C CYS G 268 -32.71 -50.87 47.68
N SER G 269 -32.05 -51.49 48.68
CA SER G 269 -30.82 -52.25 48.47
C SER G 269 -31.11 -53.49 47.63
N GLY G 270 -32.24 -54.16 47.92
CA GLY G 270 -32.73 -55.34 47.21
C GLY G 270 -33.27 -55.00 45.83
N TRP G 271 -33.68 -53.74 45.64
CA TRP G 271 -34.17 -53.18 44.39
C TRP G 271 -32.95 -52.86 43.51
N CYS G 272 -31.94 -52.15 44.09
CA CYS G 272 -30.69 -51.75 43.46
C CYS G 272 -29.94 -52.94 42.86
N VAL G 273 -29.67 -53.99 43.68
CA VAL G 273 -28.99 -55.22 43.23
C VAL G 273 -29.69 -55.88 42.03
N ARG G 274 -31.04 -55.90 42.03
CA ARG G 274 -31.86 -56.51 41.00
C ARG G 274 -31.83 -55.79 39.65
N VAL G 275 -32.22 -54.50 39.61
CA VAL G 275 -32.30 -53.73 38.36
C VAL G 275 -30.92 -53.35 37.80
N THR G 276 -29.91 -53.07 38.66
CA THR G 276 -28.58 -52.70 38.19
C THR G 276 -27.67 -53.96 38.23
N SER G 277 -26.76 -54.07 39.23
CA SER G 277 -25.85 -55.21 39.41
C SER G 277 -25.27 -55.23 40.83
N SER G 278 -24.55 -56.31 41.17
CA SER G 278 -23.89 -56.49 42.47
C SER G 278 -22.73 -55.51 42.64
N THR G 279 -22.08 -55.13 41.52
CA THR G 279 -20.97 -54.17 41.48
C THR G 279 -21.50 -52.75 41.62
N THR G 280 -22.57 -52.39 40.87
CA THR G 280 -23.20 -51.06 40.89
C THR G 280 -23.70 -50.73 42.29
N TYR G 281 -24.35 -51.71 42.96
CA TYR G 281 -24.85 -51.59 44.33
C TYR G 281 -23.73 -51.25 45.32
N SER G 282 -22.61 -51.99 45.24
CA SER G 282 -21.45 -51.81 46.11
C SER G 282 -20.67 -50.53 45.78
N MET G 283 -20.80 -50.04 44.53
CA MET G 283 -20.19 -48.80 44.02
C MET G 283 -20.99 -47.60 44.53
N VAL G 284 -22.34 -47.62 44.35
CA VAL G 284 -23.32 -46.62 44.80
C VAL G 284 -23.26 -46.51 46.34
N GLY G 285 -23.07 -47.64 47.01
CA GLY G 285 -22.91 -47.72 48.46
C GLY G 285 -21.66 -47.00 48.94
N ALA G 286 -20.55 -47.15 48.19
CA ALA G 286 -19.26 -46.51 48.47
C ALA G 286 -19.30 -45.01 48.13
N LEU G 287 -20.00 -44.66 47.02
CA LEU G 287 -20.18 -43.29 46.55
C LEU G 287 -21.06 -42.45 47.49
N ASN G 288 -22.04 -43.10 48.17
CA ASN G 288 -23.00 -42.50 49.11
C ASN G 288 -22.35 -41.82 50.31
N LYS G 289 -21.19 -42.33 50.75
CA LYS G 289 -20.44 -41.82 51.89
C LYS G 289 -19.85 -40.42 51.62
N LEU G 290 -19.59 -40.10 50.33
CA LEU G 290 -19.01 -38.83 49.88
C LEU G 290 -19.92 -37.62 50.10
N PRO G 291 -21.19 -37.55 49.60
CA PRO G 291 -22.02 -36.35 49.86
C PRO G 291 -22.32 -36.06 51.33
N ILE G 292 -22.39 -37.11 52.19
CA ILE G 292 -22.63 -36.92 53.63
C ILE G 292 -21.37 -36.32 54.29
N ALA G 293 -20.17 -36.68 53.77
CA ALA G 293 -18.87 -36.17 54.23
C ALA G 293 -18.69 -34.73 53.81
N LEU G 294 -19.13 -34.39 52.57
CA LEU G 294 -19.08 -33.04 52.00
C LEU G 294 -20.02 -32.11 52.76
N SER G 295 -21.16 -32.66 53.25
CA SER G 295 -22.14 -31.94 54.07
C SER G 295 -21.53 -31.53 55.41
N GLY G 296 -20.66 -32.39 55.95
CA GLY G 296 -19.94 -32.12 57.20
C GLY G 296 -18.96 -30.98 57.05
N LEU G 297 -18.37 -30.84 55.84
CA LEU G 297 -17.43 -29.78 55.50
C LEU G 297 -18.17 -28.48 55.24
N ILE G 298 -19.37 -28.54 54.63
CA ILE G 298 -20.20 -27.38 54.30
C ILE G 298 -20.98 -26.86 55.51
N PHE G 299 -21.87 -27.69 56.07
CA PHE G 299 -22.76 -27.33 57.18
C PHE G 299 -22.09 -27.14 58.54
N PHE G 300 -20.96 -27.82 58.79
CA PHE G 300 -20.34 -27.75 60.12
C PHE G 300 -18.93 -27.17 60.13
N ASP G 301 -18.76 -26.08 60.94
CA ASP G 301 -17.54 -25.33 61.21
C ASP G 301 -16.58 -26.24 62.00
N ALA G 302 -15.80 -27.05 61.25
CA ALA G 302 -14.86 -28.02 61.82
C ALA G 302 -13.54 -27.98 61.06
N PRO G 303 -12.38 -28.28 61.70
CA PRO G 303 -11.12 -28.24 60.95
C PRO G 303 -10.91 -29.44 60.00
N ARG G 304 -10.22 -29.20 58.86
CA ARG G 304 -9.92 -30.21 57.83
C ARG G 304 -8.67 -29.89 57.02
N ASN G 305 -8.07 -30.93 56.41
CA ASN G 305 -6.89 -30.86 55.56
C ASN G 305 -7.30 -30.95 54.09
N PHE G 306 -6.44 -30.48 53.17
CA PHE G 306 -6.67 -30.50 51.72
C PHE G 306 -6.83 -31.93 51.19
N LEU G 307 -6.06 -32.88 51.76
CA LEU G 307 -6.07 -34.29 51.37
C LEU G 307 -7.44 -34.93 51.55
N SER G 308 -8.12 -34.64 52.68
CA SER G 308 -9.46 -35.16 52.98
C SER G 308 -10.49 -34.54 52.04
N ILE G 309 -10.28 -33.27 51.62
CA ILE G 309 -11.14 -32.56 50.66
C ILE G 309 -10.92 -33.16 49.27
N LEU G 310 -9.65 -33.45 48.93
CA LEU G 310 -9.21 -34.05 47.67
C LEU G 310 -9.78 -35.46 47.50
N SER G 311 -9.83 -36.26 48.59
CA SER G 311 -10.37 -37.61 48.57
C SER G 311 -11.83 -37.65 48.11
N ILE G 312 -12.64 -36.64 48.53
CA ILE G 312 -14.06 -36.51 48.19
C ILE G 312 -14.23 -36.32 46.67
N PHE G 313 -13.42 -35.42 46.06
CA PHE G 313 -13.50 -35.13 44.62
C PHE G 313 -12.88 -36.25 43.76
N ILE G 314 -11.89 -37.02 44.30
CA ILE G 314 -11.31 -38.18 43.60
C ILE G 314 -12.40 -39.26 43.54
N GLY G 315 -13.11 -39.45 44.67
CA GLY G 315 -14.23 -40.36 44.82
C GLY G 315 -15.36 -40.03 43.86
N PHE G 316 -15.58 -38.72 43.59
CA PHE G 316 -16.58 -38.23 42.65
C PHE G 316 -16.18 -38.56 41.22
N LEU G 317 -14.88 -38.37 40.88
CA LEU G 317 -14.32 -38.68 39.56
C LEU G 317 -14.45 -40.17 39.25
N SER G 318 -14.37 -41.00 40.31
CA SER G 318 -14.53 -42.45 40.26
C SER G 318 -15.94 -42.83 39.79
N GLY G 319 -16.95 -42.22 40.42
CA GLY G 319 -18.36 -42.44 40.08
C GLY G 319 -18.72 -41.92 38.70
N ILE G 320 -18.14 -40.75 38.33
CA ILE G 320 -18.34 -40.10 37.03
C ILE G 320 -17.82 -40.99 35.91
N ILE G 321 -16.58 -41.52 36.04
CA ILE G 321 -16.01 -42.37 34.99
C ILE G 321 -16.63 -43.80 35.03
N TYR G 322 -17.22 -44.20 36.18
CA TYR G 322 -17.91 -45.50 36.30
C TYR G 322 -19.23 -45.43 35.55
N ALA G 323 -19.88 -44.25 35.57
CA ALA G 323 -21.14 -43.98 34.88
C ALA G 323 -20.94 -44.03 33.37
N VAL G 324 -19.77 -43.56 32.89
CA VAL G 324 -19.41 -43.55 31.48
C VAL G 324 -19.16 -45.00 31.05
N ALA G 325 -18.43 -45.77 31.88
CA ALA G 325 -18.06 -47.17 31.65
C ALA G 325 -19.30 -48.04 31.42
N LYS G 326 -20.38 -47.77 32.17
CA LYS G 326 -21.65 -48.48 32.04
C LYS G 326 -22.36 -48.08 30.75
N GLN G 327 -22.26 -46.79 30.35
CA GLN G 327 -22.86 -46.26 29.12
C GLN G 327 -22.26 -46.92 27.88
N LYS G 328 -20.95 -47.22 27.91
CA LYS G 328 -20.21 -47.91 26.84
C LYS G 328 -20.63 -49.39 26.74
N LYS G 329 -20.92 -50.03 27.90
CA LYS G 329 -21.35 -51.41 28.03
C LYS G 329 -22.76 -51.60 27.44
N GLN G 330 -23.59 -50.53 27.49
CA GLN G 330 -24.95 -50.48 26.96
C GLN G 330 -24.88 -50.45 25.43
N GLN G 331 -23.85 -49.77 24.89
CA GLN G 331 -23.58 -49.65 23.45
C GLN G 331 -22.66 -50.80 22.97
N ALA G 332 -22.69 -51.92 23.73
CA ALA G 332 -21.96 -53.17 23.51
C ALA G 332 -22.96 -54.35 23.50
N GLN G 333 -24.23 -54.07 23.87
CA GLN G 333 -25.36 -55.01 23.93
C GLN G 333 -25.72 -55.57 22.53
N PRO G 334 -26.30 -56.80 22.42
CA PRO G 334 -26.61 -57.37 21.08
C PRO G 334 -27.69 -56.67 20.22
N LEU G 335 -28.15 -55.48 20.65
CA LEU G 335 -29.14 -54.68 19.92
C LEU G 335 -28.78 -53.17 19.97
N ARG G 336 -29.75 -52.27 19.63
CA ARG G 336 -29.57 -50.82 19.66
C ARG G 336 -30.49 -50.14 20.68
N SER H 16 42.56 51.39 -37.09
CA SER H 16 42.68 50.29 -38.04
C SER H 16 43.85 49.37 -37.72
N VAL H 17 43.80 48.71 -36.56
CA VAL H 17 44.85 47.74 -36.15
C VAL H 17 44.43 46.31 -36.46
N ALA H 18 43.79 46.15 -37.62
CA ALA H 18 43.28 44.90 -38.09
C ALA H 18 44.21 44.31 -39.09
N ASN H 19 45.50 44.31 -38.80
CA ASN H 19 46.46 43.68 -39.68
C ASN H 19 46.96 42.54 -38.84
N SER H 20 46.02 41.70 -38.38
CA SER H 20 46.26 40.52 -37.54
C SER H 20 45.09 39.50 -37.41
N GLY H 21 45.46 38.23 -37.27
CA GLY H 21 44.60 37.08 -37.02
C GLY H 21 43.73 36.58 -38.16
N PRO H 22 42.50 36.12 -37.82
CA PRO H 22 41.60 35.55 -38.86
C PRO H 22 41.01 36.56 -39.86
N ILE H 23 41.23 37.88 -39.64
CA ILE H 23 40.76 38.95 -40.53
C ILE H 23 41.40 38.77 -41.91
N SER H 24 42.70 38.40 -41.93
CA SER H 24 43.49 38.11 -43.14
C SER H 24 42.89 36.96 -43.93
N ILE H 25 42.45 35.89 -43.23
CA ILE H 25 41.84 34.69 -43.81
C ILE H 25 40.52 35.07 -44.51
N LEU H 26 39.62 35.78 -43.80
CA LEU H 26 38.33 36.27 -44.30
C LEU H 26 38.53 37.16 -45.53
N SER H 27 39.58 38.00 -45.50
CA SER H 27 39.97 38.92 -46.59
C SER H 27 40.49 38.13 -47.79
N TYR H 28 41.36 37.12 -47.53
CA TYR H 28 41.94 36.26 -48.57
C TYR H 28 40.85 35.45 -49.25
N CYS H 29 39.85 34.99 -48.46
CA CYS H 29 38.71 34.24 -48.94
C CYS H 29 37.82 35.08 -49.85
N GLY H 30 37.42 36.25 -49.38
CA GLY H 30 36.59 37.19 -50.12
C GLY H 30 37.21 37.64 -51.43
N SER H 31 38.54 37.88 -51.43
CA SER H 31 39.32 38.29 -52.60
C SER H 31 39.46 37.14 -53.62
N SER H 32 39.42 35.88 -53.12
CA SER H 32 39.48 34.68 -53.95
C SER H 32 38.12 34.47 -54.61
N ILE H 33 37.03 34.74 -53.87
CA ILE H 33 35.64 34.63 -54.32
C ILE H 33 35.40 35.65 -55.45
N LEU H 34 35.79 36.92 -55.22
CA LEU H 34 35.65 38.03 -56.16
C LEU H 34 36.40 37.74 -57.45
N MET H 35 37.61 37.15 -57.36
CA MET H 35 38.45 36.80 -58.51
C MET H 35 37.84 35.66 -59.33
N THR H 36 37.17 34.69 -58.67
CA THR H 36 36.53 33.56 -59.33
C THR H 36 35.27 34.01 -60.09
N VAL H 37 34.42 34.83 -59.45
CA VAL H 37 33.18 35.32 -60.08
C VAL H 37 33.47 36.31 -61.22
N THR H 38 34.56 37.09 -61.11
CA THR H 38 34.96 38.03 -62.17
C THR H 38 35.41 37.26 -63.40
N ASN H 39 36.26 36.23 -63.21
CA ASN H 39 36.79 35.41 -64.30
C ASN H 39 35.73 34.56 -65.03
N LYS H 40 34.61 34.22 -64.38
CA LYS H 40 33.57 33.40 -65.02
C LYS H 40 32.27 34.16 -65.37
N PHE H 41 32.06 35.38 -64.80
CA PHE H 41 30.86 36.17 -65.09
C PHE H 41 31.16 37.51 -65.79
N VAL H 42 32.12 38.29 -65.26
CA VAL H 42 32.49 39.60 -65.81
C VAL H 42 33.38 39.47 -67.05
N VAL H 43 34.60 38.91 -66.86
CA VAL H 43 35.60 38.71 -67.93
C VAL H 43 35.70 37.23 -68.32
N ASN H 44 34.53 36.62 -68.58
CA ASN H 44 34.42 35.22 -69.03
C ASN H 44 34.99 35.05 -70.46
N LEU H 45 35.04 33.80 -70.95
CA LEU H 45 35.58 33.42 -72.27
C LEU H 45 37.06 33.88 -72.37
N LYS H 46 37.79 33.60 -71.27
CA LYS H 46 39.20 33.92 -71.08
C LYS H 46 40.07 32.67 -71.32
N ASP H 47 39.79 31.97 -72.46
CA ASP H 47 40.51 30.80 -72.95
C ASP H 47 41.70 31.34 -73.77
N PHE H 48 42.55 32.13 -73.07
CA PHE H 48 43.69 32.88 -73.56
C PHE H 48 44.82 32.03 -74.11
N ASN H 49 45.45 32.54 -75.18
CA ASN H 49 46.57 31.93 -75.86
C ASN H 49 47.90 32.43 -75.27
N MET H 50 47.87 33.64 -74.64
CA MET H 50 49.03 34.28 -74.03
C MET H 50 48.79 34.59 -72.54
N ASN H 51 48.83 33.54 -71.71
CA ASN H 51 48.57 33.59 -70.27
C ASN H 51 49.58 34.42 -69.46
N PHE H 52 50.89 34.36 -69.79
CA PHE H 52 51.92 35.14 -69.09
C PHE H 52 51.82 36.64 -69.36
N VAL H 53 51.33 37.01 -70.56
CA VAL H 53 51.09 38.39 -71.00
C VAL H 53 49.90 38.95 -70.19
N MET H 54 48.89 38.08 -69.95
CA MET H 54 47.70 38.38 -69.16
C MET H 54 48.08 38.65 -67.71
N LEU H 55 49.03 37.85 -67.17
CA LEU H 55 49.54 37.99 -65.81
C LEU H 55 50.47 39.20 -65.68
N PHE H 56 51.13 39.58 -66.79
CA PHE H 56 52.03 40.73 -66.86
C PHE H 56 51.23 42.04 -66.75
N VAL H 57 50.03 42.05 -67.35
CA VAL H 57 49.09 43.19 -67.32
C VAL H 57 48.47 43.23 -65.91
N GLN H 58 48.17 42.05 -65.31
CA GLN H 58 47.63 41.90 -63.96
C GLN H 58 48.60 42.45 -62.92
N SER H 59 49.90 42.18 -63.11
CA SER H 59 50.98 42.66 -62.24
C SER H 59 51.30 44.15 -62.49
N LEU H 60 50.96 44.67 -63.70
CA LEU H 60 51.14 46.08 -64.05
C LEU H 60 50.08 46.91 -63.34
N VAL H 61 48.82 46.43 -63.34
CA VAL H 61 47.65 47.05 -62.67
C VAL H 61 47.94 47.17 -61.16
N CYS H 62 48.44 46.07 -60.54
CA CYS H 62 48.79 46.00 -59.12
C CYS H 62 49.85 47.04 -58.77
N THR H 63 50.90 47.16 -59.62
CA THR H 63 52.01 48.12 -59.46
C THR H 63 51.52 49.57 -59.60
N ILE H 64 50.70 49.86 -60.64
CA ILE H 64 50.13 51.19 -60.92
C ILE H 64 49.23 51.64 -59.75
N THR H 65 48.41 50.73 -59.20
CA THR H 65 47.53 50.98 -58.05
C THR H 65 48.39 51.35 -56.83
N LEU H 66 49.47 50.59 -56.58
CA LEU H 66 50.40 50.79 -55.48
C LEU H 66 51.11 52.16 -55.51
N ILE H 67 51.52 52.63 -56.70
CA ILE H 67 52.20 53.92 -56.88
C ILE H 67 51.24 55.10 -56.67
N ILE H 68 50.00 54.98 -57.21
CA ILE H 68 48.93 55.98 -57.08
C ILE H 68 48.51 56.11 -55.60
N LEU H 69 48.33 54.97 -54.92
CA LEU H 69 47.95 54.93 -53.51
C LEU H 69 49.06 55.40 -52.56
N ARG H 70 50.35 55.25 -52.96
CA ARG H 70 51.51 55.69 -52.16
C ARG H 70 51.57 57.22 -52.12
N ILE H 71 51.35 57.88 -53.29
CA ILE H 71 51.37 59.34 -53.43
C ILE H 71 50.04 59.97 -52.92
N LEU H 72 49.12 59.14 -52.40
CA LEU H 72 47.82 59.54 -51.83
C LEU H 72 47.58 58.88 -50.45
N GLY H 73 48.23 59.44 -49.43
CA GLY H 73 48.14 58.98 -48.05
C GLY H 73 48.90 59.85 -47.07
N PHE H 77 53.59 53.71 -46.80
CA PHE H 77 52.96 52.63 -47.53
C PHE H 77 53.96 51.50 -47.84
N ARG H 78 54.68 51.61 -48.98
CA ARG H 78 55.67 50.63 -49.49
C ARG H 78 57.10 51.22 -49.53
N SER H 79 58.08 50.43 -50.03
CA SER H 79 59.49 50.85 -50.13
C SER H 79 60.16 50.35 -51.41
N LEU H 80 61.05 51.17 -52.01
CA LEU H 80 61.84 50.81 -53.19
C LEU H 80 63.30 50.54 -52.75
N ASN H 81 63.89 49.38 -53.15
CA ASN H 81 65.26 49.01 -52.73
C ASN H 81 66.06 48.20 -53.76
N LYS H 82 67.30 47.78 -53.39
CA LYS H 82 68.23 46.99 -54.21
C LYS H 82 68.86 45.82 -53.45
N THR H 83 68.85 45.86 -52.10
CA THR H 83 69.33 44.77 -51.24
C THR H 83 68.18 43.77 -51.16
N ASP H 84 66.95 44.28 -50.87
CA ASP H 84 65.71 43.53 -50.78
C ASP H 84 65.32 42.95 -52.13
N ALA H 85 65.65 43.66 -53.23
CA ALA H 85 65.37 43.26 -54.61
C ALA H 85 66.12 41.98 -55.02
N LYS H 86 67.42 41.88 -54.69
CA LYS H 86 68.21 40.69 -55.04
C LYS H 86 67.88 39.47 -54.16
N ASN H 87 67.26 39.73 -52.98
CA ASN H 87 66.81 38.69 -52.05
C ASN H 87 65.38 38.25 -52.35
N TRP H 88 64.58 39.16 -52.95
CA TRP H 88 63.19 38.90 -53.32
C TRP H 88 63.10 38.30 -54.72
N PHE H 89 64.16 38.43 -55.54
CA PHE H 89 64.20 37.89 -56.90
C PHE H 89 63.93 36.38 -56.94
N PRO H 90 64.51 35.52 -56.06
CA PRO H 90 64.16 34.08 -56.10
C PRO H 90 62.68 33.81 -55.80
N ILE H 91 62.03 34.59 -54.88
CA ILE H 91 60.61 34.47 -54.52
C ILE H 91 59.72 34.74 -55.74
N SER H 92 59.99 35.84 -56.48
CA SER H 92 59.27 36.20 -57.70
C SER H 92 59.55 35.19 -58.81
N PHE H 93 60.79 34.65 -58.90
CA PHE H 93 61.12 33.61 -59.89
C PHE H 93 60.35 32.34 -59.59
N LEU H 94 60.31 31.94 -58.30
CA LEU H 94 59.59 30.76 -57.82
C LEU H 94 58.10 30.88 -58.12
N LEU H 95 57.54 32.11 -58.01
CA LEU H 95 56.14 32.43 -58.28
C LEU H 95 55.78 32.15 -59.75
N VAL H 96 56.56 32.72 -60.69
CA VAL H 96 56.35 32.58 -62.15
C VAL H 96 56.55 31.10 -62.57
N LEU H 97 57.55 30.42 -61.97
CA LEU H 97 57.85 29.02 -62.25
C LEU H 97 56.73 28.13 -61.69
N MET H 98 56.15 28.52 -60.54
CA MET H 98 55.04 27.83 -59.87
C MET H 98 53.84 27.81 -60.80
N ILE H 99 53.55 28.96 -61.46
CA ILE H 99 52.46 29.12 -62.44
C ILE H 99 52.76 28.27 -63.68
N TYR H 100 54.02 28.32 -64.18
CA TYR H 100 54.45 27.56 -65.35
C TYR H 100 54.32 26.05 -65.17
N THR H 101 54.80 25.52 -64.03
CA THR H 101 54.70 24.08 -63.73
C THR H 101 53.24 23.66 -63.50
N SER H 102 52.42 24.54 -62.87
CA SER H 102 51.00 24.32 -62.59
C SER H 102 50.20 24.17 -63.87
N SER H 103 50.39 25.11 -64.83
CA SER H 103 49.73 25.13 -66.14
C SER H 103 50.14 23.92 -66.98
N LYS H 104 51.45 23.56 -66.96
CA LYS H 104 52.00 22.41 -67.67
C LYS H 104 51.55 21.07 -67.06
N ALA H 105 51.31 21.04 -65.72
CA ALA H 105 50.81 19.86 -65.02
C ALA H 105 49.35 19.65 -65.40
N LEU H 106 48.54 20.73 -65.36
CA LEU H 106 47.13 20.75 -65.70
C LEU H 106 46.84 20.47 -67.19
N GLN H 107 47.87 20.60 -68.06
CA GLN H 107 47.75 20.30 -69.49
C GLN H 107 47.56 18.79 -69.71
N TYR H 108 48.25 17.96 -68.90
CA TYR H 108 48.20 16.50 -68.96
C TYR H 108 47.34 15.87 -67.87
N LEU H 109 47.31 16.47 -66.67
CA LEU H 109 46.57 15.94 -65.52
C LEU H 109 45.18 16.55 -65.36
N ALA H 110 44.22 15.72 -64.91
CA ALA H 110 42.83 16.12 -64.66
C ALA H 110 42.73 16.97 -63.40
N VAL H 111 41.74 17.89 -63.36
CA VAL H 111 41.50 18.82 -62.25
C VAL H 111 41.36 18.10 -60.88
N PRO H 112 40.52 17.04 -60.69
CA PRO H 112 40.43 16.41 -59.36
C PRO H 112 41.72 15.73 -58.90
N ILE H 113 42.52 15.22 -59.88
CA ILE H 113 43.82 14.57 -59.65
C ILE H 113 44.83 15.65 -59.22
N TYR H 114 44.82 16.82 -59.90
CA TYR H 114 45.67 17.97 -59.60
C TYR H 114 45.44 18.41 -58.15
N THR H 115 44.17 18.40 -57.69
CA THR H 115 43.79 18.81 -56.34
C THR H 115 44.31 17.82 -55.28
N ILE H 116 44.50 16.52 -55.62
CA ILE H 116 45.04 15.53 -54.68
C ILE H 116 46.46 15.96 -54.30
N PHE H 117 47.35 16.08 -55.31
CA PHE H 117 48.76 16.49 -55.14
C PHE H 117 48.89 17.88 -54.55
N LYS H 118 47.95 18.80 -54.90
CA LYS H 118 47.93 20.15 -54.36
C LYS H 118 47.61 20.14 -52.86
N ASN H 119 46.83 19.14 -52.40
CA ASN H 119 46.49 18.94 -50.98
C ASN H 119 47.64 18.22 -50.26
N LEU H 120 48.41 17.43 -51.01
CA LEU H 120 49.59 16.71 -50.53
C LEU H 120 50.74 17.68 -50.25
N THR H 121 50.81 18.84 -50.97
CA THR H 121 51.84 19.87 -50.77
C THR H 121 51.70 20.47 -49.37
N ILE H 122 50.47 20.62 -48.86
CA ILE H 122 50.17 21.16 -47.53
C ILE H 122 50.99 20.43 -46.46
N ILE H 123 51.11 19.08 -46.59
CA ILE H 123 51.89 18.23 -45.68
C ILE H 123 53.41 18.57 -45.75
N LEU H 124 53.96 18.69 -46.99
CA LEU H 124 55.39 19.05 -47.10
C LEU H 124 55.66 20.53 -46.77
N ILE H 125 54.64 21.41 -46.89
CA ILE H 125 54.73 22.82 -46.50
C ILE H 125 54.76 22.83 -44.97
N ALA H 126 53.94 21.97 -44.33
CA ALA H 126 53.87 21.81 -42.88
C ALA H 126 55.17 21.26 -42.32
N TYR H 127 55.73 20.21 -42.94
CA TYR H 127 56.98 19.61 -42.47
C TYR H 127 58.21 20.42 -42.89
N GLY H 128 58.06 21.21 -43.95
CA GLY H 128 59.10 22.10 -44.45
C GLY H 128 59.27 23.30 -43.54
N GLU H 129 58.14 23.78 -42.94
CA GLU H 129 58.08 24.89 -41.98
C GLU H 129 58.84 24.55 -40.70
N VAL H 130 58.95 23.26 -40.38
CA VAL H 130 59.67 22.75 -39.21
C VAL H 130 61.18 22.87 -39.51
N LEU H 131 61.57 22.77 -40.80
CA LEU H 131 62.95 22.90 -41.28
C LEU H 131 63.37 24.36 -41.54
N PHE H 132 62.39 25.28 -41.55
CA PHE H 132 62.59 26.72 -41.79
C PHE H 132 62.40 27.58 -40.55
N PHE H 133 61.41 27.25 -39.70
CA PHE H 133 61.06 28.03 -38.51
C PHE H 133 61.27 27.27 -37.21
N GLY H 134 61.33 25.94 -37.29
CA GLY H 134 61.57 25.07 -36.15
C GLY H 134 60.36 24.75 -35.29
N GLY H 135 59.19 24.67 -35.92
CA GLY H 135 57.96 24.35 -35.22
C GLY H 135 57.80 22.86 -34.95
N SER H 136 56.54 22.38 -35.06
CA SER H 136 56.15 20.98 -34.87
C SER H 136 54.77 20.74 -35.49
N VAL H 137 54.64 19.69 -36.32
CA VAL H 137 53.36 19.34 -36.93
C VAL H 137 52.64 18.48 -35.90
N THR H 138 51.71 19.08 -35.13
CA THR H 138 50.95 18.37 -34.10
C THR H 138 50.06 17.33 -34.76
N SER H 139 49.87 16.19 -34.08
CA SER H 139 49.06 15.06 -34.56
C SER H 139 47.67 15.47 -35.05
N MET H 140 47.09 16.56 -34.48
CA MET H 140 45.78 17.09 -34.87
C MET H 140 45.85 17.80 -36.22
N GLU H 141 46.96 18.52 -36.49
CA GLU H 141 47.19 19.20 -37.77
C GLU H 141 47.35 18.12 -38.82
N LEU H 142 48.17 17.08 -38.50
CA LEU H 142 48.41 15.94 -39.36
C LEU H 142 47.12 15.17 -39.68
N SER H 143 46.16 15.13 -38.73
CA SER H 143 44.85 14.50 -38.91
C SER H 143 44.01 15.28 -39.92
N SER H 144 44.06 16.64 -39.85
CA SER H 144 43.34 17.55 -40.74
C SER H 144 43.85 17.47 -42.16
N PHE H 145 45.19 17.43 -42.35
CA PHE H 145 45.83 17.32 -43.67
C PHE H 145 45.42 16.01 -44.34
N LEU H 146 45.24 14.93 -43.54
CA LEU H 146 44.81 13.62 -44.03
C LEU H 146 43.34 13.65 -44.43
N LEU H 147 42.52 14.44 -43.71
CA LEU H 147 41.10 14.64 -44.02
C LEU H 147 40.95 15.51 -45.27
N MET H 148 41.98 16.33 -45.57
CA MET H 148 42.02 17.16 -46.76
C MET H 148 42.40 16.32 -47.99
N VAL H 149 43.30 15.32 -47.80
CA VAL H 149 43.69 14.37 -48.85
C VAL H 149 42.50 13.47 -49.16
N LEU H 150 41.83 12.95 -48.09
CA LEU H 150 40.62 12.10 -48.15
C LEU H 150 39.53 12.75 -49.01
N SER H 151 39.29 14.07 -48.76
CA SER H 151 38.33 14.90 -49.47
C SER H 151 38.64 14.94 -50.97
N SER H 152 39.88 15.35 -51.35
CA SER H 152 40.32 15.44 -52.75
C SER H 152 40.26 14.09 -53.48
N VAL H 153 40.55 12.98 -52.76
CA VAL H 153 40.52 11.61 -53.29
C VAL H 153 39.06 11.16 -53.55
N VAL H 154 38.13 11.42 -52.60
CA VAL H 154 36.72 11.03 -52.77
C VAL H 154 36.01 11.95 -53.78
N ALA H 155 36.62 13.10 -54.13
CA ALA H 155 36.12 14.04 -55.13
C ALA H 155 36.47 13.48 -56.52
N THR H 156 37.69 12.91 -56.64
CA THR H 156 38.23 12.27 -57.84
C THR H 156 37.51 10.93 -58.06
N TRP H 157 37.27 10.20 -56.96
CA TRP H 157 36.56 8.91 -56.93
C TRP H 157 35.12 9.15 -57.43
N GLY H 158 34.47 10.18 -56.90
CA GLY H 158 33.11 10.51 -57.30
C GLY H 158 33.05 11.34 -58.56
N ASP H 159 34.11 11.26 -59.37
CA ASP H 159 34.19 12.01 -60.61
C ASP H 159 34.51 11.09 -61.78
N GLN H 160 33.95 11.40 -62.94
CA GLN H 160 34.17 10.60 -64.15
C GLN H 160 34.82 11.43 -65.25
N GLN H 161 35.96 12.03 -64.92
CA GLN H 161 36.69 12.85 -65.88
C GLN H 161 37.24 12.01 -67.04
N ALA H 162 38.29 11.25 -66.76
CA ALA H 162 38.93 10.40 -67.75
C ALA H 162 39.22 11.13 -69.06
N VAL H 163 40.01 12.19 -68.97
CA VAL H 163 40.37 12.98 -70.15
C VAL H 163 41.13 12.15 -71.17
N ALA H 164 40.82 12.36 -72.44
CA ALA H 164 41.48 11.62 -73.52
C ALA H 164 42.33 12.54 -74.38
N ALA H 165 43.55 12.11 -74.67
CA ALA H 165 44.47 12.90 -75.49
C ALA H 165 43.84 13.25 -76.83
N ASN H 182 52.25 10.48 -68.78
CA ASN H 182 53.67 10.46 -68.42
C ASN H 182 54.26 11.83 -68.05
N PRO H 183 54.11 12.92 -68.86
CA PRO H 183 54.73 14.20 -68.46
C PRO H 183 54.02 14.95 -67.34
N GLY H 184 52.72 14.69 -67.19
CA GLY H 184 51.88 15.31 -66.18
C GLY H 184 52.39 15.16 -64.76
N TYR H 185 52.80 13.92 -64.40
CA TYR H 185 53.30 13.61 -63.06
C TYR H 185 54.63 14.28 -62.75
N PHE H 186 55.54 14.40 -63.75
CA PHE H 186 56.83 15.10 -63.58
C PHE H 186 56.56 16.58 -63.32
N TRP H 187 55.72 17.20 -64.18
CA TRP H 187 55.32 18.60 -64.07
C TRP H 187 54.57 18.89 -62.78
N MET H 188 53.86 17.88 -62.23
CA MET H 188 53.14 18.02 -60.96
C MET H 188 54.11 17.97 -59.79
N PHE H 189 55.14 17.10 -59.86
CA PHE H 189 56.17 16.98 -58.82
C PHE H 189 56.97 18.29 -58.70
N THR H 190 57.29 18.93 -59.84
CA THR H 190 58.03 20.19 -59.90
C THR H 190 57.16 21.34 -59.39
N ASN H 191 55.84 21.27 -59.60
CA ASN H 191 54.88 22.26 -59.12
C ASN H 191 54.78 22.17 -57.60
N CYS H 192 54.88 20.93 -57.05
CA CYS H 192 54.82 20.65 -55.62
C CYS H 192 56.00 21.26 -54.86
N ILE H 193 57.22 21.11 -55.39
CA ILE H 193 58.44 21.66 -54.76
C ILE H 193 58.49 23.21 -54.90
N THR H 194 58.14 23.79 -56.07
CA THR H 194 58.14 25.26 -56.24
C THR H 194 57.01 25.93 -55.43
N SER H 195 55.83 25.27 -55.30
CA SER H 195 54.71 25.80 -54.50
C SER H 195 55.11 25.85 -53.05
N ALA H 196 55.86 24.82 -52.57
CA ALA H 196 56.37 24.71 -51.21
C ALA H 196 57.45 25.76 -50.98
N LEU H 197 58.55 25.73 -51.79
CA LEU H 197 59.67 26.67 -51.69
C LEU H 197 59.22 28.13 -51.75
N PHE H 198 58.29 28.46 -52.66
CA PHE H 198 57.77 29.82 -52.78
C PHE H 198 57.14 30.33 -51.48
N VAL H 199 56.15 29.62 -50.92
CA VAL H 199 55.45 30.01 -49.69
C VAL H 199 56.37 30.00 -48.47
N LEU H 200 57.36 29.06 -48.45
CA LEU H 200 58.34 28.89 -47.36
C LEU H 200 59.37 30.02 -47.34
N ILE H 201 59.97 30.33 -48.52
CA ILE H 201 61.00 31.35 -48.67
C ILE H 201 60.41 32.77 -48.56
N MET H 202 59.20 33.03 -49.14
CA MET H 202 58.55 34.35 -49.07
C MET H 202 58.27 34.72 -47.62
N ARG H 203 57.59 33.84 -46.87
CA ARG H 203 57.23 34.02 -45.46
C ARG H 203 58.48 34.23 -44.58
N LYS H 204 59.62 33.58 -44.93
CA LYS H 204 60.92 33.69 -44.25
C LYS H 204 61.48 35.12 -44.41
N ARG H 205 61.49 35.64 -45.67
CA ARG H 205 61.97 36.99 -46.01
C ARG H 205 61.11 38.08 -45.40
N ILE H 206 59.75 37.92 -45.39
CA ILE H 206 58.84 38.90 -44.81
C ILE H 206 59.19 39.09 -43.33
N LYS H 207 59.28 37.97 -42.58
CA LYS H 207 59.61 37.99 -41.15
C LYS H 207 61.01 38.55 -40.88
N LEU H 208 61.97 38.31 -41.82
CA LEU H 208 63.34 38.81 -41.71
C LEU H 208 63.40 40.33 -41.95
N THR H 209 62.80 40.81 -43.05
CA THR H 209 62.82 42.23 -43.42
C THR H 209 61.55 43.00 -43.02
N ASN H 210 60.84 42.57 -41.94
CA ASN H 210 59.62 43.20 -41.38
C ASN H 210 58.79 43.92 -42.48
N PHE H 211 58.55 43.21 -43.59
CA PHE H 211 57.96 43.66 -44.85
C PHE H 211 56.48 44.05 -44.84
N LYS H 212 55.81 44.04 -43.67
CA LYS H 212 54.39 44.40 -43.56
C LYS H 212 53.55 43.77 -44.70
N ASP H 213 52.72 44.53 -45.47
CA ASP H 213 51.93 43.87 -46.53
C ASP H 213 51.98 44.55 -47.90
N PHE H 214 52.12 45.88 -47.91
CA PHE H 214 52.21 46.69 -49.13
C PHE H 214 53.56 46.52 -49.82
N ASP H 215 54.62 46.16 -49.05
CA ASP H 215 55.97 45.91 -49.54
C ASP H 215 56.04 44.52 -50.20
N THR H 216 55.38 43.48 -49.59
CA THR H 216 55.31 42.09 -50.09
C THR H 216 54.54 42.04 -51.41
N MET H 217 53.47 42.85 -51.51
CA MET H 217 52.63 42.95 -52.70
C MET H 217 53.39 43.68 -53.82
N PHE H 218 54.13 44.75 -53.47
CA PHE H 218 54.91 45.55 -54.42
C PHE H 218 56.04 44.74 -55.04
N TYR H 219 56.87 44.11 -54.20
CA TYR H 219 58.03 43.31 -54.59
C TYR H 219 57.71 42.06 -55.41
N ASN H 220 56.50 41.50 -55.25
CA ASN H 220 56.07 40.34 -56.03
C ASN H 220 55.65 40.78 -57.42
N ASN H 221 54.84 41.84 -57.52
CA ASN H 221 54.34 42.36 -58.80
C ASN H 221 55.37 43.17 -59.60
N VAL H 222 56.33 43.85 -58.93
CA VAL H 222 57.38 44.63 -59.61
C VAL H 222 58.46 43.71 -60.18
N LEU H 223 58.95 42.78 -59.35
CA LEU H 223 59.99 41.82 -59.73
C LEU H 223 59.48 40.70 -60.66
N ALA H 224 58.15 40.42 -60.65
CA ALA H 224 57.60 39.41 -61.56
C ALA H 224 57.54 39.94 -62.98
N LEU H 225 57.28 41.27 -63.17
CA LEU H 225 57.23 41.93 -64.47
C LEU H 225 58.31 41.43 -65.46
N PRO H 226 59.64 41.44 -65.16
CA PRO H 226 60.61 40.91 -66.15
C PRO H 226 60.55 39.39 -66.34
N ILE H 227 60.33 38.63 -65.24
CA ILE H 227 60.25 37.16 -65.26
C ILE H 227 59.05 36.67 -66.07
N LEU H 228 57.91 37.38 -65.98
CA LEU H 228 56.68 37.07 -66.73
C LEU H 228 56.90 37.32 -68.22
N LEU H 229 57.66 38.40 -68.57
CA LEU H 229 58.00 38.76 -69.94
C LEU H 229 58.92 37.69 -70.54
N LEU H 230 60.02 37.35 -69.84
CA LEU H 230 60.99 36.36 -70.27
C LEU H 230 60.40 34.96 -70.43
N PHE H 231 59.43 34.60 -69.56
CA PHE H 231 58.73 33.31 -69.62
C PHE H 231 57.80 33.24 -70.83
N SER H 232 57.11 34.35 -71.17
CA SER H 232 56.21 34.45 -72.32
C SER H 232 56.95 34.36 -73.66
N PHE H 233 58.20 34.87 -73.74
CA PHE H 233 59.01 34.80 -74.96
C PHE H 233 59.51 33.38 -75.26
N CYS H 234 59.69 32.57 -74.22
CA CYS H 234 60.19 31.19 -74.30
C CYS H 234 59.12 30.13 -74.57
N VAL H 235 57.86 30.36 -74.14
CA VAL H 235 56.81 29.33 -74.27
C VAL H 235 55.58 29.78 -75.11
N GLU H 236 55.48 31.06 -75.51
CA GLU H 236 54.33 31.53 -76.29
C GLU H 236 54.73 32.01 -77.71
N ASP H 237 53.81 31.85 -78.69
CA ASP H 237 54.04 32.23 -80.10
C ASP H 237 53.83 33.73 -80.32
N TRP H 238 54.70 34.36 -81.15
CA TRP H 238 54.61 35.79 -81.45
C TRP H 238 54.48 36.06 -82.97
N SER H 239 53.27 35.84 -83.50
CA SER H 239 52.93 36.04 -84.91
C SER H 239 51.97 37.24 -85.05
N SER H 240 52.53 38.37 -85.52
CA SER H 240 51.94 39.70 -85.68
C SER H 240 50.42 39.78 -85.96
N VAL H 241 50.01 39.71 -87.24
CA VAL H 241 48.63 39.83 -87.73
C VAL H 241 47.68 38.75 -87.15
N ASN H 242 48.20 37.53 -86.92
CA ASN H 242 47.46 36.39 -86.36
C ASN H 242 47.11 36.55 -84.87
N LEU H 243 47.70 37.58 -84.21
CA LEU H 243 47.52 37.89 -82.80
C LEU H 243 46.88 39.27 -82.56
N THR H 244 46.98 40.20 -83.54
CA THR H 244 46.41 41.55 -83.47
C THR H 244 44.87 41.51 -83.44
N ASN H 245 44.27 40.60 -84.23
CA ASN H 245 42.81 40.41 -84.32
C ASN H 245 42.24 39.62 -83.14
N ASN H 246 43.09 38.81 -82.46
CA ASN H 246 42.70 38.00 -81.30
C ASN H 246 42.85 38.80 -80.00
N PHE H 247 43.99 39.53 -79.88
CA PHE H 247 44.33 40.34 -78.70
C PHE H 247 44.06 41.83 -78.96
N SER H 248 42.79 42.13 -79.27
CA SER H 248 42.24 43.45 -79.60
C SER H 248 41.84 44.31 -78.38
N ASN H 249 41.01 45.36 -78.59
CA ASN H 249 40.48 46.28 -77.58
C ASN H 249 39.62 45.57 -76.53
N ASP H 250 38.94 44.47 -76.93
CA ASP H 250 38.08 43.67 -76.05
C ASP H 250 38.92 42.91 -75.01
N SER H 251 39.99 42.22 -75.46
CA SER H 251 40.90 41.44 -74.62
C SER H 251 41.70 42.33 -73.68
N LEU H 252 42.13 43.52 -74.16
CA LEU H 252 42.89 44.50 -73.39
C LEU H 252 42.07 45.01 -72.21
N THR H 253 40.77 45.29 -72.44
CA THR H 253 39.81 45.74 -71.42
C THR H 253 39.62 44.62 -70.39
N ALA H 254 39.51 43.36 -70.88
CA ALA H 254 39.34 42.16 -70.07
C ALA H 254 40.52 41.85 -69.14
N MET H 255 41.77 42.10 -69.60
CA MET H 255 42.99 41.90 -68.84
C MET H 255 43.11 42.92 -67.71
N ILE H 256 42.59 44.15 -67.96
CA ILE H 256 42.58 45.25 -66.98
C ILE H 256 41.54 44.96 -65.88
N ILE H 257 40.32 44.51 -66.25
CA ILE H 257 39.26 44.16 -65.31
C ILE H 257 39.68 42.98 -64.43
N SER H 258 40.27 41.92 -65.03
CA SER H 258 40.80 40.75 -64.29
C SER H 258 42.01 41.16 -63.44
N GLY H 259 42.69 42.23 -63.88
CA GLY H 259 43.82 42.84 -63.20
C GLY H 259 43.38 43.56 -61.94
N VAL H 260 42.21 44.25 -62.01
CA VAL H 260 41.58 44.97 -60.91
C VAL H 260 41.10 43.94 -59.85
N ALA H 261 40.56 42.79 -60.32
CA ALA H 261 40.08 41.69 -59.48
C ALA H 261 41.22 41.04 -58.70
N SER H 262 42.41 40.95 -59.33
CA SER H 262 43.63 40.35 -58.75
C SER H 262 44.34 41.24 -57.72
N VAL H 263 43.97 42.54 -57.64
CA VAL H 263 44.57 43.52 -56.72
C VAL H 263 44.42 43.07 -55.25
N GLY H 264 43.20 42.70 -54.88
CA GLY H 264 42.88 42.25 -53.52
C GLY H 264 43.61 41.00 -53.10
N ILE H 265 43.45 39.91 -53.86
CA ILE H 265 44.05 38.59 -53.60
C ILE H 265 45.60 38.66 -53.52
N SER H 266 46.25 39.54 -54.32
CA SER H 266 47.71 39.69 -54.29
C SER H 266 48.20 40.35 -53.00
N TYR H 267 47.38 41.24 -52.42
CA TYR H 267 47.70 41.91 -51.17
C TYR H 267 47.45 40.95 -50.00
N CYS H 268 46.30 40.25 -50.05
CA CYS H 268 45.78 39.32 -49.05
C CYS H 268 46.59 38.04 -48.88
N SER H 269 47.15 37.49 -49.97
CA SER H 269 47.96 36.26 -49.91
C SER H 269 49.26 36.53 -49.14
N GLY H 270 49.87 37.70 -49.40
CA GLY H 270 51.09 38.18 -48.75
C GLY H 270 50.85 38.62 -47.31
N TRP H 271 49.59 38.96 -46.99
CA TRP H 271 49.12 39.35 -45.67
C TRP H 271 48.90 38.05 -44.87
N CYS H 272 48.17 37.07 -45.47
CA CYS H 272 47.84 35.76 -44.91
C CYS H 272 49.09 35.00 -44.46
N VAL H 273 50.08 34.81 -45.38
CA VAL H 273 51.35 34.13 -45.10
C VAL H 273 52.09 34.76 -43.88
N ARG H 274 52.08 36.11 -43.78
CA ARG H 274 52.76 36.88 -42.73
C ARG H 274 52.14 36.70 -41.34
N VAL H 275 50.85 37.06 -41.18
CA VAL H 275 50.18 37.03 -39.87
C VAL H 275 49.88 35.60 -39.37
N THR H 276 49.54 34.66 -40.29
CA THR H 276 49.25 33.28 -39.91
C THR H 276 50.52 32.41 -40.12
N SER H 277 50.57 31.60 -41.19
CA SER H 277 51.71 30.74 -41.54
C SER H 277 51.58 30.24 -42.97
N SER H 278 52.69 29.67 -43.52
CA SER H 278 52.75 29.12 -44.87
C SER H 278 51.78 27.95 -45.05
N THR H 279 51.53 27.15 -43.98
CA THR H 279 50.61 26.01 -43.99
C THR H 279 49.17 26.49 -43.91
N THR H 280 48.89 27.51 -43.04
CA THR H 280 47.55 28.08 -42.90
C THR H 280 47.11 28.69 -44.22
N TYR H 281 48.00 29.41 -44.92
CA TYR H 281 47.76 30.01 -46.23
C TYR H 281 47.39 28.95 -47.28
N SER H 282 48.16 27.85 -47.34
CA SER H 282 47.93 26.75 -48.28
C SER H 282 46.72 25.91 -47.91
N MET H 283 46.32 25.94 -46.62
CA MET H 283 45.16 25.24 -46.06
C MET H 283 43.88 26.04 -46.42
N VAL H 284 43.88 27.37 -46.15
CA VAL H 284 42.82 28.34 -46.44
C VAL H 284 42.60 28.40 -47.97
N GLY H 285 43.68 28.28 -48.74
CA GLY H 285 43.65 28.23 -50.20
C GLY H 285 42.95 26.99 -50.71
N ALA H 286 43.19 25.84 -50.06
CA ALA H 286 42.56 24.56 -50.39
C ALA H 286 41.09 24.51 -49.92
N LEU H 287 40.80 25.12 -48.76
CA LEU H 287 39.47 25.22 -48.17
C LEU H 287 38.54 26.12 -48.98
N ASN H 288 39.09 27.18 -49.62
CA ASN H 288 38.40 28.18 -50.46
C ASN H 288 37.65 27.60 -51.66
N LYS H 289 38.17 26.48 -52.20
CA LYS H 289 37.60 25.80 -53.37
C LYS H 289 36.25 25.14 -53.04
N LEU H 290 36.03 24.77 -51.76
CA LEU H 290 34.82 24.11 -51.26
C LEU H 290 33.56 24.99 -51.32
N PRO H 291 33.49 26.23 -50.73
CA PRO H 291 32.25 27.02 -50.84
C PRO H 291 31.85 27.41 -52.26
N ILE H 292 32.83 27.57 -53.18
CA ILE H 292 32.52 27.91 -54.59
C ILE H 292 31.92 26.68 -55.29
N ALA H 293 32.35 25.46 -54.89
CA ALA H 293 31.86 24.18 -55.40
C ALA H 293 30.45 23.91 -54.89
N LEU H 294 30.19 24.26 -53.61
CA LEU H 294 28.89 24.11 -52.94
C LEU H 294 27.88 25.07 -53.56
N SER H 295 28.35 26.26 -54.00
CA SER H 295 27.54 27.28 -54.69
C SER H 295 27.05 26.75 -56.03
N GLY H 296 27.89 25.95 -56.71
CA GLY H 296 27.55 25.31 -57.98
C GLY H 296 26.44 24.29 -57.82
N LEU H 297 26.43 23.61 -56.65
CA LEU H 297 25.41 22.61 -56.30
C LEU H 297 24.11 23.28 -55.88
N ILE H 298 24.19 24.44 -55.19
CA ILE H 298 23.04 25.18 -54.71
C ILE H 298 22.40 26.04 -55.80
N PHE H 299 23.15 27.00 -56.36
CA PHE H 299 22.68 27.95 -57.36
C PHE H 299 22.40 27.38 -58.74
N PHE H 300 23.09 26.30 -59.15
CA PHE H 300 22.91 25.77 -60.50
C PHE H 300 22.38 24.35 -60.59
N ASP H 301 21.25 24.21 -61.31
CA ASP H 301 20.51 22.97 -61.59
C ASP H 301 21.36 22.10 -62.52
N ALA H 302 22.25 21.30 -61.91
CA ALA H 302 23.20 20.43 -62.63
C ALA H 302 23.26 19.06 -61.96
N PRO H 303 23.52 17.96 -62.70
CA PRO H 303 23.57 16.64 -62.03
C PRO H 303 24.86 16.41 -61.23
N ARG H 304 24.76 15.65 -60.12
CA ARG H 304 25.87 15.31 -59.20
C ARG H 304 25.66 13.99 -58.47
N ASN H 305 26.78 13.41 -57.97
CA ASN H 305 26.83 12.17 -57.21
C ASN H 305 27.01 12.47 -55.72
N PHE H 306 26.64 11.51 -54.85
CA PHE H 306 26.76 11.64 -53.39
C PHE H 306 28.22 11.81 -52.97
N LEU H 307 29.15 11.12 -53.65
CA LEU H 307 30.59 11.16 -53.37
C LEU H 307 31.18 12.56 -53.49
N SER H 308 30.78 13.32 -54.55
CA SER H 308 31.23 14.70 -54.77
C SER H 308 30.65 15.63 -53.70
N ILE H 309 29.41 15.34 -53.21
CA ILE H 309 28.74 16.09 -52.14
C ILE H 309 29.46 15.79 -50.82
N LEU H 310 29.81 14.50 -50.59
CA LEU H 310 30.52 14.00 -49.42
C LEU H 310 31.92 14.61 -49.31
N SER H 311 32.64 14.77 -50.44
CA SER H 311 33.98 15.37 -50.49
C SER H 311 33.99 16.79 -49.93
N ILE H 312 32.93 17.59 -50.21
CA ILE H 312 32.77 18.97 -49.76
C ILE H 312 32.70 19.02 -48.23
N PHE H 313 31.87 18.15 -47.62
CA PHE H 313 31.70 18.10 -46.16
C PHE H 313 32.89 17.48 -45.42
N ILE H 314 33.64 16.56 -46.09
CA ILE H 314 34.87 15.98 -45.52
C ILE H 314 35.92 17.10 -45.45
N GLY H 315 35.99 17.89 -46.54
CA GLY H 315 36.86 19.05 -46.66
C GLY H 315 36.56 20.10 -45.61
N PHE H 316 35.26 20.24 -45.24
CA PHE H 316 34.81 21.17 -44.20
C PHE H 316 35.26 20.69 -42.83
N LEU H 317 35.13 19.37 -42.56
CA LEU H 317 35.55 18.72 -41.30
C LEU H 317 37.06 18.89 -41.10
N SER H 318 37.81 18.92 -42.22
CA SER H 318 39.26 19.12 -42.26
C SER H 318 39.62 20.51 -41.72
N GLY H 319 38.94 21.54 -42.23
CA GLY H 319 39.13 22.92 -41.83
C GLY H 319 38.69 23.18 -40.40
N ILE H 320 37.59 22.53 -39.98
CA ILE H 320 37.02 22.63 -38.62
C ILE H 320 38.01 22.06 -37.60
N ILE H 321 38.57 20.85 -37.85
CA ILE H 321 39.52 20.24 -36.92
C ILE H 321 40.91 20.92 -37.02
N TYR H 322 41.22 21.59 -38.16
CA TYR H 322 42.47 22.34 -38.32
C TYR H 322 42.42 23.61 -37.48
N ALA H 323 41.22 24.22 -37.39
CA ALA H 323 40.95 25.44 -36.61
C ALA H 323 41.10 25.14 -35.12
N VAL H 324 40.68 23.94 -34.69
CA VAL H 324 40.79 23.48 -33.30
C VAL H 324 42.27 23.20 -32.99
N ALA H 325 43.00 22.61 -33.98
CA ALA H 325 44.42 22.27 -33.87
C ALA H 325 45.28 23.50 -33.59
N LYS H 326 44.95 24.64 -34.24
CA LYS H 326 45.64 25.92 -34.07
C LYS H 326 45.28 26.51 -32.71
N GLN H 327 44.01 26.36 -32.29
CA GLN H 327 43.46 26.82 -31.00
C GLN H 327 44.13 26.06 -29.85
N LYS H 328 44.48 24.78 -30.09
CA LYS H 328 45.15 23.89 -29.16
C LYS H 328 46.60 24.34 -28.95
N LYS H 329 47.30 24.70 -30.04
CA LYS H 329 48.69 25.16 -30.07
C LYS H 329 48.92 26.41 -29.21
N GLN H 330 48.02 27.41 -29.33
CA GLN H 330 48.07 28.68 -28.57
C GLN H 330 48.12 28.46 -27.06
N GLN H 331 47.25 27.56 -26.55
CA GLN H 331 47.13 27.21 -25.13
C GLN H 331 48.19 26.19 -24.67
N ALA H 332 48.92 25.57 -25.62
CA ALA H 332 49.95 24.57 -25.33
C ALA H 332 51.40 25.03 -25.63
N GLN H 333 51.58 26.28 -26.11
CA GLN H 333 52.91 26.81 -26.41
C GLN H 333 53.27 28.03 -25.54
#